data_2XEU
# 
_entry.id   2XEU 
# 
_audit_conform.dict_name       mmcif_pdbx.dic 
_audit_conform.dict_version    5.391 
_audit_conform.dict_location   http://mmcif.pdb.org/dictionaries/ascii/mmcif_pdbx.dic 
# 
loop_
_database_2.database_id 
_database_2.database_code 
_database_2.pdbx_database_accession 
_database_2.pdbx_DOI 
PDB   2XEU         pdb_00002xeu 10.2210/pdb2xeu/pdb 
PDBE  EBI-43956    ?            ?                   
WWPDB D_1290043956 ?            ?                   
# 
loop_
_pdbx_audit_revision_history.ordinal 
_pdbx_audit_revision_history.data_content_type 
_pdbx_audit_revision_history.major_revision 
_pdbx_audit_revision_history.minor_revision 
_pdbx_audit_revision_history.revision_date 
1 'Structure model' 1 0 2010-07-28 
2 'Structure model' 1 1 2011-08-24 
3 'Structure model' 1 2 2011-09-14 
4 'Structure model' 1 3 2012-10-03 
5 'Structure model' 2 0 2020-07-29 
6 'Structure model' 2 1 2024-05-08 
# 
loop_
_pdbx_audit_revision_details.ordinal 
_pdbx_audit_revision_details.revision_ordinal 
_pdbx_audit_revision_details.data_content_type 
_pdbx_audit_revision_details.provider 
_pdbx_audit_revision_details.type 
_pdbx_audit_revision_details.description 
_pdbx_audit_revision_details.details 
1 1 'Structure model' repository 'Initial release' ?                          ? 
2 5 'Structure model' repository Remediation       'Carbohydrate remediation' ? 
# 
loop_
_pdbx_audit_revision_group.ordinal 
_pdbx_audit_revision_group.revision_ordinal 
_pdbx_audit_revision_group.data_content_type 
_pdbx_audit_revision_group.group 
1  2 'Structure model' 'Database references'       
2  2 'Structure model' Other                       
3  2 'Structure model' 'Refinement description'    
4  2 'Structure model' 'Version format compliance' 
5  3 'Structure model' 'Database references'       
6  3 'Structure model' Other                       
7  3 'Structure model' 'Refinement description'    
8  4 'Structure model' 'Database references'       
9  5 'Structure model' 'Atomic model'              
10 5 'Structure model' 'Data collection'           
11 5 'Structure model' 'Derived calculations'      
12 5 'Structure model' 'Non-polymer description'   
13 5 'Structure model' Other                       
14 5 'Structure model' 'Structure summary'         
15 6 'Structure model' 'Data collection'           
16 6 'Structure model' 'Database references'       
17 6 'Structure model' 'Structure summary'         
# 
loop_
_pdbx_audit_revision_category.ordinal 
_pdbx_audit_revision_category.revision_ordinal 
_pdbx_audit_revision_category.data_content_type 
_pdbx_audit_revision_category.category 
1  5 'Structure model' atom_site                     
2  5 'Structure model' atom_site_anisotrop           
3  5 'Structure model' chem_comp                     
4  5 'Structure model' entity                        
5  5 'Structure model' entity_name_com               
6  5 'Structure model' pdbx_branch_scheme            
7  5 'Structure model' pdbx_chem_comp_identifier     
8  5 'Structure model' pdbx_database_status          
9  5 'Structure model' pdbx_entity_branch            
10 5 'Structure model' pdbx_entity_branch_descriptor 
11 5 'Structure model' pdbx_entity_branch_link       
12 5 'Structure model' pdbx_entity_branch_list       
13 5 'Structure model' pdbx_entity_nonpoly           
14 5 'Structure model' pdbx_molecule_features        
15 5 'Structure model' pdbx_nonpoly_scheme           
16 5 'Structure model' pdbx_struct_conn_angle        
17 5 'Structure model' struct_asym                   
18 5 'Structure model' struct_conn                   
19 5 'Structure model' struct_conn_type              
20 5 'Structure model' struct_site                   
21 5 'Structure model' struct_site_gen               
22 6 'Structure model' chem_comp                     
23 6 'Structure model' chem_comp_atom                
24 6 'Structure model' chem_comp_bond                
25 6 'Structure model' database_2                    
# 
loop_
_pdbx_audit_revision_item.ordinal 
_pdbx_audit_revision_item.revision_ordinal 
_pdbx_audit_revision_item.data_content_type 
_pdbx_audit_revision_item.item 
1  5 'Structure model' '_atom_site.B_iso_or_equiv'                   
2  5 'Structure model' '_atom_site.Cartn_x'                          
3  5 'Structure model' '_atom_site.Cartn_y'                          
4  5 'Structure model' '_atom_site.Cartn_z'                          
5  5 'Structure model' '_atom_site.auth_asym_id'                     
6  5 'Structure model' '_atom_site.auth_atom_id'                     
7  5 'Structure model' '_atom_site.auth_comp_id'                     
8  5 'Structure model' '_atom_site.auth_seq_id'                      
9  5 'Structure model' '_atom_site.label_asym_id'                    
10 5 'Structure model' '_atom_site.label_atom_id'                    
11 5 'Structure model' '_atom_site.label_comp_id'                    
12 5 'Structure model' '_atom_site.label_entity_id'                  
13 5 'Structure model' '_atom_site.type_symbol'                      
14 5 'Structure model' '_atom_site_anisotrop.U[1][1]'                
15 5 'Structure model' '_atom_site_anisotrop.U[1][2]'                
16 5 'Structure model' '_atom_site_anisotrop.U[1][3]'                
17 5 'Structure model' '_atom_site_anisotrop.U[2][2]'                
18 5 'Structure model' '_atom_site_anisotrop.U[2][3]'                
19 5 'Structure model' '_atom_site_anisotrop.U[3][3]'                
20 5 'Structure model' '_atom_site_anisotrop.pdbx_auth_asym_id'      
21 5 'Structure model' '_atom_site_anisotrop.pdbx_auth_atom_id'      
22 5 'Structure model' '_atom_site_anisotrop.pdbx_auth_comp_id'      
23 5 'Structure model' '_atom_site_anisotrop.pdbx_auth_seq_id'       
24 5 'Structure model' '_atom_site_anisotrop.pdbx_label_asym_id'     
25 5 'Structure model' '_atom_site_anisotrop.pdbx_label_atom_id'     
26 5 'Structure model' '_atom_site_anisotrop.pdbx_label_comp_id'     
27 5 'Structure model' '_atom_site_anisotrop.type_symbol'            
28 5 'Structure model' '_chem_comp.formula'                          
29 5 'Structure model' '_chem_comp.formula_weight'                   
30 5 'Structure model' '_chem_comp.id'                               
31 5 'Structure model' '_chem_comp.mon_nstd_flag'                    
32 5 'Structure model' '_chem_comp.name'                             
33 5 'Structure model' '_chem_comp.type'                             
34 5 'Structure model' '_entity.formula_weight'                      
35 5 'Structure model' '_entity.pdbx_description'                    
36 5 'Structure model' '_entity.pdbx_number_of_molecules'            
37 5 'Structure model' '_entity.src_method'                          
38 5 'Structure model' '_entity.type'                                
39 5 'Structure model' '_pdbx_database_status.status_code_sf'        
40 5 'Structure model' '_pdbx_struct_conn_angle.ptnr1_auth_comp_id'  
41 5 'Structure model' '_pdbx_struct_conn_angle.ptnr1_auth_seq_id'   
42 5 'Structure model' '_pdbx_struct_conn_angle.ptnr1_label_atom_id' 
43 5 'Structure model' '_pdbx_struct_conn_angle.ptnr1_label_comp_id' 
44 5 'Structure model' '_pdbx_struct_conn_angle.ptnr1_label_seq_id'  
45 5 'Structure model' '_pdbx_struct_conn_angle.ptnr2_label_asym_id' 
46 5 'Structure model' '_pdbx_struct_conn_angle.ptnr3_auth_comp_id'  
47 5 'Structure model' '_pdbx_struct_conn_angle.ptnr3_auth_seq_id'   
48 5 'Structure model' '_pdbx_struct_conn_angle.ptnr3_label_atom_id' 
49 5 'Structure model' '_pdbx_struct_conn_angle.ptnr3_label_comp_id' 
50 5 'Structure model' '_pdbx_struct_conn_angle.ptnr3_label_seq_id'  
51 5 'Structure model' '_pdbx_struct_conn_angle.value'               
52 5 'Structure model' '_struct_asym.entity_id'                      
53 6 'Structure model' '_chem_comp.pdbx_synonyms'                    
54 6 'Structure model' '_database_2.pdbx_DOI'                        
55 6 'Structure model' '_database_2.pdbx_database_accession'         
# 
_pdbx_database_status.status_code                     REL 
_pdbx_database_status.entry_id                        2XEU 
_pdbx_database_status.deposit_site                    PDBE 
_pdbx_database_status.process_site                    PDBE 
_pdbx_database_status.SG_entry                        . 
_pdbx_database_status.recvd_initial_deposition_date   2010-05-18 
_pdbx_database_status.pdb_format_compatible           Y 
_pdbx_database_status.status_code_sf                  REL 
_pdbx_database_status.status_code_mr                  ? 
_pdbx_database_status.status_code_cs                  ? 
_pdbx_database_status.methods_development_category    ? 
_pdbx_database_status.status_code_nmr_data            ? 
# 
loop_
_audit_author.name 
_audit_author.pdbx_ordinal 
'Plechanovova, A.' 1 
'McMahon, S.A.'    2 
'Johnson, K.A.'    3 
'Navratilova, I.'  4 
'Naismith, J.H.'   5 
'Hay, R.T.'        6 
# 
_citation.id                        primary 
_citation.title                     'Mechanism of Ubiquitylation by Dimeric Ring Ligase Rnf4' 
_citation.journal_abbrev            Nat.Struct.Mol.Biol. 
_citation.journal_volume            18 
_citation.page_first                1052 
_citation.page_last                 ? 
_citation.year                      2011 
_citation.journal_id_ASTM           ? 
_citation.country                   US 
_citation.journal_id_ISSN           1545-9993 
_citation.journal_id_CSD            ? 
_citation.book_publisher            ? 
_citation.pdbx_database_id_PubMed   21857666 
_citation.pdbx_database_id_DOI      10.1038/NSMB.2108 
# 
loop_
_citation_author.citation_id 
_citation_author.name 
_citation_author.ordinal 
_citation_author.identifier_ORCID 
primary 'Plechanovova, A.' 1 ? 
primary 'Jaffray, E.G.'    2 ? 
primary 'Mcmahon, S.A.'    3 ? 
primary 'Johnson, K.A.'    4 ? 
primary 'Navratilova, I.'  5 ? 
primary 'Naismith, J.H.'   6 ? 
primary 'Hay, R.T.'        7 ? 
# 
loop_
_entity.id 
_entity.type 
_entity.src_method 
_entity.pdbx_description 
_entity.formula_weight 
_entity.pdbx_number_of_molecules 
_entity.pdbx_ec 
_entity.pdbx_mutation 
_entity.pdbx_fragment 
_entity.details 
1 polymer     man 'RING FINGER PROTEIN 4'                             7215.458 1  ? ? 'RING DOMAIN, RESIDUES 130-190' ? 
2 branched    man 'beta-D-fructofuranose-(2-1)-alpha-D-glucopyranose' 342.297  1  ? ? ?                               ? 
3 non-polymer syn 'ZINC ION'                                          65.409   2  ? ? ?                               ? 
4 non-polymer syn 'SULFATE ION'                                       96.063   2  ? ? ?                               ? 
5 water       nat water                                               18.015   54 ? ? ?                               ? 
# 
_entity_name_com.entity_id   2 
_entity_name_com.name        sucrose 
# 
_entity_poly.entity_id                      1 
_entity_poly.type                           'polypeptide(L)' 
_entity_poly.nstd_linkage                   no 
_entity_poly.nstd_monomer                   no 
_entity_poly.pdbx_seq_one_letter_code       GAMVSCPICMDGYSEIVQNGRLIVSTECGHVFCSQCLRDSLKNANTCPTCRKKINHKRYHPIYI 
_entity_poly.pdbx_seq_one_letter_code_can   GAMVSCPICMDGYSEIVQNGRLIVSTECGHVFCSQCLRDSLKNANTCPTCRKKINHKRYHPIYI 
_entity_poly.pdbx_strand_id                 A 
_entity_poly.pdbx_target_identifier         ? 
# 
loop_
_pdbx_entity_nonpoly.entity_id 
_pdbx_entity_nonpoly.name 
_pdbx_entity_nonpoly.comp_id 
3 'ZINC ION'    ZN  
4 'SULFATE ION' SO4 
5 water         HOH 
# 
loop_
_entity_poly_seq.entity_id 
_entity_poly_seq.num 
_entity_poly_seq.mon_id 
_entity_poly_seq.hetero 
1 1  GLY n 
1 2  ALA n 
1 3  MET n 
1 4  VAL n 
1 5  SER n 
1 6  CYS n 
1 7  PRO n 
1 8  ILE n 
1 9  CYS n 
1 10 MET n 
1 11 ASP n 
1 12 GLY n 
1 13 TYR n 
1 14 SER n 
1 15 GLU n 
1 16 ILE n 
1 17 VAL n 
1 18 GLN n 
1 19 ASN n 
1 20 GLY n 
1 21 ARG n 
1 22 LEU n 
1 23 ILE n 
1 24 VAL n 
1 25 SER n 
1 26 THR n 
1 27 GLU n 
1 28 CYS n 
1 29 GLY n 
1 30 HIS n 
1 31 VAL n 
1 32 PHE n 
1 33 CYS n 
1 34 SER n 
1 35 GLN n 
1 36 CYS n 
1 37 LEU n 
1 38 ARG n 
1 39 ASP n 
1 40 SER n 
1 41 LEU n 
1 42 LYS n 
1 43 ASN n 
1 44 ALA n 
1 45 ASN n 
1 46 THR n 
1 47 CYS n 
1 48 PRO n 
1 49 THR n 
1 50 CYS n 
1 51 ARG n 
1 52 LYS n 
1 53 LYS n 
1 54 ILE n 
1 55 ASN n 
1 56 HIS n 
1 57 LYS n 
1 58 ARG n 
1 59 TYR n 
1 60 HIS n 
1 61 PRO n 
1 62 ILE n 
1 63 TYR n 
1 64 ILE n 
# 
_entity_src_gen.entity_id                          1 
_entity_src_gen.pdbx_src_id                        1 
_entity_src_gen.pdbx_alt_source_flag               sample 
_entity_src_gen.pdbx_seq_type                      ? 
_entity_src_gen.pdbx_beg_seq_num                   ? 
_entity_src_gen.pdbx_end_seq_num                   ? 
_entity_src_gen.gene_src_common_name               HUMAN 
_entity_src_gen.gene_src_genus                     ? 
_entity_src_gen.pdbx_gene_src_gene                 ? 
_entity_src_gen.gene_src_species                   ? 
_entity_src_gen.gene_src_strain                    ? 
_entity_src_gen.gene_src_tissue                    ? 
_entity_src_gen.gene_src_tissue_fraction           ? 
_entity_src_gen.gene_src_details                   ? 
_entity_src_gen.pdbx_gene_src_fragment             ? 
_entity_src_gen.pdbx_gene_src_scientific_name      'HOMO SAPIENS' 
_entity_src_gen.pdbx_gene_src_ncbi_taxonomy_id     9606 
_entity_src_gen.pdbx_gene_src_variant              ? 
_entity_src_gen.pdbx_gene_src_cell_line            ? 
_entity_src_gen.pdbx_gene_src_atcc                 ? 
_entity_src_gen.pdbx_gene_src_organ                ? 
_entity_src_gen.pdbx_gene_src_organelle            ? 
_entity_src_gen.pdbx_gene_src_cell                 ? 
_entity_src_gen.pdbx_gene_src_cellular_location    ? 
_entity_src_gen.host_org_common_name               ? 
_entity_src_gen.pdbx_host_org_scientific_name      'ESCHERICHIA COLI' 
_entity_src_gen.pdbx_host_org_ncbi_taxonomy_id     562 
_entity_src_gen.host_org_genus                     ? 
_entity_src_gen.pdbx_host_org_gene                 ? 
_entity_src_gen.pdbx_host_org_organ                ? 
_entity_src_gen.host_org_species                   ? 
_entity_src_gen.pdbx_host_org_tissue               ? 
_entity_src_gen.pdbx_host_org_tissue_fraction      ? 
_entity_src_gen.pdbx_host_org_strain               ? 
_entity_src_gen.pdbx_host_org_variant              ? 
_entity_src_gen.pdbx_host_org_cell_line            ? 
_entity_src_gen.pdbx_host_org_atcc                 ? 
_entity_src_gen.pdbx_host_org_culture_collection   ? 
_entity_src_gen.pdbx_host_org_cell                 ? 
_entity_src_gen.pdbx_host_org_organelle            ? 
_entity_src_gen.pdbx_host_org_cellular_location    ? 
_entity_src_gen.pdbx_host_org_vector_type          ? 
_entity_src_gen.pdbx_host_org_vector               ? 
_entity_src_gen.host_org_details                   ? 
_entity_src_gen.expression_system_id               ? 
_entity_src_gen.plasmid_name                       ? 
_entity_src_gen.plasmid_details                    ? 
_entity_src_gen.pdbx_description                   ? 
# 
_pdbx_entity_branch.entity_id   2 
_pdbx_entity_branch.type        oligosaccharide 
# 
loop_
_pdbx_entity_branch_descriptor.ordinal 
_pdbx_entity_branch_descriptor.entity_id 
_pdbx_entity_branch_descriptor.descriptor 
_pdbx_entity_branch_descriptor.type 
_pdbx_entity_branch_descriptor.program 
_pdbx_entity_branch_descriptor.program_version 
1 2 DFrufb2-1DGlcpa                                            'Glycam Condensed Sequence' GMML       1.0   
2 2 'WURCS=2.0/2,2,1/[ha122h-2b_2-5][a2122h-1a_1-5]/1-2/a2-b1' WURCS                       PDB2Glycan 1.1.0 
3 2 '[][b-D-Fruf]{[(2+1)][a-D-Glcp]{}}'                        LINUCS                      PDB-CARE   ?     
# 
_pdbx_entity_branch_link.link_id                    1 
_pdbx_entity_branch_link.entity_id                  2 
_pdbx_entity_branch_link.entity_branch_list_num_1   1 
_pdbx_entity_branch_link.comp_id_1                  GLC 
_pdbx_entity_branch_link.atom_id_1                  C1 
_pdbx_entity_branch_link.leaving_atom_id_1          O1 
_pdbx_entity_branch_link.entity_branch_list_num_2   2 
_pdbx_entity_branch_link.comp_id_2                  FRU 
_pdbx_entity_branch_link.atom_id_2                  O2 
_pdbx_entity_branch_link.leaving_atom_id_2          HO2 
_pdbx_entity_branch_link.value_order                sing 
_pdbx_entity_branch_link.details                    ? 
# 
loop_
_chem_comp.id 
_chem_comp.type 
_chem_comp.mon_nstd_flag 
_chem_comp.name 
_chem_comp.pdbx_synonyms 
_chem_comp.formula 
_chem_comp.formula_weight 
ALA 'L-peptide linking'           y ALANINE               ?                                       'C3 H7 N O2'     89.093  
ARG 'L-peptide linking'           y ARGININE              ?                                       'C6 H15 N4 O2 1' 175.209 
ASN 'L-peptide linking'           y ASPARAGINE            ?                                       'C4 H8 N2 O3'    132.118 
ASP 'L-peptide linking'           y 'ASPARTIC ACID'       ?                                       'C4 H7 N O4'     133.103 
CYS 'L-peptide linking'           y CYSTEINE              ?                                       'C3 H7 N O2 S'   121.158 
FRU 'D-saccharide, beta linking'  . beta-D-fructofuranose 'beta-D-fructose; D-fructose; fructose' 'C6 H12 O6'      180.156 
GLC 'D-saccharide, alpha linking' . alpha-D-glucopyranose 'alpha-D-glucose; D-glucose; glucose'   'C6 H12 O6'      180.156 
GLN 'L-peptide linking'           y GLUTAMINE             ?                                       'C5 H10 N2 O3'   146.144 
GLU 'L-peptide linking'           y 'GLUTAMIC ACID'       ?                                       'C5 H9 N O4'     147.129 
GLY 'peptide linking'             y GLYCINE               ?                                       'C2 H5 N O2'     75.067  
HIS 'L-peptide linking'           y HISTIDINE             ?                                       'C6 H10 N3 O2 1' 156.162 
HOH non-polymer                   . WATER                 ?                                       'H2 O'           18.015  
ILE 'L-peptide linking'           y ISOLEUCINE            ?                                       'C6 H13 N O2'    131.173 
LEU 'L-peptide linking'           y LEUCINE               ?                                       'C6 H13 N O2'    131.173 
LYS 'L-peptide linking'           y LYSINE                ?                                       'C6 H15 N2 O2 1' 147.195 
MET 'L-peptide linking'           y METHIONINE            ?                                       'C5 H11 N O2 S'  149.211 
PHE 'L-peptide linking'           y PHENYLALANINE         ?                                       'C9 H11 N O2'    165.189 
PRO 'L-peptide linking'           y PROLINE               ?                                       'C5 H9 N O2'     115.130 
SER 'L-peptide linking'           y SERINE                ?                                       'C3 H7 N O3'     105.093 
SO4 non-polymer                   . 'SULFATE ION'         ?                                       'O4 S -2'        96.063  
THR 'L-peptide linking'           y THREONINE             ?                                       'C4 H9 N O3'     119.119 
TYR 'L-peptide linking'           y TYROSINE              ?                                       'C9 H11 N O3'    181.189 
VAL 'L-peptide linking'           y VALINE                ?                                       'C5 H11 N O2'    117.146 
ZN  non-polymer                   . 'ZINC ION'            ?                                       'Zn 2'           65.409  
# 
loop_
_pdbx_chem_comp_identifier.comp_id 
_pdbx_chem_comp_identifier.type 
_pdbx_chem_comp_identifier.program 
_pdbx_chem_comp_identifier.program_version 
_pdbx_chem_comp_identifier.identifier 
FRU 'CONDENSED IUPAC CARBOHYDRATE SYMBOL' GMML     1.0 DFrufb             
FRU 'COMMON NAME'                         GMML     1.0 b-D-fructofuranose 
FRU 'IUPAC CARBOHYDRATE SYMBOL'           PDB-CARE 1.0 b-D-Fruf           
FRU 'SNFG CARBOHYDRATE SYMBOL'            GMML     1.0 Fru                
GLC 'CONDENSED IUPAC CARBOHYDRATE SYMBOL' GMML     1.0 DGlcpa             
GLC 'COMMON NAME'                         GMML     1.0 a-D-glucopyranose  
GLC 'IUPAC CARBOHYDRATE SYMBOL'           PDB-CARE 1.0 a-D-Glcp           
GLC 'SNFG CARBOHYDRATE SYMBOL'            GMML     1.0 Glc                
# 
loop_
_pdbx_poly_seq_scheme.asym_id 
_pdbx_poly_seq_scheme.entity_id 
_pdbx_poly_seq_scheme.seq_id 
_pdbx_poly_seq_scheme.mon_id 
_pdbx_poly_seq_scheme.ndb_seq_num 
_pdbx_poly_seq_scheme.pdb_seq_num 
_pdbx_poly_seq_scheme.auth_seq_num 
_pdbx_poly_seq_scheme.pdb_mon_id 
_pdbx_poly_seq_scheme.auth_mon_id 
_pdbx_poly_seq_scheme.pdb_strand_id 
_pdbx_poly_seq_scheme.pdb_ins_code 
_pdbx_poly_seq_scheme.hetero 
A 1 1  GLY 1  1  1  GLY GLY A . n 
A 1 2  ALA 2  2  2  ALA ALA A . n 
A 1 3  MET 3  3  3  MET MET A . n 
A 1 4  VAL 4  4  4  VAL VAL A . n 
A 1 5  SER 5  5  5  SER SER A . n 
A 1 6  CYS 6  6  6  CYS CYS A . n 
A 1 7  PRO 7  7  7  PRO PRO A . n 
A 1 8  ILE 8  8  8  ILE ILE A . n 
A 1 9  CYS 9  9  9  CYS CYS A . n 
A 1 10 MET 10 10 10 MET MET A . n 
A 1 11 ASP 11 11 11 ASP ASP A . n 
A 1 12 GLY 12 12 12 GLY GLY A . n 
A 1 13 TYR 13 13 13 TYR TYR A . n 
A 1 14 SER 14 14 14 SER SER A . n 
A 1 15 GLU 15 15 15 GLU GLU A . n 
A 1 16 ILE 16 16 16 ILE ILE A . n 
A 1 17 VAL 17 17 17 VAL VAL A . n 
A 1 18 GLN 18 18 18 GLN GLN A . n 
A 1 19 ASN 19 19 19 ASN ASN A . n 
A 1 20 GLY 20 20 20 GLY GLY A . n 
A 1 21 ARG 21 21 21 ARG ARG A . n 
A 1 22 LEU 22 22 22 LEU LEU A . n 
A 1 23 ILE 23 23 23 ILE ILE A . n 
A 1 24 VAL 24 24 24 VAL VAL A . n 
A 1 25 SER 25 25 25 SER SER A . n 
A 1 26 THR 26 26 26 THR THR A . n 
A 1 27 GLU 27 27 27 GLU GLU A . n 
A 1 28 CYS 28 28 28 CYS CYS A . n 
A 1 29 GLY 29 29 29 GLY GLY A . n 
A 1 30 HIS 30 30 30 HIS HIS A . n 
A 1 31 VAL 31 31 31 VAL VAL A . n 
A 1 32 PHE 32 32 32 PHE PHE A . n 
A 1 33 CYS 33 33 33 CYS CYS A . n 
A 1 34 SER 34 34 34 SER SER A . n 
A 1 35 GLN 35 35 35 GLN GLN A . n 
A 1 36 CYS 36 36 36 CYS CYS A . n 
A 1 37 LEU 37 37 37 LEU LEU A . n 
A 1 38 ARG 38 38 38 ARG ARG A . n 
A 1 39 ASP 39 39 39 ASP ASP A . n 
A 1 40 SER 40 40 40 SER SER A . n 
A 1 41 LEU 41 41 41 LEU LEU A . n 
A 1 42 LYS 42 42 42 LYS LYS A . n 
A 1 43 ASN 43 43 43 ASN ASN A . n 
A 1 44 ALA 44 44 44 ALA ALA A . n 
A 1 45 ASN 45 45 45 ASN ASN A . n 
A 1 46 THR 46 46 46 THR THR A . n 
A 1 47 CYS 47 47 47 CYS CYS A . n 
A 1 48 PRO 48 48 48 PRO PRO A . n 
A 1 49 THR 49 49 49 THR THR A . n 
A 1 50 CYS 50 50 50 CYS CYS A . n 
A 1 51 ARG 51 51 51 ARG ARG A . n 
A 1 52 LYS 52 52 52 LYS LYS A . n 
A 1 53 LYS 53 53 53 LYS LYS A . n 
A 1 54 ILE 54 54 54 ILE ILE A . n 
A 1 55 ASN 55 55 55 ASN ASN A . n 
A 1 56 HIS 56 56 56 HIS HIS A . n 
A 1 57 LYS 57 57 57 LYS LYS A . n 
A 1 58 ARG 58 58 58 ARG ARG A . n 
A 1 59 TYR 59 59 59 TYR TYR A . n 
A 1 60 HIS 60 60 60 HIS HIS A . n 
A 1 61 PRO 61 61 61 PRO PRO A . n 
A 1 62 ILE 62 62 62 ILE ILE A . n 
A 1 63 TYR 63 63 63 TYR TYR A . n 
A 1 64 ILE 64 64 64 ILE ILE A . n 
# 
loop_
_pdbx_branch_scheme.asym_id 
_pdbx_branch_scheme.entity_id 
_pdbx_branch_scheme.mon_id 
_pdbx_branch_scheme.num 
_pdbx_branch_scheme.pdb_asym_id 
_pdbx_branch_scheme.pdb_mon_id 
_pdbx_branch_scheme.pdb_seq_num 
_pdbx_branch_scheme.auth_asym_id 
_pdbx_branch_scheme.auth_mon_id 
_pdbx_branch_scheme.auth_seq_num 
_pdbx_branch_scheme.hetero 
B 2 GLC 1 B GLC 1 A SUC 1067 n 
B 2 FRU 2 B FRU 2 A SUC 1067 n 
# 
loop_
_pdbx_nonpoly_scheme.asym_id 
_pdbx_nonpoly_scheme.entity_id 
_pdbx_nonpoly_scheme.mon_id 
_pdbx_nonpoly_scheme.ndb_seq_num 
_pdbx_nonpoly_scheme.pdb_seq_num 
_pdbx_nonpoly_scheme.auth_seq_num 
_pdbx_nonpoly_scheme.pdb_mon_id 
_pdbx_nonpoly_scheme.auth_mon_id 
_pdbx_nonpoly_scheme.pdb_strand_id 
_pdbx_nonpoly_scheme.pdb_ins_code 
C 3 ZN  1  1065 1065 ZN  ZN  A . 
D 3 ZN  1  1066 1066 ZN  ZN  A . 
E 4 SO4 1  1068 1068 SO4 SO4 A . 
F 4 SO4 1  1069 1069 SO4 SO4 A . 
G 5 HOH 1  2001 2001 HOH HOH A . 
G 5 HOH 2  2002 2002 HOH HOH A . 
G 5 HOH 3  2003 2003 HOH HOH A . 
G 5 HOH 4  2004 2004 HOH HOH A . 
G 5 HOH 5  2005 2005 HOH HOH A . 
G 5 HOH 6  2006 2006 HOH HOH A . 
G 5 HOH 7  2007 2007 HOH HOH A . 
G 5 HOH 8  2008 2008 HOH HOH A . 
G 5 HOH 9  2009 2009 HOH HOH A . 
G 5 HOH 10 2010 2010 HOH HOH A . 
G 5 HOH 11 2011 2011 HOH HOH A . 
G 5 HOH 12 2012 2012 HOH HOH A . 
G 5 HOH 13 2013 2013 HOH HOH A . 
G 5 HOH 14 2014 2014 HOH HOH A . 
G 5 HOH 15 2015 2015 HOH HOH A . 
G 5 HOH 16 2016 2016 HOH HOH A . 
G 5 HOH 17 2017 2017 HOH HOH A . 
G 5 HOH 18 2018 2018 HOH HOH A . 
G 5 HOH 19 2019 2019 HOH HOH A . 
G 5 HOH 20 2020 2020 HOH HOH A . 
G 5 HOH 21 2021 2021 HOH HOH A . 
G 5 HOH 22 2022 2022 HOH HOH A . 
G 5 HOH 23 2023 2023 HOH HOH A . 
G 5 HOH 24 2024 2024 HOH HOH A . 
G 5 HOH 25 2025 2025 HOH HOH A . 
G 5 HOH 26 2026 2026 HOH HOH A . 
G 5 HOH 27 2027 2027 HOH HOH A . 
G 5 HOH 28 2028 2028 HOH HOH A . 
G 5 HOH 29 2029 2029 HOH HOH A . 
G 5 HOH 30 2030 2030 HOH HOH A . 
G 5 HOH 31 2031 2031 HOH HOH A . 
G 5 HOH 32 2032 2032 HOH HOH A . 
G 5 HOH 33 2033 2033 HOH HOH A . 
G 5 HOH 34 2034 2034 HOH HOH A . 
G 5 HOH 35 2035 2035 HOH HOH A . 
G 5 HOH 36 2036 2036 HOH HOH A . 
G 5 HOH 37 2037 2037 HOH HOH A . 
G 5 HOH 38 2038 2038 HOH HOH A . 
G 5 HOH 39 2039 2039 HOH HOH A . 
G 5 HOH 40 2040 2040 HOH HOH A . 
G 5 HOH 41 2041 2041 HOH HOH A . 
G 5 HOH 42 2042 2042 HOH HOH A . 
G 5 HOH 43 2043 2043 HOH HOH A . 
G 5 HOH 44 2044 2044 HOH HOH A . 
G 5 HOH 45 2045 2045 HOH HOH A . 
G 5 HOH 46 2046 2046 HOH HOH A . 
G 5 HOH 47 2047 2047 HOH HOH A . 
G 5 HOH 48 2048 2048 HOH HOH A . 
G 5 HOH 49 2049 2049 HOH HOH A . 
G 5 HOH 50 2050 2050 HOH HOH A . 
G 5 HOH 51 2051 2051 HOH HOH A . 
G 5 HOH 52 2052 2052 HOH HOH A . 
G 5 HOH 53 2053 2053 HOH HOH A . 
G 5 HOH 54 2054 2054 HOH HOH A . 
# 
loop_
_software.name 
_software.classification 
_software.version 
_software.citation_id 
_software.pdbx_ordinal 
REFMAC   refinement       5.6.0073 ? 1 
HKL-2000 'data reduction' .        ? 2 
HKL-2000 'data scaling'   .        ? 3 
SHELX    phasing          .        ? 4 
# 
_cell.entry_id           2XEU 
_cell.length_a           72.616 
_cell.length_b           72.616 
_cell.length_c           72.616 
_cell.angle_alpha        90.00 
_cell.angle_beta         90.00 
_cell.angle_gamma        90.00 
_cell.Z_PDB              24 
_cell.pdbx_unique_axis   ? 
# 
_symmetry.entry_id                         2XEU 
_symmetry.space_group_name_H-M             'P 41 3 2' 
_symmetry.pdbx_full_space_group_name_H-M   ? 
_symmetry.cell_setting                     ? 
_symmetry.Int_Tables_number                213 
# 
_exptl.entry_id          2XEU 
_exptl.method            'X-RAY DIFFRACTION' 
_exptl.crystals_number   1 
# 
_exptl_crystal.id                    1 
_exptl_crystal.density_meas          ? 
_exptl_crystal.density_Matthews      1.91 
_exptl_crystal.density_percent_sol   35.17 
_exptl_crystal.description           NONE 
# 
_diffrn.id                     1 
_diffrn.ambient_temp           100 
_diffrn.ambient_temp_details   ? 
_diffrn.crystal_id             1 
# 
_diffrn_detector.diffrn_id              1 
_diffrn_detector.detector               CCD 
_diffrn_detector.type                   'ADSC QUANTUM 315r' 
_diffrn_detector.pdbx_collection_date   ? 
_diffrn_detector.details                ? 
# 
_diffrn_radiation.diffrn_id                        1 
_diffrn_radiation.wavelength_id                    1 
_diffrn_radiation.pdbx_monochromatic_or_laue_m_l   M 
_diffrn_radiation.monochromator                    ? 
_diffrn_radiation.pdbx_diffrn_protocol             'SINGLE WAVELENGTH' 
_diffrn_radiation.pdbx_scattering_type             x-ray 
# 
_diffrn_radiation_wavelength.id           1 
_diffrn_radiation_wavelength.wavelength   1.28 
_diffrn_radiation_wavelength.wt           1.0 
# 
_diffrn_source.diffrn_id                   1 
_diffrn_source.source                      SYNCHROTRON 
_diffrn_source.type                        'ESRF BEAMLINE ID14-4' 
_diffrn_source.pdbx_synchrotron_site       ESRF 
_diffrn_source.pdbx_synchrotron_beamline   ID14-4 
_diffrn_source.pdbx_wavelength             1.28 
_diffrn_source.pdbx_wavelength_list        ? 
# 
_reflns.pdbx_diffrn_id               1 
_reflns.pdbx_ordinal                 1 
_reflns.entry_id                     2XEU 
_reflns.observed_criterion_sigma_I   0.0 
_reflns.observed_criterion_sigma_F   ? 
_reflns.d_resolution_low             18.00 
_reflns.d_resolution_high            1.50 
_reflns.number_obs                   10402 
_reflns.number_all                   ? 
_reflns.percent_possible_obs         99.8 
_reflns.pdbx_Rmerge_I_obs            0.06 
_reflns.pdbx_Rsym_value              ? 
_reflns.pdbx_netI_over_sigmaI        18.00 
_reflns.B_iso_Wilson_estimate        ? 
_reflns.pdbx_redundancy              9 
# 
_reflns_shell.pdbx_diffrn_id         1 
_reflns_shell.pdbx_ordinal           1 
_reflns_shell.d_res_high             1.50 
_reflns_shell.d_res_low              1.55 
_reflns_shell.percent_possible_all   100.0 
_reflns_shell.Rmerge_I_obs           0.43 
_reflns_shell.pdbx_Rsym_value        ? 
_reflns_shell.meanI_over_sigI_obs    2.90 
_reflns_shell.pdbx_redundancy        7.3 
# 
_refine.pdbx_refine_id                           'X-RAY DIFFRACTION' 
_refine.entry_id                                 2XEU 
_refine.pdbx_diffrn_id                           1 
_refine.pdbx_TLS_residual_ADP_flag               ? 
_refine.ls_number_reflns_obs                     10391 
_refine.ls_number_reflns_all                     ? 
_refine.pdbx_ls_sigma_I                          ? 
_refine.pdbx_ls_sigma_F                          . 
_refine.pdbx_data_cutoff_high_absF               ? 
_refine.pdbx_data_cutoff_low_absF                ? 
_refine.pdbx_data_cutoff_high_rms_absF           ? 
_refine.ls_d_res_low                             18.15 
_refine.ls_d_res_high                            1.50 
_refine.ls_percent_reflns_obs                    99.83 
_refine.ls_R_factor_obs                          0.16972 
_refine.ls_R_factor_all                          ? 
_refine.ls_R_factor_R_work                       0.16836 
_refine.ls_R_factor_R_free                       0.19727 
_refine.ls_R_factor_R_free_error                 ? 
_refine.ls_R_factor_R_free_error_details         ? 
_refine.ls_percent_reflns_R_free                 4.8 
_refine.ls_number_reflns_R_free                  525 
_refine.ls_number_parameters                     ? 
_refine.ls_number_restraints                     ? 
_refine.occupancy_min                            ? 
_refine.occupancy_max                            ? 
_refine.correlation_coeff_Fo_to_Fc               0.968 
_refine.correlation_coeff_Fo_to_Fc_free          0.957 
_refine.B_iso_mean                               21.475 
_refine.aniso_B[1][1]                            ? 
_refine.aniso_B[2][2]                            ? 
_refine.aniso_B[3][3]                            ? 
_refine.aniso_B[1][2]                            ? 
_refine.aniso_B[1][3]                            ? 
_refine.aniso_B[2][3]                            ? 
_refine.solvent_model_details                    'BABINET MODEL WITH MASK' 
_refine.solvent_model_param_ksol                 ? 
_refine.solvent_model_param_bsol                 ? 
_refine.pdbx_solvent_vdw_probe_radii             1.40 
_refine.pdbx_solvent_ion_probe_radii             0.80 
_refine.pdbx_solvent_shrinkage_radii             0.80 
_refine.pdbx_ls_cross_valid_method               THROUGHOUT 
_refine.details                                  
'HYDROGENS HAVE BEEN ADDED IN THE RIDING POSITIONS. HYDROGENS HAVE BEEN USED IF PRESENT IN THE INPUT. U VALUES WITH TLS ADDED.' 
_refine.pdbx_starting_model                      NONE 
_refine.pdbx_method_to_determine_struct          SAD 
_refine.pdbx_isotropic_thermal_model             ? 
_refine.pdbx_stereochemistry_target_values       'MAXIMUM LIKELIHOOD' 
_refine.pdbx_stereochem_target_val_spec_case     ? 
_refine.pdbx_R_Free_selection_details            RANDOM 
_refine.pdbx_overall_ESU_R                       0.089 
_refine.pdbx_overall_ESU_R_Free                  0.072 
_refine.overall_SU_ML                            0.051 
_refine.pdbx_overall_phase_error                 ? 
_refine.overall_SU_B                             3.011 
_refine.overall_SU_R_Cruickshank_DPI             ? 
_refine.pdbx_overall_SU_R_free_Cruickshank_DPI   ? 
_refine.pdbx_overall_SU_R_Blow_DPI               ? 
_refine.pdbx_overall_SU_R_free_Blow_DPI          ? 
# 
_refine_hist.pdbx_refine_id                   'X-RAY DIFFRACTION' 
_refine_hist.cycle_id                         LAST 
_refine_hist.pdbx_number_atoms_protein        498 
_refine_hist.pdbx_number_atoms_nucleic_acid   0 
_refine_hist.pdbx_number_atoms_ligand         35 
_refine_hist.number_atoms_solvent             54 
_refine_hist.number_atoms_total               587 
_refine_hist.d_res_high                       1.50 
_refine_hist.d_res_low                        18.15 
# 
loop_
_refine_ls_restr.type 
_refine_ls_restr.dev_ideal 
_refine_ls_restr.dev_ideal_target 
_refine_ls_restr.weight 
_refine_ls_restr.number 
_refine_ls_restr.pdbx_refine_id 
_refine_ls_restr.pdbx_restraint_function 
r_bond_refined_d             0.009  0.021  ? 558  'X-RAY DIFFRACTION' ? 
r_bond_other_d               0.001  0.020  ? 382  'X-RAY DIFFRACTION' ? 
r_angle_refined_deg          1.439  2.026  ? 749  'X-RAY DIFFRACTION' ? 
r_angle_other_deg            0.938  3.015  ? 930  'X-RAY DIFFRACTION' ? 
r_dihedral_angle_1_deg       6.820  5.000  ? 66   'X-RAY DIFFRACTION' ? 
r_dihedral_angle_2_deg       24.178 22.857 ? 21   'X-RAY DIFFRACTION' ? 
r_dihedral_angle_3_deg       11.322 15.000 ? 96   'X-RAY DIFFRACTION' ? 
r_dihedral_angle_4_deg       13.871 15.000 ? 4    'X-RAY DIFFRACTION' ? 
r_chiral_restr               0.075  0.200  ? 87   'X-RAY DIFFRACTION' ? 
r_gen_planes_refined         0.004  0.021  ? 571  'X-RAY DIFFRACTION' ? 
r_gen_planes_other           0.001  0.020  ? 102  'X-RAY DIFFRACTION' ? 
r_nbd_refined                ?      ?      ? ?    'X-RAY DIFFRACTION' ? 
r_nbd_other                  ?      ?      ? ?    'X-RAY DIFFRACTION' ? 
r_nbtor_refined              ?      ?      ? ?    'X-RAY DIFFRACTION' ? 
r_nbtor_other                ?      ?      ? ?    'X-RAY DIFFRACTION' ? 
r_xyhbond_nbd_refined        ?      ?      ? ?    'X-RAY DIFFRACTION' ? 
r_xyhbond_nbd_other          ?      ?      ? ?    'X-RAY DIFFRACTION' ? 
r_metal_ion_refined          ?      ?      ? ?    'X-RAY DIFFRACTION' ? 
r_metal_ion_other            ?      ?      ? ?    'X-RAY DIFFRACTION' ? 
r_symmetry_vdw_refined       ?      ?      ? ?    'X-RAY DIFFRACTION' ? 
r_symmetry_vdw_other         ?      ?      ? ?    'X-RAY DIFFRACTION' ? 
r_symmetry_hbond_refined     ?      ?      ? ?    'X-RAY DIFFRACTION' ? 
r_symmetry_hbond_other       ?      ?      ? ?    'X-RAY DIFFRACTION' ? 
r_symmetry_metal_ion_refined ?      ?      ? ?    'X-RAY DIFFRACTION' ? 
r_symmetry_metal_ion_other   ?      ?      ? ?    'X-RAY DIFFRACTION' ? 
r_mcbond_it                  ?      ?      ? ?    'X-RAY DIFFRACTION' ? 
r_mcbond_other               ?      ?      ? ?    'X-RAY DIFFRACTION' ? 
r_mcangle_it                 ?      ?      ? ?    'X-RAY DIFFRACTION' ? 
r_mcangle_other              ?      ?      ? ?    'X-RAY DIFFRACTION' ? 
r_scbond_it                  ?      ?      ? ?    'X-RAY DIFFRACTION' ? 
r_scbond_other               ?      ?      ? ?    'X-RAY DIFFRACTION' ? 
r_scangle_it                 ?      ?      ? ?    'X-RAY DIFFRACTION' ? 
r_scangle_other              ?      ?      ? ?    'X-RAY DIFFRACTION' ? 
r_long_range_B_refined       ?      ?      ? ?    'X-RAY DIFFRACTION' ? 
r_long_range_B_other         ?      ?      ? ?    'X-RAY DIFFRACTION' ? 
r_rigid_bond_restr           2.674  3.000  ? 3051 'X-RAY DIFFRACTION' ? 
r_sphericity_free            6.755  5.000  ? 54   'X-RAY DIFFRACTION' ? 
r_sphericity_bonded          3.955  5.000  ? 924  'X-RAY DIFFRACTION' ? 
# 
_refine_ls_shell.pdbx_refine_id                   'X-RAY DIFFRACTION' 
_refine_ls_shell.pdbx_total_number_of_bins_used   20 
_refine_ls_shell.d_res_high                       1.503 
_refine_ls_shell.d_res_low                        1.542 
_refine_ls_shell.number_reflns_R_work             727 
_refine_ls_shell.R_factor_R_work                  0.155 
_refine_ls_shell.percent_reflns_obs               100.00 
_refine_ls_shell.R_factor_R_free                  0.172 
_refine_ls_shell.R_factor_R_free_error            ? 
_refine_ls_shell.percent_reflns_R_free            ? 
_refine_ls_shell.number_reflns_R_free             48 
_refine_ls_shell.number_reflns_all                ? 
_refine_ls_shell.R_factor_all                     ? 
# 
_struct.entry_id                  2XEU 
_struct.title                     'Ring domain' 
_struct.pdbx_model_details        ? 
_struct.pdbx_CASP_flag            ? 
_struct.pdbx_model_type_details   ? 
# 
_struct_keywords.entry_id        2XEU 
_struct_keywords.pdbx_keywords   TRANSCRIPTION 
_struct_keywords.text            'TRANSCRIPTION, ZINC-FINGER, METAL-BINDING' 
# 
loop_
_struct_asym.id 
_struct_asym.pdbx_blank_PDB_chainid_flag 
_struct_asym.pdbx_modified 
_struct_asym.entity_id 
_struct_asym.details 
A N N 1 ? 
B N N 2 ? 
C N N 3 ? 
D N N 3 ? 
E N N 4 ? 
F N N 4 ? 
G N N 5 ? 
# 
_struct_ref.id                         1 
_struct_ref.db_name                    UNP 
_struct_ref.db_code                    RNF4_HUMAN 
_struct_ref.entity_id                  1 
_struct_ref.pdbx_seq_one_letter_code   ? 
_struct_ref.pdbx_align_begin           ? 
_struct_ref.pdbx_db_accession          P78317 
_struct_ref.pdbx_db_isoform            ? 
# 
_struct_ref_seq.align_id                      1 
_struct_ref_seq.ref_id                        1 
_struct_ref_seq.pdbx_PDB_id_code              2XEU 
_struct_ref_seq.pdbx_strand_id                A 
_struct_ref_seq.seq_align_beg                 4 
_struct_ref_seq.pdbx_seq_align_beg_ins_code   ? 
_struct_ref_seq.seq_align_end                 64 
_struct_ref_seq.pdbx_seq_align_end_ins_code   ? 
_struct_ref_seq.pdbx_db_accession             P78317 
_struct_ref_seq.db_align_beg                  130 
_struct_ref_seq.pdbx_db_align_beg_ins_code    ? 
_struct_ref_seq.db_align_end                  190 
_struct_ref_seq.pdbx_db_align_end_ins_code    ? 
_struct_ref_seq.pdbx_auth_seq_align_beg       4 
_struct_ref_seq.pdbx_auth_seq_align_end       64 
# 
loop_
_struct_ref_seq_dif.align_id 
_struct_ref_seq_dif.pdbx_pdb_id_code 
_struct_ref_seq_dif.mon_id 
_struct_ref_seq_dif.pdbx_pdb_strand_id 
_struct_ref_seq_dif.seq_num 
_struct_ref_seq_dif.pdbx_pdb_ins_code 
_struct_ref_seq_dif.pdbx_seq_db_name 
_struct_ref_seq_dif.pdbx_seq_db_accession_code 
_struct_ref_seq_dif.db_mon_id 
_struct_ref_seq_dif.pdbx_seq_db_seq_num 
_struct_ref_seq_dif.details 
_struct_ref_seq_dif.pdbx_auth_seq_num 
_struct_ref_seq_dif.pdbx_ordinal 
1 2XEU GLY A 1 ? UNP P78317 ? ? 'expression tag' 1 1 
1 2XEU ALA A 2 ? UNP P78317 ? ? 'expression tag' 2 2 
1 2XEU MET A 3 ? UNP P78317 ? ? 'expression tag' 3 3 
# 
_pdbx_struct_assembly.id                   1 
_pdbx_struct_assembly.details              author_and_software_defined_assembly 
_pdbx_struct_assembly.method_details       PISA 
_pdbx_struct_assembly.oligomeric_details   dimeric 
_pdbx_struct_assembly.oligomeric_count     2 
# 
loop_
_pdbx_struct_assembly_prop.biol_id 
_pdbx_struct_assembly_prop.type 
_pdbx_struct_assembly_prop.value 
_pdbx_struct_assembly_prop.details 
1 'ABSA (A^2)' 2420  ? 
1 MORE         -60.3 ? 
1 'SSA (A^2)'  7800  ? 
# 
_pdbx_struct_assembly_gen.assembly_id       1 
_pdbx_struct_assembly_gen.oper_expression   1,2 
_pdbx_struct_assembly_gen.asym_id_list      A,B,C,D,E,F,G 
# 
loop_
_pdbx_struct_oper_list.id 
_pdbx_struct_oper_list.type 
_pdbx_struct_oper_list.name 
_pdbx_struct_oper_list.symmetry_operation 
_pdbx_struct_oper_list.matrix[1][1] 
_pdbx_struct_oper_list.matrix[1][2] 
_pdbx_struct_oper_list.matrix[1][3] 
_pdbx_struct_oper_list.vector[1] 
_pdbx_struct_oper_list.matrix[2][1] 
_pdbx_struct_oper_list.matrix[2][2] 
_pdbx_struct_oper_list.matrix[2][3] 
_pdbx_struct_oper_list.vector[2] 
_pdbx_struct_oper_list.matrix[3][1] 
_pdbx_struct_oper_list.matrix[3][2] 
_pdbx_struct_oper_list.matrix[3][3] 
_pdbx_struct_oper_list.vector[3] 
1 'identity operation'         1_555  x,y,z              1.0000000000  0.0000000000 0.0000000000  0.0000000000   0.0000000000 1.0000000000  0.0000000000  0.0000000000  0.0000000000  0.0000000000  1.0000000000 0.0000000000   
2 'crystal symmetry operation' 22_564 z+1/4,-y+5/4,x-1/4 -0.4306225306 0.2629153265 -0.8633885378 -15.0146319215 0.2629153265 -0.8785964099 -0.3986776638 -0.5327310695 -0.8633885378 -0.3986776638 0.3092189405 -10.0639004454 
# 
_struct_biol.id   1 
# 
loop_
_struct_conf.conf_type_id 
_struct_conf.id 
_struct_conf.pdbx_PDB_helix_id 
_struct_conf.beg_label_comp_id 
_struct_conf.beg_label_asym_id 
_struct_conf.beg_label_seq_id 
_struct_conf.pdbx_beg_PDB_ins_code 
_struct_conf.end_label_comp_id 
_struct_conf.end_label_asym_id 
_struct_conf.end_label_seq_id 
_struct_conf.pdbx_end_PDB_ins_code 
_struct_conf.beg_auth_comp_id 
_struct_conf.beg_auth_asym_id 
_struct_conf.beg_auth_seq_id 
_struct_conf.end_auth_comp_id 
_struct_conf.end_auth_asym_id 
_struct_conf.end_auth_seq_id 
_struct_conf.pdbx_PDB_helix_class 
_struct_conf.details 
_struct_conf.pdbx_PDB_helix_length 
HELX_P HELX_P1 1 GLY A 12 ? ASN A 19 ? GLY A 12 ASN A 19 1 ? 8  
HELX_P HELX_P2 2 SER A 34 ? ALA A 44 ? SER A 34 ALA A 44 1 ? 11 
# 
_struct_conf_type.id          HELX_P 
_struct_conf_type.criteria    ? 
_struct_conf_type.reference   ? 
# 
loop_
_struct_conn.id 
_struct_conn.conn_type_id 
_struct_conn.pdbx_leaving_atom_flag 
_struct_conn.pdbx_PDB_id 
_struct_conn.ptnr1_label_asym_id 
_struct_conn.ptnr1_label_comp_id 
_struct_conn.ptnr1_label_seq_id 
_struct_conn.ptnr1_label_atom_id 
_struct_conn.pdbx_ptnr1_label_alt_id 
_struct_conn.pdbx_ptnr1_PDB_ins_code 
_struct_conn.pdbx_ptnr1_standard_comp_id 
_struct_conn.ptnr1_symmetry 
_struct_conn.ptnr2_label_asym_id 
_struct_conn.ptnr2_label_comp_id 
_struct_conn.ptnr2_label_seq_id 
_struct_conn.ptnr2_label_atom_id 
_struct_conn.pdbx_ptnr2_label_alt_id 
_struct_conn.pdbx_ptnr2_PDB_ins_code 
_struct_conn.ptnr1_auth_asym_id 
_struct_conn.ptnr1_auth_comp_id 
_struct_conn.ptnr1_auth_seq_id 
_struct_conn.ptnr2_auth_asym_id 
_struct_conn.ptnr2_auth_comp_id 
_struct_conn.ptnr2_auth_seq_id 
_struct_conn.ptnr2_symmetry 
_struct_conn.pdbx_ptnr3_label_atom_id 
_struct_conn.pdbx_ptnr3_label_seq_id 
_struct_conn.pdbx_ptnr3_label_comp_id 
_struct_conn.pdbx_ptnr3_label_asym_id 
_struct_conn.pdbx_ptnr3_label_alt_id 
_struct_conn.pdbx_ptnr3_PDB_ins_code 
_struct_conn.details 
_struct_conn.pdbx_dist_value 
_struct_conn.pdbx_value_order 
_struct_conn.pdbx_role 
covale1 covale both ? B GLC .  C1  ? ? ? 1_555 B FRU . O2 ? ? B GLC 1  B FRU 2    1_555 ? ? ? ? ? ? ? 1.419 sing ? 
metalc1 metalc ?    ? A CYS 6  SG  ? ? ? 1_555 C ZN  . ZN ? ? A CYS 6  A ZN  1065 1_555 ? ? ? ? ? ? ? 2.376 ?    ? 
metalc2 metalc ?    ? A CYS 9  SG  ? ? ? 1_555 C ZN  . ZN ? ? A CYS 9  A ZN  1065 1_555 ? ? ? ? ? ? ? 2.352 ?    ? 
metalc3 metalc ?    ? A CYS 28 SG  ? ? ? 1_555 D ZN  . ZN ? ? A CYS 28 A ZN  1066 1_555 ? ? ? ? ? ? ? 2.354 ?    ? 
metalc4 metalc ?    ? A HIS 30 ND1 ? ? ? 1_555 D ZN  . ZN ? ? A HIS 30 A ZN  1066 1_555 ? ? ? ? ? ? ? 2.060 ?    ? 
metalc5 metalc ?    ? A CYS 33 SG  ? ? ? 1_555 C ZN  . ZN ? ? A CYS 33 A ZN  1065 1_555 ? ? ? ? ? ? ? 2.386 ?    ? 
metalc6 metalc ?    ? A CYS 36 SG  ? ? ? 1_555 C ZN  . ZN ? ? A CYS 36 A ZN  1065 1_555 ? ? ? ? ? ? ? 2.365 ?    ? 
metalc7 metalc ?    ? A CYS 47 SG  ? ? ? 1_555 D ZN  . ZN ? ? A CYS 47 A ZN  1066 1_555 ? ? ? ? ? ? ? 2.346 ?    ? 
metalc8 metalc ?    ? A CYS 50 SG  ? ? ? 1_555 D ZN  . ZN ? ? A CYS 50 A ZN  1066 1_555 ? ? ? ? ? ? ? 2.360 ?    ? 
# 
loop_
_struct_conn_type.id 
_struct_conn_type.criteria 
_struct_conn_type.reference 
covale ? ? 
metalc ? ? 
# 
loop_
_pdbx_struct_conn_angle.id 
_pdbx_struct_conn_angle.ptnr1_label_atom_id 
_pdbx_struct_conn_angle.ptnr1_label_alt_id 
_pdbx_struct_conn_angle.ptnr1_label_asym_id 
_pdbx_struct_conn_angle.ptnr1_label_comp_id 
_pdbx_struct_conn_angle.ptnr1_label_seq_id 
_pdbx_struct_conn_angle.ptnr1_auth_atom_id 
_pdbx_struct_conn_angle.ptnr1_auth_asym_id 
_pdbx_struct_conn_angle.ptnr1_auth_comp_id 
_pdbx_struct_conn_angle.ptnr1_auth_seq_id 
_pdbx_struct_conn_angle.ptnr1_PDB_ins_code 
_pdbx_struct_conn_angle.ptnr1_symmetry 
_pdbx_struct_conn_angle.ptnr2_label_atom_id 
_pdbx_struct_conn_angle.ptnr2_label_alt_id 
_pdbx_struct_conn_angle.ptnr2_label_asym_id 
_pdbx_struct_conn_angle.ptnr2_label_comp_id 
_pdbx_struct_conn_angle.ptnr2_label_seq_id 
_pdbx_struct_conn_angle.ptnr2_auth_atom_id 
_pdbx_struct_conn_angle.ptnr2_auth_asym_id 
_pdbx_struct_conn_angle.ptnr2_auth_comp_id 
_pdbx_struct_conn_angle.ptnr2_auth_seq_id 
_pdbx_struct_conn_angle.ptnr2_PDB_ins_code 
_pdbx_struct_conn_angle.ptnr2_symmetry 
_pdbx_struct_conn_angle.ptnr3_label_atom_id 
_pdbx_struct_conn_angle.ptnr3_label_alt_id 
_pdbx_struct_conn_angle.ptnr3_label_asym_id 
_pdbx_struct_conn_angle.ptnr3_label_comp_id 
_pdbx_struct_conn_angle.ptnr3_label_seq_id 
_pdbx_struct_conn_angle.ptnr3_auth_atom_id 
_pdbx_struct_conn_angle.ptnr3_auth_asym_id 
_pdbx_struct_conn_angle.ptnr3_auth_comp_id 
_pdbx_struct_conn_angle.ptnr3_auth_seq_id 
_pdbx_struct_conn_angle.ptnr3_PDB_ins_code 
_pdbx_struct_conn_angle.ptnr3_symmetry 
_pdbx_struct_conn_angle.value 
_pdbx_struct_conn_angle.value_esd 
1  SG  ? A CYS 6  ? A CYS 6  ? 1_555 ZN ? C ZN . ? A ZN 1065 ? 1_555 SG  ? A CYS 9  ? A CYS 9  ? 1_555 104.8 ? 
2  SG  ? A CYS 6  ? A CYS 6  ? 1_555 ZN ? C ZN . ? A ZN 1065 ? 1_555 SG  ? A CYS 33 ? A CYS 33 ? 1_555 115.2 ? 
3  SG  ? A CYS 9  ? A CYS 9  ? 1_555 ZN ? C ZN . ? A ZN 1065 ? 1_555 SG  ? A CYS 33 ? A CYS 33 ? 1_555 117.4 ? 
4  SG  ? A CYS 6  ? A CYS 6  ? 1_555 ZN ? C ZN . ? A ZN 1065 ? 1_555 SG  ? A CYS 36 ? A CYS 36 ? 1_555 112.4 ? 
5  SG  ? A CYS 9  ? A CYS 9  ? 1_555 ZN ? C ZN . ? A ZN 1065 ? 1_555 SG  ? A CYS 36 ? A CYS 36 ? 1_555 112.6 ? 
6  SG  ? A CYS 33 ? A CYS 33 ? 1_555 ZN ? C ZN . ? A ZN 1065 ? 1_555 SG  ? A CYS 36 ? A CYS 36 ? 1_555 94.5  ? 
7  SG  ? A CYS 28 ? A CYS 28 ? 1_555 ZN ? D ZN . ? A ZN 1066 ? 1_555 ND1 ? A HIS 30 ? A HIS 30 ? 1_555 116.1 ? 
8  SG  ? A CYS 28 ? A CYS 28 ? 1_555 ZN ? D ZN . ? A ZN 1066 ? 1_555 SG  ? A CYS 47 ? A CYS 47 ? 1_555 109.1 ? 
9  ND1 ? A HIS 30 ? A HIS 30 ? 1_555 ZN ? D ZN . ? A ZN 1066 ? 1_555 SG  ? A CYS 47 ? A CYS 47 ? 1_555 107.3 ? 
10 SG  ? A CYS 28 ? A CYS 28 ? 1_555 ZN ? D ZN . ? A ZN 1066 ? 1_555 SG  ? A CYS 50 ? A CYS 50 ? 1_555 99.4  ? 
11 ND1 ? A HIS 30 ? A HIS 30 ? 1_555 ZN ? D ZN . ? A ZN 1066 ? 1_555 SG  ? A CYS 50 ? A CYS 50 ? 1_555 110.9 ? 
12 SG  ? A CYS 47 ? A CYS 47 ? 1_555 ZN ? D ZN . ? A ZN 1066 ? 1_555 SG  ? A CYS 50 ? A CYS 50 ? 1_555 114.2 ? 
# 
_struct_sheet.id               AA 
_struct_sheet.type             ? 
_struct_sheet.number_strands   3 
_struct_sheet.details          ? 
# 
loop_
_struct_sheet_order.sheet_id 
_struct_sheet_order.range_id_1 
_struct_sheet_order.range_id_2 
_struct_sheet_order.offset 
_struct_sheet_order.sense 
AA 1 2 ? anti-parallel 
AA 2 3 ? anti-parallel 
# 
loop_
_struct_sheet_range.sheet_id 
_struct_sheet_range.id 
_struct_sheet_range.beg_label_comp_id 
_struct_sheet_range.beg_label_asym_id 
_struct_sheet_range.beg_label_seq_id 
_struct_sheet_range.pdbx_beg_PDB_ins_code 
_struct_sheet_range.end_label_comp_id 
_struct_sheet_range.end_label_asym_id 
_struct_sheet_range.end_label_seq_id 
_struct_sheet_range.pdbx_end_PDB_ins_code 
_struct_sheet_range.beg_auth_comp_id 
_struct_sheet_range.beg_auth_asym_id 
_struct_sheet_range.beg_auth_seq_id 
_struct_sheet_range.end_auth_comp_id 
_struct_sheet_range.end_auth_asym_id 
_struct_sheet_range.end_auth_seq_id 
AA 1 VAL A 31 ? CYS A 33 ? VAL A 31 CYS A 33 
AA 2 ILE A 23 ? THR A 26 ? ILE A 23 THR A 26 
AA 3 TYR A 59 ? PRO A 61 ? TYR A 59 PRO A 61 
# 
loop_
_pdbx_struct_sheet_hbond.sheet_id 
_pdbx_struct_sheet_hbond.range_id_1 
_pdbx_struct_sheet_hbond.range_id_2 
_pdbx_struct_sheet_hbond.range_1_label_atom_id 
_pdbx_struct_sheet_hbond.range_1_label_comp_id 
_pdbx_struct_sheet_hbond.range_1_label_asym_id 
_pdbx_struct_sheet_hbond.range_1_label_seq_id 
_pdbx_struct_sheet_hbond.range_1_PDB_ins_code 
_pdbx_struct_sheet_hbond.range_1_auth_atom_id 
_pdbx_struct_sheet_hbond.range_1_auth_comp_id 
_pdbx_struct_sheet_hbond.range_1_auth_asym_id 
_pdbx_struct_sheet_hbond.range_1_auth_seq_id 
_pdbx_struct_sheet_hbond.range_2_label_atom_id 
_pdbx_struct_sheet_hbond.range_2_label_comp_id 
_pdbx_struct_sheet_hbond.range_2_label_asym_id 
_pdbx_struct_sheet_hbond.range_2_label_seq_id 
_pdbx_struct_sheet_hbond.range_2_PDB_ins_code 
_pdbx_struct_sheet_hbond.range_2_auth_atom_id 
_pdbx_struct_sheet_hbond.range_2_auth_comp_id 
_pdbx_struct_sheet_hbond.range_2_auth_asym_id 
_pdbx_struct_sheet_hbond.range_2_auth_seq_id 
AA 1 2 N PHE A 32 ? N PHE A 32 O VAL A 24 ? O VAL A 24 
AA 2 3 N SER A 25 ? N SER A 25 O HIS A 60 ? O HIS A 60 
# 
loop_
_pdbx_validate_torsion.id 
_pdbx_validate_torsion.PDB_model_num 
_pdbx_validate_torsion.auth_comp_id 
_pdbx_validate_torsion.auth_asym_id 
_pdbx_validate_torsion.auth_seq_id 
_pdbx_validate_torsion.PDB_ins_code 
_pdbx_validate_torsion.label_alt_id 
_pdbx_validate_torsion.phi 
_pdbx_validate_torsion.psi 
1 1 ARG A 51 ? ? 55.70  18.74 
2 1 ARG A 58 ? ? -85.73 48.57 
# 
_pdbx_molecule_features.prd_id    PRD_900003 
_pdbx_molecule_features.name      sucrose 
_pdbx_molecule_features.type      Oligosaccharide 
_pdbx_molecule_features.class     Nutrient 
_pdbx_molecule_features.details   'oligosaccharide with reducing-end-to-reducing-end glycosidic bond' 
# 
_pdbx_molecule.instance_id   1 
_pdbx_molecule.prd_id        PRD_900003 
_pdbx_molecule.asym_id       B 
# 
_pdbx_struct_special_symmetry.id              1 
_pdbx_struct_special_symmetry.PDB_model_num   1 
_pdbx_struct_special_symmetry.auth_asym_id    A 
_pdbx_struct_special_symmetry.auth_comp_id    HOH 
_pdbx_struct_special_symmetry.auth_seq_id     2012 
_pdbx_struct_special_symmetry.PDB_ins_code    ? 
_pdbx_struct_special_symmetry.label_asym_id   G 
_pdbx_struct_special_symmetry.label_comp_id   HOH 
_pdbx_struct_special_symmetry.label_seq_id    . 
# 
loop_
_pdbx_refine_tls.pdbx_refine_id 
_pdbx_refine_tls.id 
_pdbx_refine_tls.details 
_pdbx_refine_tls.method 
_pdbx_refine_tls.origin_x 
_pdbx_refine_tls.origin_y 
_pdbx_refine_tls.origin_z 
_pdbx_refine_tls.T[1][1] 
_pdbx_refine_tls.T[2][2] 
_pdbx_refine_tls.T[3][3] 
_pdbx_refine_tls.T[1][2] 
_pdbx_refine_tls.T[1][3] 
_pdbx_refine_tls.T[2][3] 
_pdbx_refine_tls.L[1][1] 
_pdbx_refine_tls.L[2][2] 
_pdbx_refine_tls.L[3][3] 
_pdbx_refine_tls.L[1][2] 
_pdbx_refine_tls.L[1][3] 
_pdbx_refine_tls.L[2][3] 
_pdbx_refine_tls.S[1][1] 
_pdbx_refine_tls.S[1][2] 
_pdbx_refine_tls.S[1][3] 
_pdbx_refine_tls.S[2][1] 
_pdbx_refine_tls.S[2][2] 
_pdbx_refine_tls.S[2][3] 
_pdbx_refine_tls.S[3][1] 
_pdbx_refine_tls.S[3][2] 
_pdbx_refine_tls.S[3][3] 
'X-RAY DIFFRACTION' 1 ? refined -4.2536 0.4366  7.9254   0.1232 0.1239 0.0414 0.0907  -0.0335 -0.0353 4.0915  5.8145  1.8166  -1.3541 -0.7807 -1.7996 -0.2977 -0.6094 0.0961  0.4693  0.2429  0.0923  -0.0843 0.1245  0.0548  
'X-RAY DIFFRACTION' 2 ? refined -1.3147 -0.8427 -3.6704  0.0147 0.0046 0.0106 0.0002  -0.0034 -0.0054 6.8738  6.5117  6.0091  -1.6470 1.8376  1.9163  -0.0757 0.0785  0.0385  -0.0852 0.0936  -0.1821 -0.2263 0.0659  -0.0178 
'X-RAY DIFFRACTION' 3 ? refined 7.0253  2.4662  0.8917   0.0745 0.0806 0.0858 -0.0213 -0.0378 -0.0460 10.7377 6.2394  10.2336 0.0111  -5.2169 -0.0168 -0.0014 -0.2845 0.3986  0.2199  0.1797  -0.4459 -0.6095 0.7373  -0.1783 
'X-RAY DIFFRACTION' 4 ? refined 9.2952  -3.6238 -3.5683  0.0250 0.3536 0.0884 0.0243  -0.0082 -0.0310 11.9361 7.4286  2.6885  2.8289  2.4531  0.1739  0.2581  -0.2735 0.2772  0.1627  -0.2366 -0.5400 0.1458  0.8092  -0.0215 
'X-RAY DIFFRACTION' 5 ? refined 8.3667  -4.5139 -10.1377 0.0732 0.5892 0.1113 0.1048  0.0386  -0.0093 4.6213  22.1207 0.4990  6.6197  -1.2615 -1.8199 0.1951  0.0865  0.0150  -0.5376 -0.1739 -0.6562 -0.0106 0.2761  -0.0213 
'X-RAY DIFFRACTION' 6 ? refined -0.7052 4.5395  -7.3025  0.0455 0.0670 0.0712 -0.0023 -0.0027 0.0194  11.4499 4.6584  3.8989  -4.2489 -1.0861 0.5844  0.0866  0.6634  0.6052  -0.1868 -0.0850 -0.5110 -0.1458 0.2030  -0.0016 
'X-RAY DIFFRACTION' 7 ? refined 1.3181  -0.7661 6.1418   0.1252 0.1203 0.0461 0.0998  -0.0572 -0.0545 0.0268  0.0035  0.0091  0.0014  0.0072  0.0000  0.0070  -0.0077 -0.0117 -0.0071 -0.0014 -0.0015 -0.0057 0.0003  -0.0057 
'X-RAY DIFFRACTION' 8 ? refined 1.9025  -7.0369 -7.1206  0.0432 0.0257 0.0602 0.0277  -0.0274 -0.0343 0.0007  0.0040  0.0006  0.0005  -0.0001 -0.0011 -0.0009 0.0010  -0.0029 -0.0004 0.0013  -0.0088 0.0007  0.0012  -0.0003 
'X-RAY DIFFRACTION' 9 ? refined -8.4736 10.6487 2.0147   0.0206 0.0506 0.0561 0.0034  0.0046  -0.0503 9.7550  11.3013 6.4736  7.3626  7.8030  7.0437  -0.0489 -0.1579 0.2009  0.2886  -0.1534 0.3504  0.0252  -0.1335 0.2024 
# 
loop_
_pdbx_refine_tls_group.pdbx_refine_id 
_pdbx_refine_tls_group.id 
_pdbx_refine_tls_group.refine_tls_id 
_pdbx_refine_tls_group.beg_auth_asym_id 
_pdbx_refine_tls_group.beg_auth_seq_id 
_pdbx_refine_tls_group.beg_label_asym_id 
_pdbx_refine_tls_group.beg_label_seq_id 
_pdbx_refine_tls_group.end_auth_asym_id 
_pdbx_refine_tls_group.end_auth_seq_id 
_pdbx_refine_tls_group.end_label_asym_id 
_pdbx_refine_tls_group.end_label_seq_id 
_pdbx_refine_tls_group.selection 
_pdbx_refine_tls_group.selection_details 
'X-RAY DIFFRACTION' 1 1 A 1    ? ? A 21   ? ? ? ? 
'X-RAY DIFFRACTION' 2 2 A 22   ? ? A 34   ? ? ? ? 
'X-RAY DIFFRACTION' 3 3 A 35   ? ? A 41   ? ? ? ? 
'X-RAY DIFFRACTION' 4 4 A 42   ? ? A 50   ? ? ? ? 
'X-RAY DIFFRACTION' 5 5 A 51   ? ? A 55   ? ? ? ? 
'X-RAY DIFFRACTION' 6 6 A 56   ? ? A 64   ? ? ? ? 
'X-RAY DIFFRACTION' 7 7 A 1065 ? ? A 1065 ? ? ? ? 
'X-RAY DIFFRACTION' 8 8 A 1066 ? ? A 1066 ? ? ? ? 
'X-RAY DIFFRACTION' 9 9 A 1067 ? ? A 1067 ? ? ? ? 
# 
loop_
_chem_comp_atom.comp_id 
_chem_comp_atom.atom_id 
_chem_comp_atom.type_symbol 
_chem_comp_atom.pdbx_aromatic_flag 
_chem_comp_atom.pdbx_stereo_config 
_chem_comp_atom.pdbx_ordinal 
ALA N    N  N N 1   
ALA CA   C  N S 2   
ALA C    C  N N 3   
ALA O    O  N N 4   
ALA CB   C  N N 5   
ALA OXT  O  N N 6   
ALA H    H  N N 7   
ALA H2   H  N N 8   
ALA HA   H  N N 9   
ALA HB1  H  N N 10  
ALA HB2  H  N N 11  
ALA HB3  H  N N 12  
ALA HXT  H  N N 13  
ARG N    N  N N 14  
ARG CA   C  N S 15  
ARG C    C  N N 16  
ARG O    O  N N 17  
ARG CB   C  N N 18  
ARG CG   C  N N 19  
ARG CD   C  N N 20  
ARG NE   N  N N 21  
ARG CZ   C  N N 22  
ARG NH1  N  N N 23  
ARG NH2  N  N N 24  
ARG OXT  O  N N 25  
ARG H    H  N N 26  
ARG H2   H  N N 27  
ARG HA   H  N N 28  
ARG HB2  H  N N 29  
ARG HB3  H  N N 30  
ARG HG2  H  N N 31  
ARG HG3  H  N N 32  
ARG HD2  H  N N 33  
ARG HD3  H  N N 34  
ARG HE   H  N N 35  
ARG HH11 H  N N 36  
ARG HH12 H  N N 37  
ARG HH21 H  N N 38  
ARG HH22 H  N N 39  
ARG HXT  H  N N 40  
ASN N    N  N N 41  
ASN CA   C  N S 42  
ASN C    C  N N 43  
ASN O    O  N N 44  
ASN CB   C  N N 45  
ASN CG   C  N N 46  
ASN OD1  O  N N 47  
ASN ND2  N  N N 48  
ASN OXT  O  N N 49  
ASN H    H  N N 50  
ASN H2   H  N N 51  
ASN HA   H  N N 52  
ASN HB2  H  N N 53  
ASN HB3  H  N N 54  
ASN HD21 H  N N 55  
ASN HD22 H  N N 56  
ASN HXT  H  N N 57  
ASP N    N  N N 58  
ASP CA   C  N S 59  
ASP C    C  N N 60  
ASP O    O  N N 61  
ASP CB   C  N N 62  
ASP CG   C  N N 63  
ASP OD1  O  N N 64  
ASP OD2  O  N N 65  
ASP OXT  O  N N 66  
ASP H    H  N N 67  
ASP H2   H  N N 68  
ASP HA   H  N N 69  
ASP HB2  H  N N 70  
ASP HB3  H  N N 71  
ASP HD2  H  N N 72  
ASP HXT  H  N N 73  
CYS N    N  N N 74  
CYS CA   C  N R 75  
CYS C    C  N N 76  
CYS O    O  N N 77  
CYS CB   C  N N 78  
CYS SG   S  N N 79  
CYS OXT  O  N N 80  
CYS H    H  N N 81  
CYS H2   H  N N 82  
CYS HA   H  N N 83  
CYS HB2  H  N N 84  
CYS HB3  H  N N 85  
CYS HG   H  N N 86  
CYS HXT  H  N N 87  
FRU C1   C  N N 88  
FRU C2   C  N R 89  
FRU C3   C  N S 90  
FRU C4   C  N S 91  
FRU C5   C  N R 92  
FRU C6   C  N N 93  
FRU O1   O  N N 94  
FRU O2   O  N N 95  
FRU O3   O  N N 96  
FRU O4   O  N N 97  
FRU O5   O  N N 98  
FRU O6   O  N N 99  
FRU H11  H  N N 100 
FRU H12  H  N N 101 
FRU H3   H  N N 102 
FRU H4   H  N N 103 
FRU H5   H  N N 104 
FRU H61  H  N N 105 
FRU H62  H  N N 106 
FRU HO1  H  N N 107 
FRU HO2  H  N N 108 
FRU HO3  H  N N 109 
FRU HO4  H  N N 110 
FRU HO6  H  N N 111 
GLC C1   C  N S 112 
GLC C2   C  N R 113 
GLC C3   C  N S 114 
GLC C4   C  N S 115 
GLC C5   C  N R 116 
GLC C6   C  N N 117 
GLC O1   O  N N 118 
GLC O2   O  N N 119 
GLC O3   O  N N 120 
GLC O4   O  N N 121 
GLC O5   O  N N 122 
GLC O6   O  N N 123 
GLC H1   H  N N 124 
GLC H2   H  N N 125 
GLC H3   H  N N 126 
GLC H4   H  N N 127 
GLC H5   H  N N 128 
GLC H61  H  N N 129 
GLC H62  H  N N 130 
GLC HO1  H  N N 131 
GLC HO2  H  N N 132 
GLC HO3  H  N N 133 
GLC HO4  H  N N 134 
GLC HO6  H  N N 135 
GLN N    N  N N 136 
GLN CA   C  N S 137 
GLN C    C  N N 138 
GLN O    O  N N 139 
GLN CB   C  N N 140 
GLN CG   C  N N 141 
GLN CD   C  N N 142 
GLN OE1  O  N N 143 
GLN NE2  N  N N 144 
GLN OXT  O  N N 145 
GLN H    H  N N 146 
GLN H2   H  N N 147 
GLN HA   H  N N 148 
GLN HB2  H  N N 149 
GLN HB3  H  N N 150 
GLN HG2  H  N N 151 
GLN HG3  H  N N 152 
GLN HE21 H  N N 153 
GLN HE22 H  N N 154 
GLN HXT  H  N N 155 
GLU N    N  N N 156 
GLU CA   C  N S 157 
GLU C    C  N N 158 
GLU O    O  N N 159 
GLU CB   C  N N 160 
GLU CG   C  N N 161 
GLU CD   C  N N 162 
GLU OE1  O  N N 163 
GLU OE2  O  N N 164 
GLU OXT  O  N N 165 
GLU H    H  N N 166 
GLU H2   H  N N 167 
GLU HA   H  N N 168 
GLU HB2  H  N N 169 
GLU HB3  H  N N 170 
GLU HG2  H  N N 171 
GLU HG3  H  N N 172 
GLU HE2  H  N N 173 
GLU HXT  H  N N 174 
GLY N    N  N N 175 
GLY CA   C  N N 176 
GLY C    C  N N 177 
GLY O    O  N N 178 
GLY OXT  O  N N 179 
GLY H    H  N N 180 
GLY H2   H  N N 181 
GLY HA2  H  N N 182 
GLY HA3  H  N N 183 
GLY HXT  H  N N 184 
HIS N    N  N N 185 
HIS CA   C  N S 186 
HIS C    C  N N 187 
HIS O    O  N N 188 
HIS CB   C  N N 189 
HIS CG   C  Y N 190 
HIS ND1  N  Y N 191 
HIS CD2  C  Y N 192 
HIS CE1  C  Y N 193 
HIS NE2  N  Y N 194 
HIS OXT  O  N N 195 
HIS H    H  N N 196 
HIS H2   H  N N 197 
HIS HA   H  N N 198 
HIS HB2  H  N N 199 
HIS HB3  H  N N 200 
HIS HD1  H  N N 201 
HIS HD2  H  N N 202 
HIS HE1  H  N N 203 
HIS HE2  H  N N 204 
HIS HXT  H  N N 205 
HOH O    O  N N 206 
HOH H1   H  N N 207 
HOH H2   H  N N 208 
ILE N    N  N N 209 
ILE CA   C  N S 210 
ILE C    C  N N 211 
ILE O    O  N N 212 
ILE CB   C  N S 213 
ILE CG1  C  N N 214 
ILE CG2  C  N N 215 
ILE CD1  C  N N 216 
ILE OXT  O  N N 217 
ILE H    H  N N 218 
ILE H2   H  N N 219 
ILE HA   H  N N 220 
ILE HB   H  N N 221 
ILE HG12 H  N N 222 
ILE HG13 H  N N 223 
ILE HG21 H  N N 224 
ILE HG22 H  N N 225 
ILE HG23 H  N N 226 
ILE HD11 H  N N 227 
ILE HD12 H  N N 228 
ILE HD13 H  N N 229 
ILE HXT  H  N N 230 
LEU N    N  N N 231 
LEU CA   C  N S 232 
LEU C    C  N N 233 
LEU O    O  N N 234 
LEU CB   C  N N 235 
LEU CG   C  N N 236 
LEU CD1  C  N N 237 
LEU CD2  C  N N 238 
LEU OXT  O  N N 239 
LEU H    H  N N 240 
LEU H2   H  N N 241 
LEU HA   H  N N 242 
LEU HB2  H  N N 243 
LEU HB3  H  N N 244 
LEU HG   H  N N 245 
LEU HD11 H  N N 246 
LEU HD12 H  N N 247 
LEU HD13 H  N N 248 
LEU HD21 H  N N 249 
LEU HD22 H  N N 250 
LEU HD23 H  N N 251 
LEU HXT  H  N N 252 
LYS N    N  N N 253 
LYS CA   C  N S 254 
LYS C    C  N N 255 
LYS O    O  N N 256 
LYS CB   C  N N 257 
LYS CG   C  N N 258 
LYS CD   C  N N 259 
LYS CE   C  N N 260 
LYS NZ   N  N N 261 
LYS OXT  O  N N 262 
LYS H    H  N N 263 
LYS H2   H  N N 264 
LYS HA   H  N N 265 
LYS HB2  H  N N 266 
LYS HB3  H  N N 267 
LYS HG2  H  N N 268 
LYS HG3  H  N N 269 
LYS HD2  H  N N 270 
LYS HD3  H  N N 271 
LYS HE2  H  N N 272 
LYS HE3  H  N N 273 
LYS HZ1  H  N N 274 
LYS HZ2  H  N N 275 
LYS HZ3  H  N N 276 
LYS HXT  H  N N 277 
MET N    N  N N 278 
MET CA   C  N S 279 
MET C    C  N N 280 
MET O    O  N N 281 
MET CB   C  N N 282 
MET CG   C  N N 283 
MET SD   S  N N 284 
MET CE   C  N N 285 
MET OXT  O  N N 286 
MET H    H  N N 287 
MET H2   H  N N 288 
MET HA   H  N N 289 
MET HB2  H  N N 290 
MET HB3  H  N N 291 
MET HG2  H  N N 292 
MET HG3  H  N N 293 
MET HE1  H  N N 294 
MET HE2  H  N N 295 
MET HE3  H  N N 296 
MET HXT  H  N N 297 
PHE N    N  N N 298 
PHE CA   C  N S 299 
PHE C    C  N N 300 
PHE O    O  N N 301 
PHE CB   C  N N 302 
PHE CG   C  Y N 303 
PHE CD1  C  Y N 304 
PHE CD2  C  Y N 305 
PHE CE1  C  Y N 306 
PHE CE2  C  Y N 307 
PHE CZ   C  Y N 308 
PHE OXT  O  N N 309 
PHE H    H  N N 310 
PHE H2   H  N N 311 
PHE HA   H  N N 312 
PHE HB2  H  N N 313 
PHE HB3  H  N N 314 
PHE HD1  H  N N 315 
PHE HD2  H  N N 316 
PHE HE1  H  N N 317 
PHE HE2  H  N N 318 
PHE HZ   H  N N 319 
PHE HXT  H  N N 320 
PRO N    N  N N 321 
PRO CA   C  N S 322 
PRO C    C  N N 323 
PRO O    O  N N 324 
PRO CB   C  N N 325 
PRO CG   C  N N 326 
PRO CD   C  N N 327 
PRO OXT  O  N N 328 
PRO H    H  N N 329 
PRO HA   H  N N 330 
PRO HB2  H  N N 331 
PRO HB3  H  N N 332 
PRO HG2  H  N N 333 
PRO HG3  H  N N 334 
PRO HD2  H  N N 335 
PRO HD3  H  N N 336 
PRO HXT  H  N N 337 
SER N    N  N N 338 
SER CA   C  N S 339 
SER C    C  N N 340 
SER O    O  N N 341 
SER CB   C  N N 342 
SER OG   O  N N 343 
SER OXT  O  N N 344 
SER H    H  N N 345 
SER H2   H  N N 346 
SER HA   H  N N 347 
SER HB2  H  N N 348 
SER HB3  H  N N 349 
SER HG   H  N N 350 
SER HXT  H  N N 351 
SO4 S    S  N N 352 
SO4 O1   O  N N 353 
SO4 O2   O  N N 354 
SO4 O3   O  N N 355 
SO4 O4   O  N N 356 
THR N    N  N N 357 
THR CA   C  N S 358 
THR C    C  N N 359 
THR O    O  N N 360 
THR CB   C  N R 361 
THR OG1  O  N N 362 
THR CG2  C  N N 363 
THR OXT  O  N N 364 
THR H    H  N N 365 
THR H2   H  N N 366 
THR HA   H  N N 367 
THR HB   H  N N 368 
THR HG1  H  N N 369 
THR HG21 H  N N 370 
THR HG22 H  N N 371 
THR HG23 H  N N 372 
THR HXT  H  N N 373 
TYR N    N  N N 374 
TYR CA   C  N S 375 
TYR C    C  N N 376 
TYR O    O  N N 377 
TYR CB   C  N N 378 
TYR CG   C  Y N 379 
TYR CD1  C  Y N 380 
TYR CD2  C  Y N 381 
TYR CE1  C  Y N 382 
TYR CE2  C  Y N 383 
TYR CZ   C  Y N 384 
TYR OH   O  N N 385 
TYR OXT  O  N N 386 
TYR H    H  N N 387 
TYR H2   H  N N 388 
TYR HA   H  N N 389 
TYR HB2  H  N N 390 
TYR HB3  H  N N 391 
TYR HD1  H  N N 392 
TYR HD2  H  N N 393 
TYR HE1  H  N N 394 
TYR HE2  H  N N 395 
TYR HH   H  N N 396 
TYR HXT  H  N N 397 
VAL N    N  N N 398 
VAL CA   C  N S 399 
VAL C    C  N N 400 
VAL O    O  N N 401 
VAL CB   C  N N 402 
VAL CG1  C  N N 403 
VAL CG2  C  N N 404 
VAL OXT  O  N N 405 
VAL H    H  N N 406 
VAL H2   H  N N 407 
VAL HA   H  N N 408 
VAL HB   H  N N 409 
VAL HG11 H  N N 410 
VAL HG12 H  N N 411 
VAL HG13 H  N N 412 
VAL HG21 H  N N 413 
VAL HG22 H  N N 414 
VAL HG23 H  N N 415 
VAL HXT  H  N N 416 
ZN  ZN   ZN N N 417 
# 
loop_
_chem_comp_bond.comp_id 
_chem_comp_bond.atom_id_1 
_chem_comp_bond.atom_id_2 
_chem_comp_bond.value_order 
_chem_comp_bond.pdbx_aromatic_flag 
_chem_comp_bond.pdbx_stereo_config 
_chem_comp_bond.pdbx_ordinal 
ALA N   CA   sing N N 1   
ALA N   H    sing N N 2   
ALA N   H2   sing N N 3   
ALA CA  C    sing N N 4   
ALA CA  CB   sing N N 5   
ALA CA  HA   sing N N 6   
ALA C   O    doub N N 7   
ALA C   OXT  sing N N 8   
ALA CB  HB1  sing N N 9   
ALA CB  HB2  sing N N 10  
ALA CB  HB3  sing N N 11  
ALA OXT HXT  sing N N 12  
ARG N   CA   sing N N 13  
ARG N   H    sing N N 14  
ARG N   H2   sing N N 15  
ARG CA  C    sing N N 16  
ARG CA  CB   sing N N 17  
ARG CA  HA   sing N N 18  
ARG C   O    doub N N 19  
ARG C   OXT  sing N N 20  
ARG CB  CG   sing N N 21  
ARG CB  HB2  sing N N 22  
ARG CB  HB3  sing N N 23  
ARG CG  CD   sing N N 24  
ARG CG  HG2  sing N N 25  
ARG CG  HG3  sing N N 26  
ARG CD  NE   sing N N 27  
ARG CD  HD2  sing N N 28  
ARG CD  HD3  sing N N 29  
ARG NE  CZ   sing N N 30  
ARG NE  HE   sing N N 31  
ARG CZ  NH1  sing N N 32  
ARG CZ  NH2  doub N N 33  
ARG NH1 HH11 sing N N 34  
ARG NH1 HH12 sing N N 35  
ARG NH2 HH21 sing N N 36  
ARG NH2 HH22 sing N N 37  
ARG OXT HXT  sing N N 38  
ASN N   CA   sing N N 39  
ASN N   H    sing N N 40  
ASN N   H2   sing N N 41  
ASN CA  C    sing N N 42  
ASN CA  CB   sing N N 43  
ASN CA  HA   sing N N 44  
ASN C   O    doub N N 45  
ASN C   OXT  sing N N 46  
ASN CB  CG   sing N N 47  
ASN CB  HB2  sing N N 48  
ASN CB  HB3  sing N N 49  
ASN CG  OD1  doub N N 50  
ASN CG  ND2  sing N N 51  
ASN ND2 HD21 sing N N 52  
ASN ND2 HD22 sing N N 53  
ASN OXT HXT  sing N N 54  
ASP N   CA   sing N N 55  
ASP N   H    sing N N 56  
ASP N   H2   sing N N 57  
ASP CA  C    sing N N 58  
ASP CA  CB   sing N N 59  
ASP CA  HA   sing N N 60  
ASP C   O    doub N N 61  
ASP C   OXT  sing N N 62  
ASP CB  CG   sing N N 63  
ASP CB  HB2  sing N N 64  
ASP CB  HB3  sing N N 65  
ASP CG  OD1  doub N N 66  
ASP CG  OD2  sing N N 67  
ASP OD2 HD2  sing N N 68  
ASP OXT HXT  sing N N 69  
CYS N   CA   sing N N 70  
CYS N   H    sing N N 71  
CYS N   H2   sing N N 72  
CYS CA  C    sing N N 73  
CYS CA  CB   sing N N 74  
CYS CA  HA   sing N N 75  
CYS C   O    doub N N 76  
CYS C   OXT  sing N N 77  
CYS CB  SG   sing N N 78  
CYS CB  HB2  sing N N 79  
CYS CB  HB3  sing N N 80  
CYS SG  HG   sing N N 81  
CYS OXT HXT  sing N N 82  
FRU C1  C2   sing N N 83  
FRU C1  O1   sing N N 84  
FRU C1  H11  sing N N 85  
FRU C1  H12  sing N N 86  
FRU C2  C3   sing N N 87  
FRU C2  O2   sing N N 88  
FRU C2  O5   sing N N 89  
FRU C3  C4   sing N N 90  
FRU C3  O3   sing N N 91  
FRU C3  H3   sing N N 92  
FRU C4  C5   sing N N 93  
FRU C4  O4   sing N N 94  
FRU C4  H4   sing N N 95  
FRU C5  C6   sing N N 96  
FRU C5  O5   sing N N 97  
FRU C5  H5   sing N N 98  
FRU C6  O6   sing N N 99  
FRU C6  H61  sing N N 100 
FRU C6  H62  sing N N 101 
FRU O1  HO1  sing N N 102 
FRU O2  HO2  sing N N 103 
FRU O3  HO3  sing N N 104 
FRU O4  HO4  sing N N 105 
FRU O6  HO6  sing N N 106 
GLC C1  C2   sing N N 107 
GLC C1  O1   sing N N 108 
GLC C1  O5   sing N N 109 
GLC C1  H1   sing N N 110 
GLC C2  C3   sing N N 111 
GLC C2  O2   sing N N 112 
GLC C2  H2   sing N N 113 
GLC C3  C4   sing N N 114 
GLC C3  O3   sing N N 115 
GLC C3  H3   sing N N 116 
GLC C4  C5   sing N N 117 
GLC C4  O4   sing N N 118 
GLC C4  H4   sing N N 119 
GLC C5  C6   sing N N 120 
GLC C5  O5   sing N N 121 
GLC C5  H5   sing N N 122 
GLC C6  O6   sing N N 123 
GLC C6  H61  sing N N 124 
GLC C6  H62  sing N N 125 
GLC O1  HO1  sing N N 126 
GLC O2  HO2  sing N N 127 
GLC O3  HO3  sing N N 128 
GLC O4  HO4  sing N N 129 
GLC O6  HO6  sing N N 130 
GLN N   CA   sing N N 131 
GLN N   H    sing N N 132 
GLN N   H2   sing N N 133 
GLN CA  C    sing N N 134 
GLN CA  CB   sing N N 135 
GLN CA  HA   sing N N 136 
GLN C   O    doub N N 137 
GLN C   OXT  sing N N 138 
GLN CB  CG   sing N N 139 
GLN CB  HB2  sing N N 140 
GLN CB  HB3  sing N N 141 
GLN CG  CD   sing N N 142 
GLN CG  HG2  sing N N 143 
GLN CG  HG3  sing N N 144 
GLN CD  OE1  doub N N 145 
GLN CD  NE2  sing N N 146 
GLN NE2 HE21 sing N N 147 
GLN NE2 HE22 sing N N 148 
GLN OXT HXT  sing N N 149 
GLU N   CA   sing N N 150 
GLU N   H    sing N N 151 
GLU N   H2   sing N N 152 
GLU CA  C    sing N N 153 
GLU CA  CB   sing N N 154 
GLU CA  HA   sing N N 155 
GLU C   O    doub N N 156 
GLU C   OXT  sing N N 157 
GLU CB  CG   sing N N 158 
GLU CB  HB2  sing N N 159 
GLU CB  HB3  sing N N 160 
GLU CG  CD   sing N N 161 
GLU CG  HG2  sing N N 162 
GLU CG  HG3  sing N N 163 
GLU CD  OE1  doub N N 164 
GLU CD  OE2  sing N N 165 
GLU OE2 HE2  sing N N 166 
GLU OXT HXT  sing N N 167 
GLY N   CA   sing N N 168 
GLY N   H    sing N N 169 
GLY N   H2   sing N N 170 
GLY CA  C    sing N N 171 
GLY CA  HA2  sing N N 172 
GLY CA  HA3  sing N N 173 
GLY C   O    doub N N 174 
GLY C   OXT  sing N N 175 
GLY OXT HXT  sing N N 176 
HIS N   CA   sing N N 177 
HIS N   H    sing N N 178 
HIS N   H2   sing N N 179 
HIS CA  C    sing N N 180 
HIS CA  CB   sing N N 181 
HIS CA  HA   sing N N 182 
HIS C   O    doub N N 183 
HIS C   OXT  sing N N 184 
HIS CB  CG   sing N N 185 
HIS CB  HB2  sing N N 186 
HIS CB  HB3  sing N N 187 
HIS CG  ND1  sing Y N 188 
HIS CG  CD2  doub Y N 189 
HIS ND1 CE1  doub Y N 190 
HIS ND1 HD1  sing N N 191 
HIS CD2 NE2  sing Y N 192 
HIS CD2 HD2  sing N N 193 
HIS CE1 NE2  sing Y N 194 
HIS CE1 HE1  sing N N 195 
HIS NE2 HE2  sing N N 196 
HIS OXT HXT  sing N N 197 
HOH O   H1   sing N N 198 
HOH O   H2   sing N N 199 
ILE N   CA   sing N N 200 
ILE N   H    sing N N 201 
ILE N   H2   sing N N 202 
ILE CA  C    sing N N 203 
ILE CA  CB   sing N N 204 
ILE CA  HA   sing N N 205 
ILE C   O    doub N N 206 
ILE C   OXT  sing N N 207 
ILE CB  CG1  sing N N 208 
ILE CB  CG2  sing N N 209 
ILE CB  HB   sing N N 210 
ILE CG1 CD1  sing N N 211 
ILE CG1 HG12 sing N N 212 
ILE CG1 HG13 sing N N 213 
ILE CG2 HG21 sing N N 214 
ILE CG2 HG22 sing N N 215 
ILE CG2 HG23 sing N N 216 
ILE CD1 HD11 sing N N 217 
ILE CD1 HD12 sing N N 218 
ILE CD1 HD13 sing N N 219 
ILE OXT HXT  sing N N 220 
LEU N   CA   sing N N 221 
LEU N   H    sing N N 222 
LEU N   H2   sing N N 223 
LEU CA  C    sing N N 224 
LEU CA  CB   sing N N 225 
LEU CA  HA   sing N N 226 
LEU C   O    doub N N 227 
LEU C   OXT  sing N N 228 
LEU CB  CG   sing N N 229 
LEU CB  HB2  sing N N 230 
LEU CB  HB3  sing N N 231 
LEU CG  CD1  sing N N 232 
LEU CG  CD2  sing N N 233 
LEU CG  HG   sing N N 234 
LEU CD1 HD11 sing N N 235 
LEU CD1 HD12 sing N N 236 
LEU CD1 HD13 sing N N 237 
LEU CD2 HD21 sing N N 238 
LEU CD2 HD22 sing N N 239 
LEU CD2 HD23 sing N N 240 
LEU OXT HXT  sing N N 241 
LYS N   CA   sing N N 242 
LYS N   H    sing N N 243 
LYS N   H2   sing N N 244 
LYS CA  C    sing N N 245 
LYS CA  CB   sing N N 246 
LYS CA  HA   sing N N 247 
LYS C   O    doub N N 248 
LYS C   OXT  sing N N 249 
LYS CB  CG   sing N N 250 
LYS CB  HB2  sing N N 251 
LYS CB  HB3  sing N N 252 
LYS CG  CD   sing N N 253 
LYS CG  HG2  sing N N 254 
LYS CG  HG3  sing N N 255 
LYS CD  CE   sing N N 256 
LYS CD  HD2  sing N N 257 
LYS CD  HD3  sing N N 258 
LYS CE  NZ   sing N N 259 
LYS CE  HE2  sing N N 260 
LYS CE  HE3  sing N N 261 
LYS NZ  HZ1  sing N N 262 
LYS NZ  HZ2  sing N N 263 
LYS NZ  HZ3  sing N N 264 
LYS OXT HXT  sing N N 265 
MET N   CA   sing N N 266 
MET N   H    sing N N 267 
MET N   H2   sing N N 268 
MET CA  C    sing N N 269 
MET CA  CB   sing N N 270 
MET CA  HA   sing N N 271 
MET C   O    doub N N 272 
MET C   OXT  sing N N 273 
MET CB  CG   sing N N 274 
MET CB  HB2  sing N N 275 
MET CB  HB3  sing N N 276 
MET CG  SD   sing N N 277 
MET CG  HG2  sing N N 278 
MET CG  HG3  sing N N 279 
MET SD  CE   sing N N 280 
MET CE  HE1  sing N N 281 
MET CE  HE2  sing N N 282 
MET CE  HE3  sing N N 283 
MET OXT HXT  sing N N 284 
PHE N   CA   sing N N 285 
PHE N   H    sing N N 286 
PHE N   H2   sing N N 287 
PHE CA  C    sing N N 288 
PHE CA  CB   sing N N 289 
PHE CA  HA   sing N N 290 
PHE C   O    doub N N 291 
PHE C   OXT  sing N N 292 
PHE CB  CG   sing N N 293 
PHE CB  HB2  sing N N 294 
PHE CB  HB3  sing N N 295 
PHE CG  CD1  doub Y N 296 
PHE CG  CD2  sing Y N 297 
PHE CD1 CE1  sing Y N 298 
PHE CD1 HD1  sing N N 299 
PHE CD2 CE2  doub Y N 300 
PHE CD2 HD2  sing N N 301 
PHE CE1 CZ   doub Y N 302 
PHE CE1 HE1  sing N N 303 
PHE CE2 CZ   sing Y N 304 
PHE CE2 HE2  sing N N 305 
PHE CZ  HZ   sing N N 306 
PHE OXT HXT  sing N N 307 
PRO N   CA   sing N N 308 
PRO N   CD   sing N N 309 
PRO N   H    sing N N 310 
PRO CA  C    sing N N 311 
PRO CA  CB   sing N N 312 
PRO CA  HA   sing N N 313 
PRO C   O    doub N N 314 
PRO C   OXT  sing N N 315 
PRO CB  CG   sing N N 316 
PRO CB  HB2  sing N N 317 
PRO CB  HB3  sing N N 318 
PRO CG  CD   sing N N 319 
PRO CG  HG2  sing N N 320 
PRO CG  HG3  sing N N 321 
PRO CD  HD2  sing N N 322 
PRO CD  HD3  sing N N 323 
PRO OXT HXT  sing N N 324 
SER N   CA   sing N N 325 
SER N   H    sing N N 326 
SER N   H2   sing N N 327 
SER CA  C    sing N N 328 
SER CA  CB   sing N N 329 
SER CA  HA   sing N N 330 
SER C   O    doub N N 331 
SER C   OXT  sing N N 332 
SER CB  OG   sing N N 333 
SER CB  HB2  sing N N 334 
SER CB  HB3  sing N N 335 
SER OG  HG   sing N N 336 
SER OXT HXT  sing N N 337 
SO4 S   O1   doub N N 338 
SO4 S   O2   doub N N 339 
SO4 S   O3   sing N N 340 
SO4 S   O4   sing N N 341 
THR N   CA   sing N N 342 
THR N   H    sing N N 343 
THR N   H2   sing N N 344 
THR CA  C    sing N N 345 
THR CA  CB   sing N N 346 
THR CA  HA   sing N N 347 
THR C   O    doub N N 348 
THR C   OXT  sing N N 349 
THR CB  OG1  sing N N 350 
THR CB  CG2  sing N N 351 
THR CB  HB   sing N N 352 
THR OG1 HG1  sing N N 353 
THR CG2 HG21 sing N N 354 
THR CG2 HG22 sing N N 355 
THR CG2 HG23 sing N N 356 
THR OXT HXT  sing N N 357 
TYR N   CA   sing N N 358 
TYR N   H    sing N N 359 
TYR N   H2   sing N N 360 
TYR CA  C    sing N N 361 
TYR CA  CB   sing N N 362 
TYR CA  HA   sing N N 363 
TYR C   O    doub N N 364 
TYR C   OXT  sing N N 365 
TYR CB  CG   sing N N 366 
TYR CB  HB2  sing N N 367 
TYR CB  HB3  sing N N 368 
TYR CG  CD1  doub Y N 369 
TYR CG  CD2  sing Y N 370 
TYR CD1 CE1  sing Y N 371 
TYR CD1 HD1  sing N N 372 
TYR CD2 CE2  doub Y N 373 
TYR CD2 HD2  sing N N 374 
TYR CE1 CZ   doub Y N 375 
TYR CE1 HE1  sing N N 376 
TYR CE2 CZ   sing Y N 377 
TYR CE2 HE2  sing N N 378 
TYR CZ  OH   sing N N 379 
TYR OH  HH   sing N N 380 
TYR OXT HXT  sing N N 381 
VAL N   CA   sing N N 382 
VAL N   H    sing N N 383 
VAL N   H2   sing N N 384 
VAL CA  C    sing N N 385 
VAL CA  CB   sing N N 386 
VAL CA  HA   sing N N 387 
VAL C   O    doub N N 388 
VAL C   OXT  sing N N 389 
VAL CB  CG1  sing N N 390 
VAL CB  CG2  sing N N 391 
VAL CB  HB   sing N N 392 
VAL CG1 HG11 sing N N 393 
VAL CG1 HG12 sing N N 394 
VAL CG1 HG13 sing N N 395 
VAL CG2 HG21 sing N N 396 
VAL CG2 HG22 sing N N 397 
VAL CG2 HG23 sing N N 398 
VAL OXT HXT  sing N N 399 
# 
loop_
_pdbx_entity_branch_list.entity_id 
_pdbx_entity_branch_list.comp_id 
_pdbx_entity_branch_list.num 
_pdbx_entity_branch_list.hetero 
2 GLC 1 n 
2 FRU 2 n 
# 
_atom_sites.entry_id                    2XEU 
_atom_sites.fract_transf_matrix[1][1]   -0.00450998 
_atom_sites.fract_transf_matrix[1][2]   0.00675779 
_atom_sites.fract_transf_matrix[1][3]   0.01111903 
_atom_sites.fract_transf_matrix[2][1]   -0.01160654 
_atom_sites.fract_transf_matrix[2][2]   0.00322973 
_atom_sites.fract_transf_matrix[2][3]   -0.00667065 
_atom_sites.fract_transf_matrix[3][1]   -0.00588122 
_atom_sites.fract_transf_matrix[3][2]   -0.01155602 
_atom_sites.fract_transf_matrix[3][3]   0.00463790 
_atom_sites.fract_transf_vector[1]      0.659391 
_atom_sites.fract_transf_vector[2]      0.505157 
_atom_sites.fract_transf_vector[3]      0.361607 
# 
loop_
_atom_type.symbol 
C  
N  
O  
S  
ZN 
# 
loop_
_atom_site.group_PDB 
_atom_site.id 
_atom_site.type_symbol 
_atom_site.label_atom_id 
_atom_site.label_alt_id 
_atom_site.label_comp_id 
_atom_site.label_asym_id 
_atom_site.label_entity_id 
_atom_site.label_seq_id 
_atom_site.pdbx_PDB_ins_code 
_atom_site.Cartn_x 
_atom_site.Cartn_y 
_atom_site.Cartn_z 
_atom_site.occupancy 
_atom_site.B_iso_or_equiv 
_atom_site.pdbx_formal_charge 
_atom_site.auth_seq_id 
_atom_site.auth_comp_id 
_atom_site.auth_asym_id 
_atom_site.auth_atom_id 
_atom_site.pdbx_PDB_model_num 
ATOM   1   N  N   . GLY A 1 1  ? -14.868 5.459   4.038   1.00 22.32 ? 1    GLY A N   1 
ATOM   2   C  CA  . GLY A 1 1  ? -14.512 4.403   5.010   1.00 23.37 ? 1    GLY A CA  1 
ATOM   3   C  C   . GLY A 1 1  ? -14.567 3.022   4.401   1.00 22.76 ? 1    GLY A C   1 
ATOM   4   O  O   . GLY A 1 1  ? -15.404 2.730   3.544   1.00 25.17 ? 1    GLY A O   1 
ATOM   5   N  N   . ALA A 1 2  ? -13.667 2.168   4.853   1.00 23.51 ? 2    ALA A N   1 
ATOM   6   C  CA  . ALA A 1 2  ? -13.576 0.815   4.370   1.00 24.11 ? 2    ALA A CA  1 
ATOM   7   C  C   . ALA A 1 2  ? -12.954 -0.026  5.455   1.00 24.56 ? 2    ALA A C   1 
ATOM   8   O  O   . ALA A 1 2  ? -12.430 0.498   6.447   1.00 24.46 ? 2    ALA A O   1 
ATOM   9   C  CB  . ALA A 1 2  ? -12.702 0.762   3.115   1.00 22.69 ? 2    ALA A CB  1 
ATOM   10  N  N   . MET A 1 3  ? -13.028 -1.331  5.275   1.00 24.08 ? 3    MET A N   1 
ATOM   11  C  CA  A MET A 1 3  ? -12.346 -2.273  6.148   0.50 24.71 ? 3    MET A CA  1 
ATOM   12  C  CA  B MET A 1 3  ? -12.340 -2.256  6.152   0.50 24.88 ? 3    MET A CA  1 
ATOM   13  C  C   . MET A 1 3  ? -11.404 -3.068  5.269   1.00 24.41 ? 3    MET A C   1 
ATOM   14  O  O   . MET A 1 3  ? -11.822 -3.995  4.580   1.00 26.38 ? 3    MET A O   1 
ATOM   15  C  CB  A MET A 1 3  ? -13.335 -3.204  6.844   0.50 27.04 ? 3    MET A CB  1 
ATOM   16  C  CB  B MET A 1 3  ? -13.333 -3.141  6.899   0.50 28.30 ? 3    MET A CB  1 
ATOM   17  C  CG  A MET A 1 3  ? -14.471 -2.477  7.528   0.50 27.96 ? 3    MET A CG  1 
ATOM   18  C  CG  B MET A 1 3  ? -12.782 -3.726  8.179   0.50 30.47 ? 3    MET A CG  1 
ATOM   19  S  SD  A MET A 1 3  ? -15.437 -3.560  8.587   0.50 31.84 ? 3    MET A SD  1 
ATOM   20  S  SD  B MET A 1 3  ? -12.690 -2.586  9.569   0.50 35.93 ? 3    MET A SD  1 
ATOM   21  C  CE  A MET A 1 3  ? -14.421 -3.560  10.061  0.50 32.64 ? 3    MET A CE  1 
ATOM   22  C  CE  B MET A 1 3  ? -14.327 -2.769  10.269  0.50 38.66 ? 3    MET A CE  1 
ATOM   23  N  N   . VAL A 1 4  ? -10.157 -2.636  5.262   1.00 23.11 ? 4    VAL A N   1 
ATOM   24  C  CA  A VAL A 1 4  ? -9.082  -3.326  4.570   0.50 22.10 ? 4    VAL A CA  1 
ATOM   25  C  CA  B VAL A 1 4  ? -9.075  -3.277  4.542   0.50 22.10 ? 4    VAL A CA  1 
ATOM   26  C  C   . VAL A 1 4  ? -7.873  -3.224  5.465   1.00 21.87 ? 4    VAL A C   1 
ATOM   27  O  O   . VAL A 1 4  ? -7.756  -2.295  6.258   1.00 22.57 ? 4    VAL A O   1 
ATOM   28  C  CB  A VAL A 1 4  ? -8.736  -2.703  3.196   0.50 21.65 ? 4    VAL A CB  1 
ATOM   29  C  CB  B VAL A 1 4  ? -8.737  -2.511  3.247   0.50 22.64 ? 4    VAL A CB  1 
ATOM   30  C  CG1 A VAL A 1 4  ? -9.891  -2.863  2.223   0.50 25.13 ? 4    VAL A CG1 1 
ATOM   31  C  CG1 B VAL A 1 4  ? -7.764  -3.303  2.407   0.50 24.57 ? 4    VAL A CG1 1 
ATOM   32  C  CG2 A VAL A 1 4  ? -8.329  -1.240  3.348   0.50 21.85 ? 4    VAL A CG2 1 
ATOM   33  C  CG2 B VAL A 1 4  ? -10.000 -2.204  2.451   0.50 25.39 ? 4    VAL A CG2 1 
ATOM   34  N  N   . SER A 1 5  ? -6.986  -4.200  5.355   1.00 21.47 ? 5    SER A N   1 
ATOM   35  C  CA  . SER A 1 5  ? -5.781  -4.211  6.166   1.00 22.28 ? 5    SER A CA  1 
ATOM   36  C  C   . SER A 1 5  ? -4.551  -4.249  5.271   1.00 20.92 ? 5    SER A C   1 
ATOM   37  O  O   . SER A 1 5  ? -4.575  -4.863  4.203   1.00 22.38 ? 5    SER A O   1 
ATOM   38  C  CB  . SER A 1 5  ? -5.782  -5.425  7.088   1.00 23.82 ? 5    SER A CB  1 
ATOM   39  O  OG  . SER A 1 5  ? -6.905  -5.414  7.953   1.00 28.20 ? 5    SER A OG  1 
ATOM   40  N  N   . CYS A 1 6  ? -3.486  -3.580  5.711   1.00 20.02 ? 6    CYS A N   1 
ATOM   41  C  CA  . CYS A 1 6  ? -2.195  -3.603  5.018   1.00 19.30 ? 6    CYS A CA  1 
ATOM   42  C  C   . CYS A 1 6  ? -1.470  -4.881  5.413   1.00 19.50 ? 6    CYS A C   1 
ATOM   43  O  O   . CYS A 1 6  ? -1.294  -5.140  6.590   1.00 21.45 ? 6    CYS A O   1 
ATOM   44  C  CB  . CYS A 1 6  ? -1.345  -2.385  5.403   1.00 20.31 ? 6    CYS A CB  1 
ATOM   45  S  SG  . CYS A 1 6  ? 0.356   -2.421  4.726   1.00 19.67 ? 6    CYS A SG  1 
ATOM   46  N  N   . PRO A 1 7  ? -1.035  -5.681  4.432   1.00 18.71 ? 7    PRO A N   1 
ATOM   47  C  CA  . PRO A 1 7  ? -0.390  -6.935  4.798   1.00 19.26 ? 7    PRO A CA  1 
ATOM   48  C  C   . PRO A 1 7  ? 1.017   -6.828  5.404   1.00 20.23 ? 7    PRO A C   1 
ATOM   49  O  O   . PRO A 1 7  ? 1.496   -7.819  5.965   1.00 22.14 ? 7    PRO A O   1 
ATOM   50  C  CB  . PRO A 1 7  ? -0.320  -7.688  3.475   1.00 19.91 ? 7    PRO A CB  1 
ATOM   51  C  CG  . PRO A 1 7  ? -0.305  -6.648  2.452   1.00 20.40 ? 7    PRO A CG  1 
ATOM   52  C  CD  . PRO A 1 7  ? -1.144  -5.533  2.974   1.00 18.58 ? 7    PRO A CD  1 
ATOM   53  N  N   . ILE A 1 8  ? 1.666   -5.667  5.282   1.00 20.23 ? 8    ILE A N   1 
ATOM   54  C  CA  . ILE A 1 8  ? 3.029   -5.479  5.786   1.00 21.06 ? 8    ILE A CA  1 
ATOM   55  C  C   . ILE A 1 8  ? 3.009   -5.048  7.256   1.00 22.74 ? 8    ILE A C   1 
ATOM   56  O  O   . ILE A 1 8  ? 3.647   -5.680  8.088   1.00 24.73 ? 8    ILE A O   1 
ATOM   57  C  CB  . ILE A 1 8  ? 3.842   -4.472  4.923   1.00 21.75 ? 8    ILE A CB  1 
ATOM   58  C  CG1 . ILE A 1 8  ? 4.016   -5.006  3.497   1.00 21.26 ? 8    ILE A CG1 1 
ATOM   59  C  CG2 . ILE A 1 8  ? 5.197   -4.200  5.542   1.00 22.89 ? 8    ILE A CG2 1 
ATOM   60  C  CD1 . ILE A 1 8  ? 4.685   -4.027  2.529   1.00 22.47 ? 8    ILE A CD1 1 
ATOM   61  N  N   . CYS A 1 9  ? 2.272   -3.980  7.582   1.00 23.22 ? 9    CYS A N   1 
ATOM   62  C  CA  . CYS A 1 9  ? 2.134   -3.556  8.983   1.00 24.29 ? 9    CYS A CA  1 
ATOM   63  C  C   . CYS A 1 9  ? 0.975   -4.259  9.709   1.00 23.47 ? 9    CYS A C   1 
ATOM   64  O  O   . CYS A 1 9  ? 0.946   -4.294  10.942  1.00 27.06 ? 9    CYS A O   1 
ATOM   65  C  CB  . CYS A 1 9  ? 1.994   -2.035  9.072   1.00 24.55 ? 9    CYS A CB  1 
ATOM   66  S  SG  . CYS A 1 9  ? 0.516   -1.351  8.314   1.00 25.58 ? 9    CYS A SG  1 
ATOM   67  N  N   . MET A 1 10 ? 0.039   -4.823  8.947   1.00 22.92 ? 10   MET A N   1 
ATOM   68  C  CA  . MET A 1 10 ? -1.163  -5.507  9.471   1.00 23.93 ? 10   MET A CA  1 
ATOM   69  C  C   . MET A 1 10 ? -2.119  -4.599  10.260  1.00 24.75 ? 10   MET A C   1 
ATOM   70  O  O   . MET A 1 10 ? -2.986  -5.088  10.974  1.00 28.48 ? 10   MET A O   1 
ATOM   71  C  CB  . MET A 1 10 ? -0.801  -6.790  10.236  1.00 25.71 ? 10   MET A CB  1 
ATOM   72  C  CG  . MET A 1 10 ? -0.424  -7.943  9.293   1.00 24.79 ? 10   MET A CG  1 
ATOM   73  S  SD  . MET A 1 10 ? 0.649   -9.160  10.047  1.00 25.60 ? 10   MET A SD  1 
ATOM   74  C  CE  . MET A 1 10 ? 2.215   -8.317  9.891   1.00 25.82 ? 10   MET A CE  1 
ATOM   75  N  N   . ASP A 1 11 ? -1.991  -3.284  10.065  1.00 25.17 ? 11   ASP A N   1 
ATOM   76  C  CA  . ASP A 1 11 ? -2.979  -2.312  10.556  1.00 24.72 ? 11   ASP A CA  1 
ATOM   77  C  C   . ASP A 1 11 ? -4.233  -2.352  9.702   1.00 22.84 ? 11   ASP A C   1 
ATOM   78  O  O   . ASP A 1 11 ? -4.181  -2.603  8.496   1.00 23.54 ? 11   ASP A O   1 
ATOM   79  C  CB  . ASP A 1 11 ? -2.455  -0.870  10.501  1.00 25.59 ? 11   ASP A CB  1 
ATOM   80  C  CG  . ASP A 1 11 ? -1.427  -0.550  11.583  1.00 29.87 ? 11   ASP A CG  1 
ATOM   81  O  OD1 . ASP A 1 11 ? -1.384  -1.240  12.621  1.00 33.00 ? 11   ASP A OD1 1 
ATOM   82  O  OD2 . ASP A 1 11 ? -0.664  0.424   11.382  1.00 32.21 ? 11   ASP A OD2 1 
ATOM   83  N  N   . GLY A 1 12 ? -5.358  -2.051  10.330  1.00 24.50 ? 12   GLY A N   1 
ATOM   84  C  CA  . GLY A 1 12 ? -6.625  -1.906  9.639   1.00 23.20 ? 12   GLY A CA  1 
ATOM   85  C  C   . GLY A 1 12 ? -6.788  -0.488  9.134   1.00 21.97 ? 12   GLY A C   1 
ATOM   86  O  O   . GLY A 1 12 ? -6.027  0.411   9.484   1.00 23.55 ? 12   GLY A O   1 
ATOM   87  N  N   . TYR A 1 13 ? -7.802  -0.298  8.310   1.00 21.55 ? 13   TYR A N   1 
ATOM   88  C  CA  . TYR A 1 13 ? -8.068  0.983   7.659   1.00 21.45 ? 13   TYR A CA  1 
ATOM   89  C  C   . TYR A 1 13 ? -8.136  2.126   8.653   1.00 22.65 ? 13   TYR A C   1 
ATOM   90  O  O   . TYR A 1 13 ? -7.536  3.167   8.431   1.00 22.71 ? 13   TYR A O   1 
ATOM   91  C  CB  . TYR A 1 13 ? -9.389  0.887   6.910   1.00 20.45 ? 13   TYR A CB  1 
ATOM   92  C  CG  . TYR A 1 13 ? -9.873  2.171   6.269   1.00 19.52 ? 13   TYR A CG  1 
ATOM   93  C  CD1 . TYR A 1 13 ? -9.549  2.482   4.953   1.00 18.27 ? 13   TYR A CD1 1 
ATOM   94  C  CD2 . TYR A 1 13 ? -10.673 3.062   6.976   1.00 20.90 ? 13   TYR A CD2 1 
ATOM   95  C  CE1 . TYR A 1 13 ? -10.008 3.647   4.364   1.00 18.13 ? 13   TYR A CE1 1 
ATOM   96  C  CE2 . TYR A 1 13 ? -11.129 4.224   6.402   1.00 20.69 ? 13   TYR A CE2 1 
ATOM   97  C  CZ  . TYR A 1 13 ? -10.790 4.521   5.098   1.00 18.71 ? 13   TYR A CZ  1 
ATOM   98  O  OH  . TYR A 1 13 ? -11.279 5.677   4.528   1.00 20.07 ? 13   TYR A OH  1 
ATOM   99  N  N   . SER A 1 14 ? -8.875  1.917   9.740   1.00 25.44 ? 14   SER A N   1 
ATOM   100 C  CA  . SER A 1 14 ? -9.024  2.926   10.786  1.00 28.58 ? 14   SER A CA  1 
ATOM   101 C  C   . SER A 1 14 ? -7.672  3.438   11.281  1.00 28.06 ? 14   SER A C   1 
ATOM   102 O  O   . SER A 1 14 ? -7.470  4.641   11.363  1.00 29.84 ? 14   SER A O   1 
ATOM   103 C  CB  . SER A 1 14 ? -9.836  2.372   11.964  1.00 32.14 ? 14   SER A CB  1 
ATOM   104 O  OG  . SER A 1 14 ? -11.201 2.211   11.611  1.00 38.51 ? 14   SER A OG  1 
ATOM   105 N  N   . GLU A 1 15 ? -6.753  2.520   11.581  1.00 28.18 ? 15   GLU A N   1 
ATOM   106 C  CA  . GLU A 1 15 ? -5.418  2.876   12.095  1.00 29.55 ? 15   GLU A CA  1 
ATOM   107 C  C   . GLU A 1 15 ? -4.549  3.546   11.026  1.00 26.72 ? 15   GLU A C   1 
ATOM   108 O  O   . GLU A 1 15 ? -3.756  4.425   11.321  1.00 29.14 ? 15   GLU A O   1 
ATOM   109 C  CB  . GLU A 1 15 ? -4.686  1.638   12.628  1.00 30.96 ? 15   GLU A CB  1 
ATOM   110 C  CG  . GLU A 1 15 ? -5.288  1.019   13.890  1.00 35.46 ? 15   GLU A CG  1 
ATOM   111 C  CD  . GLU A 1 15 ? -6.501  0.122   13.630  1.00 37.92 ? 15   GLU A CD  1 
ATOM   112 O  OE1 . GLU A 1 15 ? -6.840  -0.135  12.449  1.00 38.33 ? 15   GLU A OE1 1 
ATOM   113 O  OE2 . GLU A 1 15 ? -7.118  -0.328  14.621  1.00 45.72 ? 15   GLU A OE2 1 
ATOM   114 N  N   . ILE A 1 16 ? -4.697  3.115   9.780   1.00 23.89 ? 16   ILE A N   1 
ATOM   115 C  CA  . ILE A 1 16 ? -3.935  3.682   8.664   1.00 23.12 ? 16   ILE A CA  1 
ATOM   116 C  C   . ILE A 1 16 ? -4.332  5.134   8.405   1.00 23.34 ? 16   ILE A C   1 
ATOM   117 O  O   . ILE A 1 16 ? -3.485  6.018   8.318   1.00 23.82 ? 16   ILE A O   1 
ATOM   118 C  CB  . ILE A 1 16 ? -4.156  2.852   7.373   1.00 20.95 ? 16   ILE A CB  1 
ATOM   119 C  CG1 . ILE A 1 16 ? -3.520  1.469   7.516   1.00 20.98 ? 16   ILE A CG1 1 
ATOM   120 C  CG2 . ILE A 1 16 ? -3.571  3.550   6.159   1.00 22.44 ? 16   ILE A CG2 1 
ATOM   121 C  CD1 . ILE A 1 16 ? -3.989  0.485   6.464   1.00 20.99 ? 16   ILE A CD1 1 
ATOM   122 N  N   . VAL A 1 17 ? -5.630  5.375   8.282   1.00 24.17 ? 17   VAL A N   1 
ATOM   123 C  CA  . VAL A 1 17 ? -6.105  6.718   7.967   1.00 25.65 ? 17   VAL A CA  1 
ATOM   124 C  C   . VAL A 1 17 ? -6.006  7.659   9.187   1.00 27.32 ? 17   VAL A C   1 
ATOM   125 O  O   . VAL A 1 17 ? -5.789  8.850   9.021   1.00 28.42 ? 17   VAL A O   1 
ATOM   126 C  CB  . VAL A 1 17 ? -7.531  6.717   7.345   1.00 25.66 ? 17   VAL A CB  1 
ATOM   127 C  CG1 . VAL A 1 17 ? -7.562  5.839   6.100   1.00 26.17 ? 17   VAL A CG1 1 
ATOM   128 C  CG2 . VAL A 1 17 ? -8.575  6.276   8.356   1.00 28.02 ? 17   VAL A CG2 1 
ATOM   129 N  N   . GLN A 1 18 ? -6.127  7.122   10.405  1.00 29.49 ? 18   GLN A N   1 
ATOM   130 C  CA  . GLN A 1 18 ? -5.938  7.933   11.632  1.00 32.91 ? 18   GLN A CA  1 
ATOM   131 C  C   . GLN A 1 18 ? -4.544  8.566   11.680  1.00 33.26 ? 18   GLN A C   1 
ATOM   132 O  O   . GLN A 1 18 ? -4.361  9.657   12.236  1.00 34.91 ? 18   GLN A O   1 
ATOM   133 C  CB  . GLN A 1 18 ? -6.147  7.076   12.894  1.00 36.52 ? 18   GLN A CB  1 
ATOM   134 C  CG  . GLN A 1 18 ? -5.981  7.821   14.236  1.00 41.66 ? 18   GLN A CG  1 
ATOM   135 C  CD  . GLN A 1 18 ? -5.817  6.889   15.439  1.00 47.06 ? 18   GLN A CD  1 
ATOM   136 O  OE1 . GLN A 1 18 ? -5.380  5.738   15.308  1.00 50.54 ? 18   GLN A OE1 1 
ATOM   137 N  NE2 . GLN A 1 18 ? -6.152  7.397   16.624  1.00 54.75 ? 18   GLN A NE2 1 
ATOM   138 N  N   . ASN A 1 19 ? -3.575  7.849   11.116  1.00 32.48 ? 19   ASN A N   1 
ATOM   139 C  CA  . ASN A 1 19 ? -2.165  8.224   11.080  1.00 33.87 ? 19   ASN A CA  1 
ATOM   140 C  C   . ASN A 1 19 ? -1.776  9.044   9.826   1.00 32.03 ? 19   ASN A C   1 
ATOM   141 O  O   . ASN A 1 19 ? -0.598  9.220   9.544   1.00 30.74 ? 19   ASN A O   1 
ATOM   142 C  CB  . ASN A 1 19 ? -1.353  6.913   11.109  1.00 35.34 ? 19   ASN A CB  1 
ATOM   143 C  CG  . ASN A 1 19 ? 0.101   7.110   11.479  1.00 39.75 ? 19   ASN A CG  1 
ATOM   144 O  OD1 . ASN A 1 19 ? 0.994   6.653   10.762  1.00 40.97 ? 19   ASN A OD1 1 
ATOM   145 N  ND2 . ASN A 1 19 ? 0.351   7.769   12.609  1.00 43.95 ? 19   ASN A ND2 1 
ATOM   146 N  N   . GLY A 1 20 ? -2.754  9.503   9.046   1.00 29.87 ? 20   GLY A N   1 
ATOM   147 C  CA  . GLY A 1 20 ? -2.464  10.319  7.857   1.00 29.23 ? 20   GLY A CA  1 
ATOM   148 C  C   . GLY A 1 20 ? -1.900  9.591   6.639   1.00 27.74 ? 20   GLY A C   1 
ATOM   149 O  O   . GLY A 1 20 ? -1.430  10.224  5.688   1.00 29.73 ? 20   GLY A O   1 
ATOM   150 N  N   . ARG A 1 21 ? -1.942  8.264   6.661   1.00 25.93 ? 21   ARG A N   1 
ATOM   151 C  CA  . ARG A 1 21 ? -1.474  7.472   5.529   1.00 23.95 ? 21   ARG A CA  1 
ATOM   152 C  C   . ARG A 1 21 ? -2.592  7.315   4.514   1.00 22.43 ? 21   ARG A C   1 
ATOM   153 O  O   . ARG A 1 21 ? -3.773  7.513   4.825   1.00 22.44 ? 21   ARG A O   1 
ATOM   154 C  CB  . ARG A 1 21 ? -0.961  6.109   5.996   1.00 24.38 ? 21   ARG A CB  1 
ATOM   155 C  CG  . ARG A 1 21 ? 0.389   6.180   6.687   1.00 26.77 ? 21   ARG A CG  1 
ATOM   156 C  CD  . ARG A 1 21 ? 0.786   4.846   7.309   1.00 28.09 ? 21   ARG A CD  1 
ATOM   157 N  NE  . ARG A 1 21 ? 0.010   4.535   8.504   1.00 30.71 ? 21   ARG A NE  1 
ATOM   158 C  CZ  . ARG A 1 21 ? -0.081  3.330   9.066   1.00 29.79 ? 21   ARG A CZ  1 
ATOM   159 N  NH1 . ARG A 1 21 ? 0.530   2.275   8.538   1.00 30.19 ? 21   ARG A NH1 1 
ATOM   160 N  NH2 . ARG A 1 21 ? -0.814  3.170   10.161  1.00 31.24 ? 21   ARG A NH2 1 
ATOM   161 N  N   . LEU A 1 22 ? -2.198  6.994   3.286   1.00 24.90 ? 22   LEU A N   1 
ATOM   162 C  CA  . LEU A 1 22 ? -3.131  6.671   2.221   1.00 22.81 ? 22   LEU A CA  1 
ATOM   163 C  C   . LEU A 1 22 ? -3.230  5.169   2.070   1.00 21.27 ? 22   LEU A C   1 
ATOM   164 O  O   . LEU A 1 22 ? -2.290  4.442   2.382   1.00 20.46 ? 22   LEU A O   1 
ATOM   165 C  CB  . LEU A 1 22 ? -2.657  7.265   0.893   1.00 22.99 ? 22   LEU A CB  1 
ATOM   166 C  CG  . LEU A 1 22 ? -2.589  8.787   0.800   1.00 26.36 ? 22   LEU A CG  1 
ATOM   167 C  CD1 . LEU A 1 22 ? -1.731  9.223   -0.381  1.00 27.04 ? 22   LEU A CD1 1 
ATOM   168 C  CD2 . LEU A 1 22 ? -3.987  9.350   0.676   1.00 31.48 ? 22   LEU A CD2 1 
ATOM   169 N  N   . ILE A 1 23 ? -4.372  4.703   1.589   1.00 18.72 ? 23   ILE A N   1 
ATOM   170 C  CA  . ILE A 1 23 ? -4.455  3.351   1.060   1.00 17.43 ? 23   ILE A CA  1 
ATOM   171 C  C   . ILE A 1 23 ? -3.973  3.447   -0.388  1.00 15.79 ? 23   ILE A C   1 
ATOM   172 O  O   . ILE A 1 23 ? -4.400  4.330   -1.127  1.00 16.64 ? 23   ILE A O   1 
ATOM   173 C  CB  . ILE A 1 23 ? -5.886  2.782   1.105   1.00 17.95 ? 23   ILE A CB  1 
ATOM   174 C  CG1 . ILE A 1 23 ? -6.539  2.954   2.484   1.00 19.60 ? 23   ILE A CG1 1 
ATOM   175 C  CG2 . ILE A 1 23 ? -5.873  1.309   0.705   1.00 17.18 ? 23   ILE A CG2 1 
ATOM   176 C  CD1 . ILE A 1 23 ? -5.846  2.241   3.589   1.00 21.34 ? 23   ILE A CD1 1 
ATOM   177 N  N   . VAL A 1 24 ? -3.074  2.557   -0.788  1.00 15.57 ? 24   VAL A N   1 
ATOM   178 C  CA  . VAL A 1 24 ? -2.547  2.562   -2.147  1.00 14.79 ? 24   VAL A CA  1 
ATOM   179 C  C   . VAL A 1 24 ? -2.649  1.187   -2.770  1.00 12.80 ? 24   VAL A C   1 
ATOM   180 O  O   . VAL A 1 24 ? -2.689  0.178   -2.066  1.00 14.45 ? 24   VAL A O   1 
ATOM   181 C  CB  . VAL A 1 24 ? -1.083  3.044   -2.191  1.00 15.47 ? 24   VAL A CB  1 
ATOM   182 C  CG1 . VAL A 1 24 ? -0.961  4.453   -1.594  1.00 18.80 ? 24   VAL A CG1 1 
ATOM   183 C  CG2 . VAL A 1 24 ? -0.152  2.082   -1.473  1.00 16.98 ? 24   VAL A CG2 1 
ATOM   184 N  N   . SER A 1 25 ? -2.716  1.165   -4.094  1.00 13.43 ? 25   SER A N   1 
ATOM   185 C  CA  . SER A 1 25 ? -2.654  -0.071  -4.864  1.00 13.09 ? 25   SER A CA  1 
ATOM   186 C  C   . SER A 1 25 ? -1.529  0.025   -5.880  1.00 13.18 ? 25   SER A C   1 
ATOM   187 O  O   . SER A 1 25 ? -1.345  1.056   -6.520  1.00 14.48 ? 25   SER A O   1 
ATOM   188 C  CB  . SER A 1 25 ? -3.954  -0.317  -5.631  1.00 13.02 ? 25   SER A CB  1 
ATOM   189 O  OG  . SER A 1 25 ? -3.900  -1.530  -6.362  1.00 15.11 ? 25   SER A OG  1 
ATOM   190 N  N   . THR A 1 26 ? -0.791  -1.061  -6.046  1.00 13.26 ? 26   THR A N   1 
ATOM   191 C  CA  . THR A 1 26 ? 0.049   -1.226  -7.224  1.00 14.10 ? 26   THR A CA  1 
ATOM   192 C  C   . THR A 1 26 ? -0.818  -1.453  -8.461  1.00 15.26 ? 26   THR A C   1 
ATOM   193 O  O   . THR A 1 26 ? -1.980  -1.820  -8.354  1.00 14.74 ? 26   THR A O   1 
ATOM   194 C  CB  . THR A 1 26 ? 0.973   -2.417  -7.050  1.00 13.75 ? 26   THR A CB  1 
ATOM   195 O  OG1 . THR A 1 26 ? 0.189   -3.612  -6.953  1.00 14.63 ? 26   THR A OG1 1 
ATOM   196 C  CG2 . THR A 1 26 ? 1.845   -2.236  -5.796  1.00 15.02 ? 26   THR A CG2 1 
ATOM   197 N  N   . GLU A 1 27 ? -0.245  -1.286  -9.644  1.00 17.09 ? 27   GLU A N   1 
ATOM   198 C  CA  . GLU A 1 27 ? -0.995  -1.562  -10.871 1.00 19.34 ? 27   GLU A CA  1 
ATOM   199 C  C   . GLU A 1 27 ? -1.269  -3.059  -11.041 1.00 18.70 ? 27   GLU A C   1 
ATOM   200 O  O   . GLU A 1 27 ? -2.175  -3.439  -11.775 1.00 19.11 ? 27   GLU A O   1 
ATOM   201 C  CB  . GLU A 1 27 ? -0.297  -0.954  -12.086 1.00 23.02 ? 27   GLU A CB  1 
ATOM   202 C  CG  . GLU A 1 27 ? -0.437  0.569   -12.115 1.00 25.64 ? 27   GLU A CG  1 
ATOM   203 C  CD  . GLU A 1 27 ? 0.216   1.235   -13.308 1.00 29.15 ? 27   GLU A CD  1 
ATOM   204 O  OE1 . GLU A 1 27 ? 0.662   0.538   -14.242 1.00 33.44 ? 27   GLU A OE1 1 
ATOM   205 O  OE2 . GLU A 1 27 ? 0.276   2.483   -13.318 1.00 31.18 ? 27   GLU A OE2 1 
ATOM   206 N  N   . CYS A 1 28 ? -0.506  -3.891  -10.327 1.00 17.86 ? 28   CYS A N   1 
ATOM   207 C  CA  . CYS A 1 28 ? -0.776  -5.332  -10.240 1.00 17.49 ? 28   CYS A CA  1 
ATOM   208 C  C   . CYS A 1 28 ? -1.828  -5.688  -9.184  1.00 15.84 ? 28   CYS A C   1 
ATOM   209 O  O   . CYS A 1 28 ? -2.100  -6.861  -8.939  1.00 17.42 ? 28   CYS A O   1 
ATOM   210 C  CB  . CYS A 1 28 ? 0.520   -6.130  -10.022 1.00 18.45 ? 28   CYS A CB  1 
ATOM   211 S  SG  . CYS A 1 28 ? 1.675   -5.437  -8.837  1.00 17.78 ? 28   CYS A SG  1 
ATOM   212 N  N   . GLY A 1 29 ? -2.456  -4.673  -8.597  1.00 15.21 ? 29   GLY A N   1 
ATOM   213 C  CA  . GLY A 1 29 ? -3.632  -4.865  -7.760  1.00 14.30 ? 29   GLY A CA  1 
ATOM   214 C  C   . GLY A 1 29 ? -3.377  -5.182  -6.300  1.00 13.05 ? 29   GLY A C   1 
ATOM   215 O  O   . GLY A 1 29 ? -4.280  -5.630  -5.595  1.00 13.83 ? 29   GLY A O   1 
ATOM   216 N  N   . HIS A 1 30 ? -2.159  -4.940  -5.835  1.00 13.14 ? 30   HIS A N   1 
ATOM   217 C  CA  . HIS A 1 30 ? -1.799  -5.265  -4.469  1.00 12.75 ? 30   HIS A CA  1 
ATOM   218 C  C   . HIS A 1 30 ? -1.839  -4.016  -3.598  1.00 13.14 ? 30   HIS A C   1 
ATOM   219 O  O   . HIS A 1 30 ? -1.261  -2.978  -3.936  1.00 13.53 ? 30   HIS A O   1 
ATOM   220 C  CB  . HIS A 1 30 ? -0.492  -6.032  -4.472  1.00 13.75 ? 30   HIS A CB  1 
ATOM   221 C  CG  . HIS A 1 30 ? -0.633  -7.333  -5.190  1.00 15.08 ? 30   HIS A CG  1 
ATOM   222 N  ND1 . HIS A 1 30 ? 0.137   -7.701  -6.276  1.00 16.97 ? 30   HIS A ND1 1 
ATOM   223 C  CD2 . HIS A 1 30 ? -1.567  -8.300  -5.046  1.00 16.58 ? 30   HIS A CD2 1 
ATOM   224 C  CE1 . HIS A 1 30 ? -0.289  -8.865  -6.731  1.00 18.80 ? 30   HIS A CE1 1 
ATOM   225 N  NE2 . HIS A 1 30 ? -1.324  -9.247  -6.006  1.00 18.97 ? 30   HIS A NE2 1 
ATOM   226 N  N   . VAL A 1 31 ? -2.556  -4.142  -2.480  1.00 13.37 ? 31   VAL A N   1 
ATOM   227 C  CA  . VAL A 1 31 ? -2.971  -3.009  -1.670  1.00 12.91 ? 31   VAL A CA  1 
ATOM   228 C  C   . VAL A 1 31 ? -2.181  -2.970  -0.376  1.00 13.22 ? 31   VAL A C   1 
ATOM   229 O  O   . VAL A 1 31 ? -1.997  -3.984  0.303   1.00 14.44 ? 31   VAL A O   1 
ATOM   230 C  CB  . VAL A 1 31 ? -4.478  -3.082  -1.387  1.00 13.81 ? 31   VAL A CB  1 
ATOM   231 C  CG1 . VAL A 1 31 ? -4.931  -2.001  -0.406  1.00 16.96 ? 31   VAL A CG1 1 
ATOM   232 C  CG2 . VAL A 1 31 ? -5.223  -2.965  -2.703  1.00 15.44 ? 31   VAL A CG2 1 
ATOM   233 N  N   . PHE A 1 32 ? -1.710  -1.771  -0.060  1.00 13.54 ? 32   PHE A N   1 
ATOM   234 C  CA  . PHE A 1 32 ? -0.869  -1.507  1.094   1.00 14.18 ? 32   PHE A CA  1 
ATOM   235 C  C   . PHE A 1 32 ? -1.216  -0.132  1.646   1.00 15.38 ? 32   PHE A C   1 
ATOM   236 O  O   . PHE A 1 32 ? -1.896  0.647   0.991   1.00 15.96 ? 32   PHE A O   1 
ATOM   237 C  CB  . PHE A 1 32 ? 0.603   -1.469  0.677   1.00 14.70 ? 32   PHE A CB  1 
ATOM   238 C  CG  . PHE A 1 32 ? 1.054   -2.686  -0.058  1.00 14.12 ? 32   PHE A CG  1 
ATOM   239 C  CD1 . PHE A 1 32 ? 1.474   -3.806  0.629   1.00 15.67 ? 32   PHE A CD1 1 
ATOM   240 C  CD2 . PHE A 1 32 ? 1.056   -2.722  -1.442  1.00 13.97 ? 32   PHE A CD2 1 
ATOM   241 C  CE1 . PHE A 1 32 ? 1.883   -4.943  -0.061  1.00 17.20 ? 32   PHE A CE1 1 
ATOM   242 C  CE2 . PHE A 1 32 ? 1.467   -3.855  -2.131  1.00 13.77 ? 32   PHE A CE2 1 
ATOM   243 C  CZ  . PHE A 1 32 ? 1.871   -4.960  -1.448  1.00 14.79 ? 32   PHE A CZ  1 
ATOM   244 N  N   . CYS A 1 33 ? -0.706  0.193   2.825   1.00 17.01 ? 33   CYS A N   1 
ATOM   245 C  CA  . CYS A 1 33 ? -0.652  1.597   3.220   1.00 18.48 ? 33   CYS A CA  1 
ATOM   246 C  C   . CYS A 1 33 ? 0.527   2.277   2.511   1.00 19.33 ? 33   CYS A C   1 
ATOM   247 O  O   . CYS A 1 33 ? 1.491   1.626   2.096   1.00 19.55 ? 33   CYS A O   1 
ATOM   248 C  CB  . CYS A 1 33 ? -0.572  1.758   4.738   1.00 20.95 ? 33   CYS A CB  1 
ATOM   249 S  SG  . CYS A 1 33 ? 1.049   1.471   5.460   1.00 22.67 ? 33   CYS A SG  1 
ATOM   250 N  N   . SER A 1 34 ? 0.444   3.594   2.367   1.00 20.12 ? 34   SER A N   1 
ATOM   251 C  CA  . SER A 1 34 ? 1.450   4.348   1.630   1.00 20.75 ? 34   SER A CA  1 
ATOM   252 C  C   . SER A 1 34 ? 2.851   4.280   2.239   1.00 23.31 ? 34   SER A C   1 
ATOM   253 O  O   . SER A 1 34 ? 3.843   4.228   1.521   1.00 24.06 ? 34   SER A O   1 
ATOM   254 C  CB  . SER A 1 34 ? 1.003   5.802   1.476   1.00 21.81 ? 34   SER A CB  1 
ATOM   255 O  OG  . SER A 1 34 ? 0.616   6.377   2.719   1.00 24.05 ? 34   SER A OG  1 
ATOM   256 N  N   . GLN A 1 35 ? 2.914   4.287   3.565   1.00 22.90 ? 35   GLN A N   1 
ATOM   257 C  CA  . GLN A 1 35 ? 4.181   4.255   4.286   1.00 24.67 ? 35   GLN A CA  1 
ATOM   258 C  C   . GLN A 1 35 ? 4.929   2.955   4.029   1.00 23.55 ? 35   GLN A C   1 
ATOM   259 O  O   . GLN A 1 35 ? 6.119   2.979   3.727   1.00 24.90 ? 35   GLN A O   1 
ATOM   260 C  CB  . GLN A 1 35 ? 3.939   4.445   5.785   1.00 28.34 ? 35   GLN A CB  1 
ATOM   261 C  CG  . GLN A 1 35 ? 5.203   4.612   6.611   1.00 33.37 ? 35   GLN A CG  1 
ATOM   262 C  CD  . GLN A 1 35 ? 4.901   5.023   8.034   1.00 38.19 ? 35   GLN A CD  1 
ATOM   263 O  OE1 . GLN A 1 35 ? 4.213   4.311   8.771   1.00 43.89 ? 35   GLN A OE1 1 
ATOM   264 N  NE2 . GLN A 1 35 ? 5.407   6.179   8.429   1.00 48.15 ? 35   GLN A NE2 1 
ATOM   265 N  N   . CYS A 1 36 ? 4.228   1.829   4.129   1.00 21.56 ? 36   CYS A N   1 
ATOM   266 C  CA  . CYS A 1 36 ? 4.857   0.524   3.901   1.00 22.21 ? 36   CYS A CA  1 
ATOM   267 C  C   . CYS A 1 36 ? 5.322   0.350   2.467   1.00 20.97 ? 36   CYS A C   1 
ATOM   268 O  O   . CYS A 1 36 ? 6.405   -0.184  2.231   1.00 21.47 ? 36   CYS A O   1 
ATOM   269 C  CB  . CYS A 1 36 ? 3.928   -0.622  4.283   1.00 21.76 ? 36   CYS A CB  1 
ATOM   270 S  SG  . CYS A 1 36 ? 3.669   -0.755  6.056   1.00 24.38 ? 36   CYS A SG  1 
ATOM   271 N  N   . LEU A 1 37 ? 4.521   0.796   1.507   1.00 19.96 ? 37   LEU A N   1 
ATOM   272 C  CA  . LEU A 1 37 ? 4.934   0.667   0.117   1.00 19.54 ? 37   LEU A CA  1 
ATOM   273 C  C   . LEU A 1 37 ? 6.119   1.586   -0.188  1.00 21.23 ? 37   LEU A C   1 
ATOM   274 O  O   . LEU A 1 37 ? 7.092   1.159   -0.801  1.00 21.54 ? 37   LEU A O   1 
ATOM   275 C  CB  . LEU A 1 37 ? 3.777   0.929   -0.842  1.00 19.01 ? 37   LEU A CB  1 
ATOM   276 C  CG  . LEU A 1 37 ? 4.093   0.596   -2.302  1.00 18.55 ? 37   LEU A CG  1 
ATOM   277 C  CD1 . LEU A 1 37 ? 4.432   -0.881  -2.456  1.00 19.74 ? 37   LEU A CD1 1 
ATOM   278 C  CD2 . LEU A 1 37 ? 2.951   0.986   -3.225  1.00 19.23 ? 37   LEU A CD2 1 
ATOM   279 N  N   . ARG A 1 38 ? 6.044   2.845   0.235   1.00 23.02 ? 38   ARG A N   1 
ATOM   280 C  CA  . ARG A 1 38 ? 7.154   3.765   -0.005  1.00 25.51 ? 38   ARG A CA  1 
ATOM   281 C  C   . ARG A 1 38 ? 8.428   3.279   0.677   1.00 26.90 ? 38   ARG A C   1 
ATOM   282 O  O   . ARG A 1 38 ? 9.508   3.378   0.102   1.00 28.57 ? 38   ARG A O   1 
ATOM   283 C  CB  . ARG A 1 38 ? 6.799   5.200   0.410   1.00 28.46 ? 38   ARG A CB  1 
ATOM   284 C  CG  . ARG A 1 38 ? 5.729   5.842   -0.489  1.00 30.23 ? 38   ARG A CG  1 
ATOM   285 C  CD  . ARG A 1 38 ? 6.231   6.146   -1.909  1.00 31.52 ? 38   ARG A CD  1 
ATOM   286 N  NE  . ARG A 1 38 ? 7.151   7.285   -1.932  1.00 33.89 ? 38   ARG A NE  1 
ATOM   287 C  CZ  . ARG A 1 38 ? 7.948   7.600   -2.951  1.00 39.07 ? 38   ARG A CZ  1 
ATOM   288 N  NH1 . ARG A 1 38 ? 7.962   6.863   -4.061  1.00 41.26 ? 38   ARG A NH1 1 
ATOM   289 N  NH2 . ARG A 1 38 ? 8.750   8.656   -2.861  1.00 43.12 ? 38   ARG A NH2 1 
ATOM   290 N  N   . ASP A 1 39 ? 8.307   2.744   1.889   1.00 26.88 ? 39   ASP A N   1 
ATOM   291 C  CA  . ASP A 1 39 ? 9.464   2.172   2.570   1.00 29.47 ? 39   ASP A CA  1 
ATOM   292 C  C   . ASP A 1 39 ? 10.021  0.971   1.807   1.00 28.26 ? 39   ASP A C   1 
ATOM   293 O  O   . ASP A 1 39 ? 11.237  0.834   1.673   1.00 31.84 ? 39   ASP A O   1 
ATOM   294 C  CB  . ASP A 1 39 ? 9.136   1.781   4.018   1.00 31.24 ? 39   ASP A CB  1 
ATOM   295 C  CG  . ASP A 1 39 ? 9.054   2.985   4.955   1.00 35.50 ? 39   ASP A CG  1 
ATOM   296 O  OD1 . ASP A 1 39 ? 9.378   4.120   4.538   1.00 40.72 ? 39   ASP A OD1 1 
ATOM   297 O  OD2 . ASP A 1 39 ? 8.670   2.797   6.128   1.00 38.70 ? 39   ASP A OD2 1 
ATOM   298 N  N   . SER A 1 40 ? 9.141   0.107   1.299   1.00 26.37 ? 40   SER A N   1 
ATOM   299 C  CA  . SER A 1 40 ? 9.585   -1.042  0.510   1.00 25.29 ? 40   SER A CA  1 
ATOM   300 C  C   . SER A 1 40 ? 10.348  -0.555  -0.707  1.00 25.80 ? 40   SER A C   1 
ATOM   301 O  O   . SER A 1 40 ? 11.366  -1.141  -1.075  1.00 28.52 ? 40   SER A O   1 
ATOM   302 C  CB  . SER A 1 40 ? 8.411   -1.918  0.061   1.00 23.69 ? 40   SER A CB  1 
ATOM   303 O  OG  . SER A 1 40 ? 8.880   -3.052  -0.654  1.00 27.16 ? 40   SER A OG  1 
ATOM   304 N  N   . LEU A 1 41 ? 9.871   0.533   -1.306  1.00 25.60 ? 41   LEU A N   1 
ATOM   305 C  CA  . LEU A 1 41 ? 10.466  1.074   -2.532  1.00 27.19 ? 41   LEU A CA  1 
ATOM   306 C  C   . LEU A 1 41 ? 11.862  1.676   -2.332  1.00 30.18 ? 41   LEU A C   1 
ATOM   307 O  O   . LEU A 1 41 ? 12.592  1.866   -3.308  1.00 33.07 ? 41   LEU A O   1 
ATOM   308 C  CB  . LEU A 1 41 ? 9.527   2.094   -3.180  1.00 27.72 ? 41   LEU A CB  1 
ATOM   309 C  CG  . LEU A 1 41 ? 8.375   1.463   -3.959  1.00 26.27 ? 41   LEU A CG  1 
ATOM   310 C  CD1 . LEU A 1 41 ? 7.216   2.442   -4.121  1.00 27.83 ? 41   LEU A CD1 1 
ATOM   311 C  CD2 . LEU A 1 41 ? 8.856   0.957   -5.316  1.00 29.24 ? 41   LEU A CD2 1 
ATOM   312 N  N   . LYS A 1 42 ? 12.228  1.969   -1.085  1.00 38.53 ? 42   LYS A N   1 
ATOM   313 C  CA  . LYS A 1 42 ? 13.592  2.417   -0.766  1.00 41.58 ? 42   LYS A CA  1 
ATOM   314 C  C   . LYS A 1 42 ? 14.620  1.302   -0.981  1.00 42.23 ? 42   LYS A C   1 
ATOM   315 O  O   . LYS A 1 42 ? 15.784  1.578   -1.267  1.00 44.50 ? 42   LYS A O   1 
ATOM   316 C  CB  . LYS A 1 42 ? 13.686  2.905   0.685   1.00 44.80 ? 42   LYS A CB  1 
ATOM   317 C  CG  . LYS A 1 42 ? 12.871  4.148   0.996   1.00 46.79 ? 42   LYS A CG  1 
ATOM   318 C  CD  . LYS A 1 42 ? 13.033  4.571   2.451   1.00 51.77 ? 42   LYS A CD  1 
ATOM   319 C  CE  . LYS A 1 42 ? 12.106  5.730   2.797   1.00 54.24 ? 42   LYS A CE  1 
ATOM   320 N  NZ  . LYS A 1 42 ? 12.356  6.270   4.165   1.00 61.67 ? 42   LYS A NZ  1 
ATOM   321 N  N   . ASN A 1 43 ? 14.186  0.050   -0.829  1.00 40.39 ? 43   ASN A N   1 
ATOM   322 C  CA  . ASN A 1 43 ? 15.075  -1.114  -0.927  1.00 41.58 ? 43   ASN A CA  1 
ATOM   323 C  C   . ASN A 1 43 ? 14.870  -1.962  -2.188  1.00 39.59 ? 43   ASN A C   1 
ATOM   324 O  O   . ASN A 1 43 ? 15.786  -2.666  -2.610  1.00 39.66 ? 43   ASN A O   1 
ATOM   325 C  CB  . ASN A 1 43 ? 14.899  -2.008  0.309   1.00 43.28 ? 43   ASN A CB  1 
ATOM   326 C  CG  . ASN A 1 43 ? 15.365  -1.341  1.597   1.00 47.33 ? 43   ASN A CG  1 
ATOM   327 O  OD1 . ASN A 1 43 ? 16.151  -0.391  1.579   1.00 49.63 ? 43   ASN A OD1 1 
ATOM   328 N  ND2 . ASN A 1 43 ? 14.882  -1.847  2.728   1.00 53.34 ? 43   ASN A ND2 1 
ATOM   329 N  N   . ALA A 1 44 ? 13.678  -1.899  -2.781  1.00 35.76 ? 44   ALA A N   1 
ATOM   330 C  CA  . ALA A 1 44 ? 13.324  -2.767  -3.908  1.00 34.68 ? 44   ALA A CA  1 
ATOM   331 C  C   . ALA A 1 44 ? 12.337  -2.087  -4.851  1.00 32.25 ? 44   ALA A C   1 
ATOM   332 O  O   . ALA A 1 44 ? 11.442  -1.389  -4.403  1.00 32.77 ? 44   ALA A O   1 
ATOM   333 C  CB  . ALA A 1 44 ? 12.726  -4.060  -3.387  1.00 34.37 ? 44   ALA A CB  1 
ATOM   334 N  N   . ASN A 1 45 ? 12.486  -2.309  -6.155  1.00 32.67 ? 45   ASN A N   1 
ATOM   335 C  CA  . ASN A 1 45 ? 11.566  -1.737  -7.148  1.00 32.76 ? 45   ASN A CA  1 
ATOM   336 C  C   . ASN A 1 45 ? 10.375  -2.639  -7.474  1.00 30.84 ? 45   ASN A C   1 
ATOM   337 O  O   . ASN A 1 45 ? 9.615   -2.367  -8.399  1.00 30.45 ? 45   ASN A O   1 
ATOM   338 C  CB  . ASN A 1 45 ? 12.322  -1.400  -8.435  1.00 36.15 ? 45   ASN A CB  1 
ATOM   339 C  CG  . ASN A 1 45 ? 13.258  -0.228  -8.263  1.00 39.61 ? 45   ASN A CG  1 
ATOM   340 O  OD1 . ASN A 1 45 ? 12.919  0.766   -7.615  1.00 41.22 ? 45   ASN A OD1 1 
ATOM   341 N  ND2 . ASN A 1 45 ? 14.441  -0.332  -8.845  1.00 40.43 ? 45   ASN A ND2 1 
ATOM   342 N  N   . THR A 1 46 ? 10.205  -3.698  -6.694  1.00 30.82 ? 46   THR A N   1 
ATOM   343 C  CA  . THR A 1 46 ? 9.230   -4.728  -6.999  1.00 28.34 ? 46   THR A CA  1 
ATOM   344 C  C   . THR A 1 46 ? 8.103   -4.748  -5.986  1.00 25.27 ? 46   THR A C   1 
ATOM   345 O  O   . THR A 1 46 ? 8.272   -4.362  -4.826  1.00 26.57 ? 46   THR A O   1 
ATOM   346 C  CB  . THR A 1 46 ? 9.888   -6.106  -6.999  1.00 30.27 ? 46   THR A CB  1 
ATOM   347 O  OG1 . THR A 1 46 ? 10.578  -6.305  -5.760  1.00 32.99 ? 46   THR A OG1 1 
ATOM   348 C  CG2 . THR A 1 46 ? 10.864  -6.235  -8.160  1.00 35.67 ? 46   THR A CG2 1 
ATOM   349 N  N   . CYS A 1 47 ? 6.944   -5.212  -6.435  1.00 22.28 ? 47   CYS A N   1 
ATOM   350 C  CA  . CYS A 1 47 ? 5.788   -5.345  -5.572  1.00 20.82 ? 47   CYS A CA  1 
ATOM   351 C  C   . CYS A 1 47 ? 6.121   -6.235  -4.381  1.00 20.24 ? 47   CYS A C   1 
ATOM   352 O  O   . CYS A 1 47 ? 6.672   -7.317  -4.566  1.00 22.20 ? 47   CYS A O   1 
ATOM   353 C  CB  . CYS A 1 47 ? 4.660   -5.980  -6.348  1.00 19.90 ? 47   CYS A CB  1 
ATOM   354 S  SG  . CYS A 1 47 ? 3.194   -6.125  -5.392  1.00 17.29 ? 47   CYS A SG  1 
ATOM   355 N  N   . PRO A 1 48 ? 5.798   -5.791  -3.154  1.00 19.56 ? 48   PRO A N   1 
ATOM   356 C  CA  . PRO A 1 48 ? 6.018   -6.648  -1.980  1.00 20.87 ? 48   PRO A CA  1 
ATOM   357 C  C   . PRO A 1 48 ? 5.308   -8.006  -2.031  1.00 20.73 ? 48   PRO A C   1 
ATOM   358 O  O   . PRO A 1 48 ? 5.768   -8.955  -1.390  1.00 23.65 ? 48   PRO A O   1 
ATOM   359 C  CB  . PRO A 1 48 ? 5.476   -5.799  -0.825  1.00 22.30 ? 48   PRO A CB  1 
ATOM   360 C  CG  . PRO A 1 48 ? 5.623   -4.410  -1.305  1.00 21.95 ? 48   PRO A CG  1 
ATOM   361 C  CD  . PRO A 1 48 ? 5.354   -4.439  -2.754  1.00 19.59 ? 48   PRO A CD  1 
ATOM   362 N  N   . THR A 1 49 ? 4.195   -8.073  -2.763  1.00 19.66 ? 49   THR A N   1 
ATOM   363 C  CA  . THR A 1 49 ? 3.366   -9.282  -2.855  1.00 20.34 ? 49   THR A CA  1 
ATOM   364 C  C   . THR A 1 49 ? 3.746   -10.200 -4.024  1.00 21.75 ? 49   THR A C   1 
ATOM   365 O  O   . THR A 1 49 ? 3.926   -11.401 -3.831  1.00 23.77 ? 49   THR A O   1 
ATOM   366 C  CB  . THR A 1 49 ? 1.880   -8.896  -2.940  1.00 20.69 ? 49   THR A CB  1 
ATOM   367 O  OG1 . THR A 1 49 ? 1.511   -8.249  -1.723  1.00 22.62 ? 49   THR A OG1 1 
ATOM   368 C  CG2 . THR A 1 49 ? 1.002   -10.130 -3.145  1.00 22.77 ? 49   THR A CG2 1 
ATOM   369 N  N   . CYS A 1 50 ? 3.874   -9.651  -5.226  1.00 21.64 ? 50   CYS A N   1 
ATOM   370 C  CA  . CYS A 1 50 ? 4.105   -10.489 -6.415  1.00 23.55 ? 50   CYS A CA  1 
ATOM   371 C  C   . CYS A 1 50 ? 5.435   -10.245 -7.124  1.00 24.82 ? 50   CYS A C   1 
ATOM   372 O  O   . CYS A 1 50 ? 5.732   -10.896 -8.138  1.00 26.92 ? 50   CYS A O   1 
ATOM   373 C  CB  . CYS A 1 50 ? 2.955   -10.320 -7.405  1.00 22.22 ? 50   CYS A CB  1 
ATOM   374 S  SG  . CYS A 1 50 ? 2.956   -8.757  -8.329  1.00 19.90 ? 50   CYS A SG  1 
ATOM   375 N  N   . ARG A 1 51 ? 6.235   -9.323  -6.606  1.00 33.32 ? 51   ARG A N   1 
ATOM   376 C  CA  . ARG A 1 51 ? 7.529   -8.984  -7.192  1.00 36.50 ? 51   ARG A CA  1 
ATOM   377 C  C   . ARG A 1 51 ? 7.537   -8.552  -8.676  1.00 36.06 ? 51   ARG A C   1 
ATOM   378 O  O   . ARG A 1 51 ? 8.595   -8.565  -9.308  1.00 40.58 ? 51   ARG A O   1 
ATOM   379 C  CB  . ARG A 1 51 ? 8.530   -10.129 -6.964  1.00 39.15 ? 51   ARG A CB  1 
ATOM   380 C  CG  . ARG A 1 51 ? 8.805   -10.411 -5.495  0.50 41.96 ? 51   ARG A CG  1 
ATOM   381 C  CD  . ARG A 1 51 ? 9.991   -11.350 -5.304  0.50 45.60 ? 51   ARG A CD  1 
ATOM   382 N  NE  . ARG A 1 51 ? 10.420  -11.386 -3.909  0.50 49.88 ? 51   ARG A NE  1 
ATOM   383 C  CZ  . ARG A 1 51 ? 11.527  -10.813 -3.446  0.50 53.78 ? 51   ARG A CZ  1 
ATOM   384 N  NH1 . ARG A 1 51 ? 12.338  -10.165 -4.268  0.50 54.23 ? 51   ARG A NH1 1 
ATOM   385 N  NH2 . ARG A 1 51 ? 11.827  -10.897 -2.160  0.50 57.38 ? 51   ARG A NH2 1 
ATOM   386 N  N   . LYS A 1 52 ? 6.389   -8.145  -9.226  1.00 34.72 ? 52   LYS A N   1 
ATOM   387 C  CA  . LYS A 1 52 ? 6.376   -7.433  -10.506 1.00 35.65 ? 52   LYS A CA  1 
ATOM   388 C  C   . LYS A 1 52 ? 6.967   -6.054  -10.240 1.00 33.75 ? 52   LYS A C   1 
ATOM   389 O  O   . LYS A 1 52 ? 6.833   -5.536  -9.136  1.00 34.44 ? 52   LYS A O   1 
ATOM   390 C  CB  . LYS A 1 52 ? 4.956   -7.311  -11.078 1.00 36.23 ? 52   LYS A CB  1 
ATOM   391 C  CG  . LYS A 1 52 ? 4.873   -6.537  -12.398 0.50 39.26 ? 52   LYS A CG  1 
ATOM   392 C  CD  . LYS A 1 52 ? 3.526   -6.712  -13.083 0.50 41.46 ? 52   LYS A CD  1 
ATOM   393 C  CE  . LYS A 1 52 ? 3.546   -6.138  -14.493 0.50 45.24 ? 52   LYS A CE  1 
ATOM   394 N  NZ  . LYS A 1 52 ? 2.263   -6.370  -15.210 0.50 48.12 ? 52   LYS A NZ  1 
ATOM   395 N  N   . LYS A 1 53 ? 7.644   -5.469  -11.224 1.00 35.97 ? 53   LYS A N   1 
ATOM   396 C  CA  . LYS A 1 53 ? 8.228   -4.140  -11.040 1.00 38.24 ? 53   LYS A CA  1 
ATOM   397 C  C   . LYS A 1 53 ? 7.123   -3.091  -10.935 1.00 37.66 ? 53   LYS A C   1 
ATOM   398 O  O   . LYS A 1 53 ? 6.151   -3.130  -11.687 1.00 39.91 ? 53   LYS A O   1 
ATOM   399 C  CB  . LYS A 1 53 ? 9.190   -3.780  -12.174 1.00 42.17 ? 53   LYS A CB  1 
ATOM   400 C  CG  . LYS A 1 53 ? 10.509  -4.519  -12.123 1.00 45.67 ? 53   LYS A CG  1 
ATOM   401 C  CD  . LYS A 1 53 ? 11.537  -3.879  -13.058 1.00 50.93 ? 53   LYS A CD  1 
ATOM   402 C  CE  . LYS A 1 53 ? 12.584  -4.885  -13.510 1.00 55.81 ? 53   LYS A CE  1 
ATOM   403 N  NZ  . LYS A 1 53 ? 13.648  -4.251  -14.338 1.00 62.92 ? 53   LYS A NZ  1 
ATOM   404 N  N   . ILE A 1 54 ? 7.275   -2.177  -9.978  1.00 35.58 ? 54   ILE A N   1 
ATOM   405 C  CA  . ILE A 1 54 ? 6.286   -1.125  -9.735  1.00 36.24 ? 54   ILE A CA  1 
ATOM   406 C  C   . ILE A 1 54 ? 6.875   0.293   -9.652  1.00 36.95 ? 54   ILE A C   1 
ATOM   407 O  O   . ILE A 1 54 ? 6.156   1.240   -9.329  1.00 36.31 ? 54   ILE A O   1 
ATOM   408 C  CB  . ILE A 1 54 ? 5.481   -1.396  -8.439  1.00 36.01 ? 54   ILE A CB  1 
ATOM   409 C  CG1 . ILE A 1 54 ? 6.406   -1.535  -7.231  1.00 35.55 ? 54   ILE A CG1 1 
ATOM   410 C  CG2 . ILE A 1 54 ? 4.635   -2.641  -8.591  1.00 35.25 ? 54   ILE A CG2 1 
ATOM   411 C  CD1 . ILE A 1 54 ? 5.685   -1.401  -5.909  1.00 35.26 ? 54   ILE A CD1 1 
ATOM   412 N  N   . ASN A 1 55 ? 8.165   0.455   -9.939  1.00 38.60 ? 55   ASN A N   1 
ATOM   413 C  CA  . ASN A 1 55 ? 8.749   1.795   -9.964  1.00 39.79 ? 55   ASN A CA  1 
ATOM   414 C  C   . ASN A 1 55 ? 8.240   2.586   -11.181 1.00 40.86 ? 55   ASN A C   1 
ATOM   415 O  O   . ASN A 1 55 ? 7.477   2.059   -11.993 1.00 40.71 ? 55   ASN A O   1 
ATOM   416 C  CB  . ASN A 1 55 ? 10.281  1.742   -9.900  1.00 40.97 ? 55   ASN A CB  1 
ATOM   417 C  CG  . ASN A 1 55 ? 10.901  1.057   -11.093 1.00 41.90 ? 55   ASN A CG  1 
ATOM   418 O  OD1 . ASN A 1 55 ? 10.313  0.154   -11.686 1.00 42.83 ? 55   ASN A OD1 1 
ATOM   419 N  ND2 . ASN A 1 55 ? 12.112  1.477   -11.446 1.00 45.15 ? 55   ASN A ND2 1 
ATOM   420 N  N   . HIS A 1 56 ? 8.642   3.851   -11.284 1.00 38.86 ? 56   HIS A N   1 
ATOM   421 C  CA  . HIS A 1 56 ? 8.035   4.791   -12.233 1.00 40.87 ? 56   HIS A CA  1 
ATOM   422 C  C   . HIS A 1 56 ? 6.547   4.983   -11.917 1.00 37.57 ? 56   HIS A C   1 
ATOM   423 O  O   . HIS A 1 56 ? 5.706   5.051   -12.819 1.00 37.27 ? 56   HIS A O   1 
ATOM   424 C  CB  . HIS A 1 56 ? 8.231   4.342   -13.692 1.00 44.05 ? 56   HIS A CB  1 
ATOM   425 C  CG  . HIS A 1 56 ? 9.657   4.054   -14.054 1.00 47.71 ? 56   HIS A CG  1 
ATOM   426 N  ND1 . HIS A 1 56 ? 10.516  5.027   -14.517 1.00 52.67 ? 56   HIS A ND1 1 
ATOM   427 C  CD2 . HIS A 1 56 ? 10.369  2.903   -14.030 1.00 48.14 ? 56   HIS A CD2 1 
ATOM   428 C  CE1 . HIS A 1 56 ? 11.698  4.488   -14.759 1.00 55.25 ? 56   HIS A CE1 1 
ATOM   429 N  NE2 . HIS A 1 56 ? 11.636  3.200   -14.467 1.00 52.79 ? 56   HIS A NE2 1 
ATOM   430 N  N   . LYS A 1 57 ? 6.238   5.058   -10.622 1.00 32.74 ? 57   LYS A N   1 
ATOM   431 C  CA  . LYS A 1 57 ? 4.880   5.308   -10.125 1.00 31.16 ? 57   LYS A CA  1 
ATOM   432 C  C   . LYS A 1 57 ? 3.809   4.364   -10.690 1.00 28.31 ? 57   LYS A C   1 
ATOM   433 O  O   . LYS A 1 57 ? 2.715   4.809   -11.042 1.00 28.97 ? 57   LYS A O   1 
ATOM   434 C  CB  . LYS A 1 57 ? 4.475   6.771   -10.380 1.00 34.18 ? 57   LYS A CB  1 
ATOM   435 C  CG  . LYS A 1 57 ? 5.335   7.807   -9.673  1.00 37.26 ? 57   LYS A CG  1 
ATOM   436 C  CD  . LYS A 1 57 ? 5.246   7.683   -8.160  1.00 36.67 ? 57   LYS A CD  1 
ATOM   437 C  CE  . LYS A 1 57 ? 5.838   8.901   -7.465  1.00 41.15 ? 57   LYS A CE  1 
ATOM   438 N  NZ  . LYS A 1 57 ? 7.275   9.130   -7.767  1.00 45.75 ? 57   LYS A NZ  1 
ATOM   439 N  N   . ARG A 1 58 ? 4.113   3.068   -10.752 1.00 26.10 ? 58   ARG A N   1 
ATOM   440 C  CA  . ARG A 1 58 ? 3.101   2.056   -11.098 1.00 24.85 ? 58   ARG A CA  1 
ATOM   441 C  C   . ARG A 1 58 ? 2.330   1.626   -9.844  1.00 20.50 ? 58   ARG A C   1 
ATOM   442 O  O   . ARG A 1 58 ? 2.121   0.440   -9.560  1.00 20.72 ? 58   ARG A O   1 
ATOM   443 C  CB  . ARG A 1 58 ? 3.727   0.879   -11.849 1.00 27.53 ? 58   ARG A CB  1 
ATOM   444 C  CG  . ARG A 1 58 ? 4.033   1.233   -13.299 1.00 31.74 ? 58   ARG A CG  1 
ATOM   445 C  CD  . ARG A 1 58 ? 4.859   0.184   -14.005 1.00 35.44 ? 58   ARG A CD  1 
ATOM   446 N  NE  . ARG A 1 58 ? 6.273   0.250   -13.636 1.00 38.03 ? 58   ARG A NE  1 
ATOM   447 C  CZ  . ARG A 1 58 ? 7.227   -0.518  -14.159 1.00 41.09 ? 58   ARG A CZ  1 
ATOM   448 N  NH1 . ARG A 1 58 ? 6.933   -1.425  -15.087 1.00 45.93 ? 58   ARG A NH1 1 
ATOM   449 N  NH2 . ARG A 1 58 ? 8.485   -0.381  -13.755 1.00 42.33 ? 58   ARG A NH2 1 
ATOM   450 N  N   . TYR A 1 59 ? 1.891   2.638   -9.109  1.00 19.54 ? 59   TYR A N   1 
ATOM   451 C  CA  . TYR A 1 59 ? 1.076   2.493   -7.925  1.00 17.08 ? 59   TYR A CA  1 
ATOM   452 C  C   . TYR A 1 59 ? 0.416   3.852   -7.706  1.00 16.54 ? 59   TYR A C   1 
ATOM   453 O  O   . TYR A 1 59 ? 0.891   4.875   -8.241  1.00 18.72 ? 59   TYR A O   1 
ATOM   454 C  CB  . TYR A 1 59 ? 1.920   2.070   -6.722  1.00 16.44 ? 59   TYR A CB  1 
ATOM   455 C  CG  . TYR A 1 59 ? 3.123   2.939   -6.476  1.00 17.88 ? 59   TYR A CG  1 
ATOM   456 C  CD1 . TYR A 1 59 ? 3.058   4.028   -5.622  1.00 20.09 ? 59   TYR A CD1 1 
ATOM   457 C  CD2 . TYR A 1 59 ? 4.323   2.681   -7.117  1.00 18.92 ? 59   TYR A CD2 1 
ATOM   458 C  CE1 . TYR A 1 59 ? 4.169   4.829   -5.398  1.00 22.09 ? 59   TYR A CE1 1 
ATOM   459 C  CE2 . TYR A 1 59 ? 5.434   3.460   -6.901  1.00 23.32 ? 59   TYR A CE2 1 
ATOM   460 C  CZ  . TYR A 1 59 ? 5.358   4.540   -6.046  1.00 23.83 ? 59   TYR A CZ  1 
ATOM   461 O  OH  . TYR A 1 59 ? 6.474   5.328   -5.845  1.00 27.81 ? 59   TYR A OH  1 
ATOM   462 N  N   . HIS A 1 60 ? -0.663  3.872   -6.940  1.00 15.29 ? 60   HIS A N   1 
ATOM   463 C  CA  . HIS A 1 60 ? -1.454  5.090   -6.776  1.00 15.63 ? 60   HIS A CA  1 
ATOM   464 C  C   . HIS A 1 60 ? -2.391  4.956   -5.585  1.00 14.92 ? 60   HIS A C   1 
ATOM   465 O  O   . HIS A 1 60 ? -2.711  3.851   -5.172  1.00 14.32 ? 60   HIS A O   1 
ATOM   466 C  CB  . HIS A 1 60 ? -2.281  5.338   -8.040  1.00 15.94 ? 60   HIS A CB  1 
ATOM   467 C  CG  . HIS A 1 60 ? -3.165  4.185   -8.418  1.00 15.32 ? 60   HIS A CG  1 
ATOM   468 N  ND1 . HIS A 1 60 ? -4.402  3.973   -7.848  1.00 14.92 ? 60   HIS A ND1 1 
ATOM   469 C  CD2 . HIS A 1 60 ? -2.990  3.190   -9.320  1.00 15.75 ? 60   HIS A CD2 1 
ATOM   470 C  CE1 . HIS A 1 60 ? -4.943  2.888   -8.374  1.00 15.40 ? 60   HIS A CE1 1 
ATOM   471 N  NE2 . HIS A 1 60 ? -4.104  2.391   -9.263  1.00 14.92 ? 60   HIS A NE2 1 
ATOM   472 N  N   . PRO A 1 61 ? -2.886  6.084   -5.055  1.00 15.95 ? 61   PRO A N   1 
ATOM   473 C  CA  . PRO A 1 61 ? -3.868  5.957   -3.995  1.00 16.25 ? 61   PRO A CA  1 
ATOM   474 C  C   . PRO A 1 61 ? -5.162  5.312   -4.487  1.00 15.69 ? 61   PRO A C   1 
ATOM   475 O  O   . PRO A 1 61 ? -5.498  5.395   -5.688  1.00 16.76 ? 61   PRO A O   1 
ATOM   476 C  CB  . PRO A 1 61 ? -4.137  7.409   -3.580  1.00 18.17 ? 61   PRO A CB  1 
ATOM   477 C  CG  . PRO A 1 61 ? -3.026  8.184   -4.107  1.00 19.47 ? 61   PRO A CG  1 
ATOM   478 C  CD  . PRO A 1 61 ? -2.552  7.486   -5.335  1.00 18.08 ? 61   PRO A CD  1 
ATOM   479 N  N   . ILE A 1 62 ? -5.872  4.673   -3.568  1.00 15.90 ? 62   ILE A N   1 
ATOM   480 C  CA  . ILE A 1 62 ? -7.261  4.293   -3.789  1.00 15.69 ? 62   ILE A CA  1 
ATOM   481 C  C   . ILE A 1 62 ? -8.110  4.963   -2.698  1.00 16.08 ? 62   ILE A C   1 
ATOM   482 O  O   . ILE A 1 62 ? -7.840  4.861   -1.500  1.00 18.43 ? 62   ILE A O   1 
ATOM   483 C  CB  . ILE A 1 62 ? -7.483  2.758   -3.848  1.00 15.83 ? 62   ILE A CB  1 
ATOM   484 C  CG1 . ILE A 1 62 ? -7.030  2.050   -2.566  1.00 15.63 ? 62   ILE A CG1 1 
ATOM   485 C  CG2 . ILE A 1 62 ? -6.779  2.164   -5.074  1.00 17.55 ? 62   ILE A CG2 1 
ATOM   486 C  CD1 . ILE A 1 62 ? -7.402  0.586   -2.553  1.00 18.47 ? 62   ILE A CD1 1 
ATOM   487 N  N   . TYR A 1 63 ? -9.130  5.671   -3.144  1.00 14.40 ? 63   TYR A N   1 
ATOM   488 C  CA  . TYR A 1 63 ? -9.912  6.516   -2.283  1.00 14.84 ? 63   TYR A CA  1 
ATOM   489 C  C   . TYR A 1 63 ? -11.120 5.744   -1.802  1.00 14.76 ? 63   TYR A C   1 
ATOM   490 O  O   . TYR A 1 63 ? -12.185 5.759   -2.425  1.00 17.08 ? 63   TYR A O   1 
ATOM   491 C  CB  . TYR A 1 63 ? -10.297 7.782   -3.026  1.00 15.12 ? 63   TYR A CB  1 
ATOM   492 C  CG  . TYR A 1 63 ? -9.087  8.583   -3.404  1.00 15.27 ? 63   TYR A CG  1 
ATOM   493 C  CD1 . TYR A 1 63 ? -8.324  9.197   -2.432  1.00 17.25 ? 63   TYR A CD1 1 
ATOM   494 C  CD2 . TYR A 1 63 ? -8.684  8.704   -4.726  1.00 15.09 ? 63   TYR A CD2 1 
ATOM   495 C  CE1 . TYR A 1 63 ? -7.200  9.909   -2.754  1.00 18.23 ? 63   TYR A CE1 1 
ATOM   496 C  CE2 . TYR A 1 63 ? -7.557  9.434   -5.064  1.00 17.99 ? 63   TYR A CE2 1 
ATOM   497 C  CZ  . TYR A 1 63 ? -6.819  10.036  -4.069  1.00 17.99 ? 63   TYR A CZ  1 
ATOM   498 O  OH  . TYR A 1 63 ? -5.689  10.771  -4.376  1.00 20.19 ? 63   TYR A OH  1 
ATOM   499 N  N   . ILE A 1 64 ? -10.940 5.079   -0.667  1.00 16.31 ? 64   ILE A N   1 
ATOM   500 C  CA  . ILE A 1 64 ? -11.993 4.259   -0.075  1.00 16.99 ? 64   ILE A CA  1 
ATOM   501 C  C   . ILE A 1 64 ? -12.209 4.629   1.376   1.00 18.79 ? 64   ILE A C   1 
ATOM   502 O  O   . ILE A 1 64 ? -13.151 4.146   2.001   1.00 19.73 ? 64   ILE A O   1 
ATOM   503 C  CB  . ILE A 1 64 ? -11.684 2.744   -0.204  1.00 17.20 ? 64   ILE A CB  1 
ATOM   504 C  CG1 . ILE A 1 64 ? -10.388 2.358   0.532   1.00 17.39 ? 64   ILE A CG1 1 
ATOM   505 C  CG2 . ILE A 1 64 ? -11.619 2.348   -1.677  1.00 18.92 ? 64   ILE A CG2 1 
ATOM   506 C  CD1 . ILE A 1 64 ? -10.069 0.866   0.499   1.00 20.60 ? 64   ILE A CD1 1 
ATOM   507 O  OXT . ILE A 1 64 ? -11.460 5.426   1.953   1.00 19.63 ? 64   ILE A OXT 1 
HETATM 508 C  C1  . GLC B 2 .  ? -9.272  12.050  2.239   1.00 25.68 ? 1    GLC B C1  1 
HETATM 509 C  C2  . GLC B 2 .  ? -9.463  13.140  1.199   1.00 26.86 ? 1    GLC B C2  1 
HETATM 510 C  C3  . GLC B 2 .  ? -8.433  12.998  0.082   1.00 25.98 ? 1    GLC B C3  1 
HETATM 511 C  C4  . GLC B 2 .  ? -7.026  12.966  0.665   1.00 23.93 ? 1    GLC B C4  1 
HETATM 512 C  C5  . GLC B 2 .  ? -6.911  11.877  1.725   1.00 23.11 ? 1    GLC B C5  1 
HETATM 513 C  C6  . GLC B 2 .  ? -5.563  11.900  2.451   1.00 21.80 ? 1    GLC B C6  1 
HETATM 514 O  O2  . GLC B 2 .  ? -10.789 13.089  0.693   1.00 29.96 ? 1    GLC B O2  1 
HETATM 515 O  O3  . GLC B 2 .  ? -8.559  14.064  -0.829  1.00 28.89 ? 1    GLC B O3  1 
HETATM 516 O  O4  . GLC B 2 .  ? -6.058  12.723  -0.336  1.00 25.81 ? 1    GLC B O4  1 
HETATM 517 O  O5  . GLC B 2 .  ? -7.926  12.035  2.687   1.00 23.85 ? 1    GLC B O5  1 
HETATM 518 O  O6  . GLC B 2 .  ? -5.362  13.116  3.157   1.00 19.88 ? 1    GLC B O6  1 
HETATM 519 C  C1  . FRU B 2 .  ? -11.342 10.168  3.267   1.00 29.96 ? 2    FRU B C1  1 
HETATM 520 C  C2  . FRU B 2 .  ? -10.084 9.767   2.521   1.00 25.51 ? 2    FRU B C2  1 
HETATM 521 C  C3  . FRU B 2 .  ? -10.305 8.506   1.685   1.00 23.09 ? 2    FRU B C3  1 
HETATM 522 C  C4  . FRU B 2 .  ? -8.916  7.907   1.698   1.00 21.82 ? 2    FRU B C4  1 
HETATM 523 C  C5  . FRU B 2 .  ? -8.435  8.238   3.105   1.00 24.41 ? 2    FRU B C5  1 
HETATM 524 C  C6  . FRU B 2 .  ? -6.925  8.396   3.165   1.00 24.13 ? 2    FRU B C6  1 
HETATM 525 O  O1  . FRU B 2 .  ? -11.805 9.115   4.089   1.00 34.50 ? 2    FRU B O1  1 
HETATM 526 O  O2  . FRU B 2 .  ? -9.630  10.807  1.656   1.00 23.82 ? 2    FRU B O2  1 
HETATM 527 O  O3  . FRU B 2 .  ? -10.793 8.787   0.396   1.00 24.54 ? 2    FRU B O3  1 
HETATM 528 O  O4  . FRU B 2 .  ? -8.918  6.526   1.399   1.00 24.60 ? 2    FRU B O4  1 
HETATM 529 O  O5  . FRU B 2 .  ? -9.073  9.448   3.464   1.00 27.14 ? 2    FRU B O5  1 
HETATM 530 O  O6  . FRU B 2 .  ? -6.510  8.694   4.489   1.00 26.51 ? 2    FRU B O6  1 
HETATM 531 ZN ZN  . ZN  C 3 .  ? 1.307   -0.792  6.171   1.00 23.32 ? 1065 ZN  A ZN  1 
HETATM 532 ZN ZN  . ZN  D 3 .  ? 1.893   -7.032  -7.120  1.00 17.46 ? 1066 ZN  A ZN  1 
HETATM 533 S  S   . SO4 E 4 .  ? 9.217   5.492   -7.935  1.00 45.57 ? 1068 SO4 A S   1 
HETATM 534 O  O1  . SO4 E 4 .  ? 9.305   6.847   -7.383  1.00 47.80 ? 1068 SO4 A O1  1 
HETATM 535 O  O2  . SO4 E 4 .  ? 9.876   5.462   -9.247  1.00 41.86 ? 1068 SO4 A O2  1 
HETATM 536 O  O3  . SO4 E 4 .  ? 9.860   4.541   -7.023  1.00 45.21 ? 1068 SO4 A O3  1 
HETATM 537 O  O4  . SO4 E 4 .  ? 7.816   5.112   -8.085  1.00 37.16 ? 1068 SO4 A O4  1 
HETATM 538 S  S   . SO4 F 4 .  ? 15.207  -4.045  -10.696 1.00 50.96 ? 1069 SO4 A S   1 
HETATM 539 O  O1  . SO4 F 4 .  ? 15.308  -2.972  -9.703  1.00 39.00 ? 1069 SO4 A O1  1 
HETATM 540 O  O2  . SO4 F 4 .  ? 14.877  -3.489  -12.011 1.00 50.32 ? 1069 SO4 A O2  1 
HETATM 541 O  O3  . SO4 F 4 .  ? 16.484  -4.743  -10.796 1.00 57.45 ? 1069 SO4 A O3  1 
HETATM 542 O  O4  . SO4 F 4 .  ? 14.162  -4.985  -10.284 1.00 50.83 ? 1069 SO4 A O4  1 
HETATM 543 O  O   . HOH G 5 .  ? -14.140 7.291   6.120   1.00 33.62 ? 2001 HOH A O   1 
HETATM 544 O  O   . HOH G 5 .  ? 6.413   -7.782  4.899   1.00 40.27 ? 2002 HOH A O   1 
HETATM 545 O  O   . HOH G 5 .  ? 3.749   -9.305  6.063   1.00 32.23 ? 2003 HOH A O   1 
HETATM 546 O  O   . HOH G 5 .  ? 5.780   -7.217  7.772   1.00 30.02 ? 2004 HOH A O   1 
HETATM 547 O  O   . HOH G 5 .  ? -5.408  -4.921  12.561  1.00 32.91 ? 2005 HOH A O   1 
HETATM 548 O  O   . HOH G 5 .  ? 1.985   0.745   11.531  1.00 37.01 ? 2006 HOH A O   1 
HETATM 549 O  O   . HOH G 5 .  ? -9.870  -2.452  8.463   1.00 27.13 ? 2007 HOH A O   1 
HETATM 550 O  O   . HOH G 5 .  ? -10.470 -0.412  10.341  1.00 28.78 ? 2008 HOH A O   1 
HETATM 551 O  O   . HOH G 5 .  ? -9.192  -1.193  12.367  1.00 37.13 ? 2009 HOH A O   1 
HETATM 552 O  O   . HOH G 5 .  ? 6.972   -1.368  6.609   1.00 32.39 ? 2010 HOH A O   1 
HETATM 553 O  O   . HOH G 5 .  ? -6.244  11.559  12.715  1.00 31.24 ? 2011 HOH A O   1 
HETATM 554 O  O   . HOH G 5 .  ? 1.824   -14.058 -6.616  0.33 29.68 ? 2012 HOH A O   1 
HETATM 555 O  O   . HOH G 5 .  ? 1.411   -1.884  -14.834 1.00 33.35 ? 2013 HOH A O   1 
HETATM 556 O  O   . HOH G 5 .  ? -4.157  -5.321  -11.280 1.00 25.89 ? 2014 HOH A O   1 
HETATM 557 O  O   . HOH G 5 .  ? -2.754  -2.514  -14.519 1.00 31.66 ? 2015 HOH A O   1 
HETATM 558 O  O   . HOH G 5 .  ? -0.384  4.164   -11.297 1.00 24.92 ? 2016 HOH A O   1 
HETATM 559 O  O   . HOH G 5 .  ? 1.093   1.543   -16.725 1.00 39.17 ? 2017 HOH A O   1 
HETATM 560 O  O   . HOH G 5 .  ? -1.689  -9.156  -10.267 1.00 24.80 ? 2018 HOH A O   1 
HETATM 561 O  O   . HOH G 5 .  ? -2.440  -11.343 -7.688  1.00 30.16 ? 2019 HOH A O   1 
HETATM 562 O  O   . HOH G 5 .  ? -3.726  -6.244  0.497   1.00 21.97 ? 2020 HOH A O   1 
HETATM 563 O  O   . HOH G 5 .  ? 2.281   8.264   3.621   1.00 28.67 ? 2021 HOH A O   1 
HETATM 564 O  O   . HOH G 5 .  ? 4.391   1.793   8.057   1.00 33.84 ? 2022 HOH A O   1 
HETATM 565 O  O   . HOH G 5 .  ? 7.712   -1.838  3.900   1.00 26.06 ? 2023 HOH A O   1 
HETATM 566 O  O   . HOH G 5 .  ? 10.127  5.510   -1.573  1.00 36.42 ? 2024 HOH A O   1 
HETATM 567 O  O   . HOH G 5 .  ? 7.410   0.991   7.310   1.00 37.94 ? 2025 HOH A O   1 
HETATM 568 O  O   . HOH G 5 .  ? 9.137   -2.423  -3.189  1.00 24.55 ? 2026 HOH A O   1 
HETATM 569 O  O   . HOH G 5 .  ? 16.153  1.605   -8.409  1.00 38.15 ? 2027 HOH A O   1 
HETATM 570 O  O   . HOH G 5 .  ? 12.870  -7.202  -4.868  1.00 40.12 ? 2028 HOH A O   1 
HETATM 571 O  O   . HOH G 5 .  ? 9.537   -7.152  -3.476  1.00 34.07 ? 2029 HOH A O   1 
HETATM 572 O  O   . HOH G 5 .  ? 5.625   -8.276  1.779   1.00 29.24 ? 2030 HOH A O   1 
HETATM 573 O  O   . HOH G 5 .  ? 6.047   -11.165 0.581   1.00 34.12 ? 2031 HOH A O   1 
HETATM 574 O  O   . HOH G 5 .  ? 3.033   -8.307  0.829   1.00 26.73 ? 2032 HOH A O   1 
HETATM 575 O  O   . HOH G 5 .  ? -0.863  -7.218  -1.122  1.00 26.85 ? 2033 HOH A O   1 
HETATM 576 O  O   . HOH G 5 .  ? 4.764   -12.744 -1.642  1.00 25.59 ? 2034 HOH A O   1 
HETATM 577 O  O   . HOH G 5 .  ? 1.797   -13.661 -3.925  1.00 27.97 ? 2035 HOH A O   1 
HETATM 578 O  O   . HOH G 5 .  ? 4.288   -13.675 -7.963  0.33 16.23 ? 2036 HOH A O   1 
HETATM 579 O  O   . HOH G 5 .  ? 13.292  -13.150 -2.682  1.00 32.58 ? 2037 HOH A O   1 
HETATM 580 O  O   . HOH G 5 .  ? 1.368   -4.109  -13.306 1.00 33.39 ? 2038 HOH A O   1 
HETATM 581 O  O   . HOH G 5 .  ? 3.107   -3.377  -11.288 1.00 30.82 ? 2039 HOH A O   1 
HETATM 582 O  O   . HOH G 5 .  ? 1.687   6.776   -12.583 1.00 36.98 ? 2040 HOH A O   1 
HETATM 583 O  O   . HOH G 5 .  ? 4.199   -2.288  -16.745 1.00 38.68 ? 2041 HOH A O   1 
HETATM 584 O  O   . HOH G 5 .  ? 10.175  -1.860  -16.428 1.00 39.88 ? 2042 HOH A O   1 
HETATM 585 O  O   . HOH G 5 .  ? 0.571   7.341   -9.388  1.00 31.66 ? 2043 HOH A O   1 
HETATM 586 O  O   . HOH G 5 .  ? -13.409 5.363   -4.773  1.00 16.96 ? 2044 HOH A O   1 
HETATM 587 O  O   . HOH G 5 .  ? -6.558  13.139  -3.300  1.00 29.90 ? 2045 HOH A O   1 
HETATM 588 O  O   . HOH G 5 .  ? -5.187  10.907  -7.064  1.00 31.76 ? 2046 HOH A O   1 
HETATM 589 O  O   . HOH G 5 .  ? -3.406  14.850  1.940   1.00 24.33 ? 2047 HOH A O   1 
HETATM 590 O  O   . HOH G 5 .  ? -2.935  12.220  4.182   1.00 23.64 ? 2048 HOH A O   1 
HETATM 591 O  O   . HOH G 5 .  ? -6.383  6.272   0.389   1.00 20.51 ? 2049 HOH A O   1 
HETATM 592 O  O   . HOH G 5 .  ? -11.157 11.155  -1.415  1.00 27.17 ? 2050 HOH A O   1 
HETATM 593 O  O   . HOH G 5 .  ? -11.370 14.969  -2.448  1.00 36.68 ? 2051 HOH A O   1 
HETATM 594 O  O   . HOH G 5 .  ? -9.654  12.447  -3.498  1.00 29.61 ? 2052 HOH A O   1 
HETATM 595 O  O   . HOH G 5 .  ? -11.650 7.810   6.172   1.00 33.61 ? 2053 HOH A O   1 
HETATM 596 O  O   . HOH G 5 .  ? 10.982  8.971   -7.077  1.00 52.21 ? 2054 HOH A O   1 
# 
loop_
_atom_site_anisotrop.id 
_atom_site_anisotrop.type_symbol 
_atom_site_anisotrop.pdbx_label_atom_id 
_atom_site_anisotrop.pdbx_label_alt_id 
_atom_site_anisotrop.pdbx_label_comp_id 
_atom_site_anisotrop.pdbx_label_asym_id 
_atom_site_anisotrop.pdbx_label_seq_id 
_atom_site_anisotrop.pdbx_PDB_ins_code 
_atom_site_anisotrop.U[1][1] 
_atom_site_anisotrop.U[2][2] 
_atom_site_anisotrop.U[3][3] 
_atom_site_anisotrop.U[1][2] 
_atom_site_anisotrop.U[1][3] 
_atom_site_anisotrop.U[2][3] 
_atom_site_anisotrop.pdbx_auth_seq_id 
_atom_site_anisotrop.pdbx_auth_comp_id 
_atom_site_anisotrop.pdbx_auth_asym_id 
_atom_site_anisotrop.pdbx_auth_atom_id 
1   N  N   . GLY A 1  ? 0.2246 0.2481 0.3750 0.0683  -0.0047 0.0428  1    GLY A N   
2   C  CA  . GLY A 1  ? 0.2472 0.2627 0.3778 0.0658  -0.0013 0.0535  1    GLY A CA  
3   C  C   . GLY A 1  ? 0.2237 0.2551 0.3859 0.0300  -0.0052 0.0619  1    GLY A C   
4   O  O   . GLY A 1  ? 0.2605 0.2910 0.4048 0.0253  -0.0366 0.0673  1    GLY A O   
5   N  N   . ALA A 2  ? 0.2437 0.2652 0.3844 0.0598  -0.0126 0.0235  2    ALA A N   
6   C  CA  . ALA A 2  ? 0.2806 0.2529 0.3824 0.0297  -0.0234 0.0313  2    ALA A CA  
7   C  C   . ALA A 2  ? 0.3001 0.2663 0.3665 0.0336  -0.0146 0.0363  2    ALA A C   
8   O  O   . ALA A 2  ? 0.2965 0.2972 0.3354 0.0245  0.0120  0.0338  2    ALA A O   
9   C  CB  . ALA A 2  ? 0.2686 0.2414 0.3518 0.0154  -0.0469 0.0064  2    ALA A CB  
10  N  N   . MET A 3  ? 0.2718 0.2664 0.3767 0.0648  -0.0018 0.0210  3    MET A N   
11  C  CA  A MET A 3  ? 0.2806 0.2766 0.3815 0.0733  0.0121  0.0333  3    MET A CA  
12  C  CA  B MET A 3  ? 0.2754 0.2764 0.3933 0.0785  0.0076  0.0297  3    MET A CA  
13  C  C   . MET A 3  ? 0.2934 0.2459 0.3880 0.0675  0.0098  0.0268  3    MET A C   
14  O  O   . MET A 3  ? 0.2966 0.3068 0.3988 0.0556  0.0005  -0.0053 3    MET A O   
15  C  CB  A MET A 3  ? 0.3005 0.3021 0.4246 0.0730  0.0328  0.0607  3    MET A CB  
16  C  CB  B MET A 3  ? 0.3186 0.3116 0.4450 0.0687  0.0352  0.0640  3    MET A CB  
17  C  CG  A MET A 3  ? 0.3014 0.2916 0.4694 0.0878  0.0475  0.0882  3    MET A CG  
18  C  CG  B MET A 3  ? 0.3621 0.3395 0.4558 0.0943  0.0377  0.0831  3    MET A CG  
19  S  SD  A MET A 3  ? 0.3018 0.3448 0.5631 0.1174  0.1010  0.1410  3    MET A SD  
20  S  SD  B MET A 3  ? 0.4468 0.4713 0.4471 0.1029  0.0344  0.0350  3    MET A SD  
21  C  CE  A MET A 3  ? 0.3881 0.3608 0.4910 0.1421  0.1221  0.1139  3    MET A CE  
22  C  CE  B MET A 3  ? 0.4961 0.4403 0.5323 0.1455  0.1239  0.0817  3    MET A CE  
23  N  N   . VAL A 4  ? 0.2809 0.2627 0.3343 0.0804  -0.0110 -0.0036 4    VAL A N   
24  C  CA  A VAL A 4  ? 0.2848 0.2383 0.3166 0.0753  -0.0143 0.0004  4    VAL A CA  
25  C  CA  B VAL A 4  ? 0.2860 0.2409 0.3126 0.0760  -0.0143 -0.0002 4    VAL A CA  
26  C  C   . VAL A 4  ? 0.2852 0.2658 0.2799 0.0839  -0.0014 -0.0157 4    VAL A C   
27  O  O   . VAL A 4  ? 0.2893 0.2643 0.3038 0.0901  -0.0014 -0.0274 4    VAL A O   
28  C  CB  A VAL A 4  ? 0.2882 0.2303 0.3039 0.0539  -0.0367 -0.0068 4    VAL A CB  
29  C  CB  B VAL A 4  ? 0.3057 0.2508 0.3035 0.0552  -0.0333 -0.0002 4    VAL A CB  
30  C  CG1 A VAL A 4  ? 0.3246 0.2778 0.3522 0.0442  -0.0759 -0.0226 4    VAL A CG1 
31  C  CG1 B VAL A 4  ? 0.3689 0.2923 0.2724 0.0647  -0.0214 -0.0215 4    VAL A CG1 
32  C  CG2 A VAL A 4  ? 0.3171 0.2334 0.2797 0.0483  -0.0170 -0.0274 4    VAL A CG2 
33  C  CG2 B VAL A 4  ? 0.3402 0.2657 0.3589 0.0314  -0.0846 0.0117  4    VAL A CG2 
34  N  N   . SER A 5  ? 0.2910 0.2649 0.2595 0.0915  -0.0035 -0.0042 5    SER A N   
35  C  CA  . SER A 5  ? 0.2931 0.3020 0.2512 0.0860  -0.0037 0.0013  5    SER A CA  
36  C  C   . SER A 5  ? 0.2893 0.2809 0.2244 0.0885  -0.0153 -0.0198 5    SER A C   
37  O  O   . SER A 5  ? 0.3121 0.3022 0.2360 0.0679  -0.0187 -0.0367 5    SER A O   
38  C  CB  . SER A 5  ? 0.3155 0.3090 0.2805 0.1206  0.0185  0.0203  5    SER A CB  
39  O  OG  . SER A 5  ? 0.3688 0.3896 0.3131 0.1306  0.0654  0.0575  5    SER A OG  
40  N  N   . CYS A 6  ? 0.2728 0.2939 0.1937 0.1080  -0.0279 -0.0157 6    CYS A N   
41  C  CA  . CYS A 6  ? 0.2648 0.2566 0.2120 0.1094  -0.0321 -0.0198 6    CYS A CA  
42  C  C   . CYS A 6  ? 0.2805 0.2561 0.2042 0.1055  -0.0087 0.0063  6    CYS A C   
43  O  O   . CYS A 6  ? 0.3071 0.3057 0.2022 0.1247  -0.0079 0.0054  6    CYS A O   
44  C  CB  . CYS A 6  ? 0.3050 0.2625 0.2042 0.0911  -0.0201 -0.0248 6    CYS A CB  
45  S  SG  . CYS A 6  ? 0.2881 0.2605 0.1988 0.1113  -0.0433 -0.0238 6    CYS A SG  
46  N  N   . PRO A 7  ? 0.2671 0.2388 0.2050 0.1059  0.0034  0.0207  7    PRO A N   
47  C  CA  . PRO A 7  ? 0.2663 0.2394 0.2260 0.1041  0.0162  0.0387  7    PRO A CA  
48  C  C   . PRO A 7  ? 0.2632 0.2746 0.2306 0.1089  0.0167  0.0327  7    PRO A C   
49  O  O   . PRO A 7  ? 0.2818 0.2967 0.2627 0.0998  0.0025  0.0630  7    PRO A O   
50  C  CB  . PRO A 7  ? 0.2920 0.2222 0.2421 0.0970  0.0130  0.0277  7    PRO A CB  
51  C  CG  . PRO A 7  ? 0.3339 0.2149 0.2261 0.0855  0.0323  0.0150  7    PRO A CG  
52  C  CD  . PRO A 7  ? 0.2928 0.2078 0.2051 0.0809  -0.0033 0.0176  7    PRO A CD  
53  N  N   . ILE A 8  ? 0.2682 0.2667 0.2335 0.1107  -0.0016 0.0204  8    ILE A N   
54  C  CA  . ILE A 8  ? 0.2686 0.2773 0.2542 0.1161  -0.0120 0.0277  8    ILE A CA  
55  C  C   . ILE A 8  ? 0.2559 0.3561 0.2517 0.1228  -0.0199 0.0212  8    ILE A C   
56  O  O   . ILE A 8  ? 0.2879 0.3918 0.2595 0.1407  -0.0099 0.0485  8    ILE A O   
57  C  CB  . ILE A 8  ? 0.2745 0.2894 0.2623 0.1051  -0.0080 0.0246  8    ILE A CB  
58  C  CG1 . ILE A 8  ? 0.2860 0.2528 0.2689 0.0939  0.0038  0.0256  8    ILE A CG1 
59  C  CG2 . ILE A 8  ? 0.2534 0.3339 0.2825 0.1151  0.0079  0.0021  8    ILE A CG2 
60  C  CD1 . ILE A 8  ? 0.3081 0.2687 0.2768 0.0577  0.0165  0.0086  8    ILE A CD1 
61  N  N   . CYS A 9  ? 0.3029 0.3562 0.2230 0.1361  -0.0310 0.0145  9    CYS A N   
62  C  CA  . CYS A 9  ? 0.3095 0.3878 0.2255 0.1292  -0.0544 0.0004  9    CYS A CA  
63  C  C   . CYS A 9  ? 0.3229 0.3624 0.2064 0.1550  -0.0405 0.0172  9    CYS A C   
64  O  O   . CYS A 9  ? 0.3532 0.4693 0.2053 0.1705  -0.0352 0.0000  9    CYS A O   
65  C  CB  . CYS A 9  ? 0.3394 0.3850 0.2082 0.1102  -0.0660 -0.0124 9    CYS A CB  
66  S  SG  . CYS A 9  ? 0.3628 0.3744 0.2346 0.1492  -0.0801 -0.0600 9    CYS A SG  
67  N  N   . MET A 10 ? 0.3177 0.3488 0.2043 0.1360  -0.0221 0.0234  10   MET A N   
68  C  CA  . MET A 10 ? 0.3206 0.3602 0.2283 0.1427  0.0004  0.0215  10   MET A CA  
69  C  C   . MET A 10 ? 0.3679 0.3898 0.1825 0.1562  0.0074  0.0201  10   MET A C   
70  O  O   . MET A 10 ? 0.3930 0.4418 0.2471 0.1624  0.0510  0.0365  10   MET A O   
71  C  CB  . MET A 10 ? 0.3596 0.3785 0.2387 0.1393  0.0144  0.0446  10   MET A CB  
72  C  CG  . MET A 10 ? 0.3370 0.3439 0.2609 0.1411  0.0180  0.0605  10   MET A CG  
73  S  SD  . MET A 10 ? 0.3348 0.3821 0.2557 0.1463  0.0403  0.1019  10   MET A SD  
74  C  CE  . MET A 10 ? 0.3324 0.3816 0.2667 0.1442  0.0330  0.0952  10   MET A CE  
75  N  N   . ASP A 11 ? 0.3391 0.3808 0.2362 0.1480  -0.0176 -0.0175 11   ASP A N   
76  C  CA  . ASP A 11 ? 0.3448 0.3914 0.2030 0.1539  -0.0210 -0.0153 11   ASP A CA  
77  C  C   . ASP A 11 ? 0.3386 0.3470 0.1822 0.1452  -0.0099 -0.0168 11   ASP A C   
78  O  O   . ASP A 11 ? 0.3414 0.3672 0.1858 0.1468  -0.0058 -0.0257 11   ASP A O   
79  C  CB  . ASP A 11 ? 0.3632 0.3916 0.2175 0.1419  -0.0422 -0.0514 11   ASP A CB  
80  C  CG  . ASP A 11 ? 0.4172 0.4597 0.2580 0.1361  -0.0884 -0.0569 11   ASP A CG  
81  O  OD1 . ASP A 11 ? 0.4827 0.5193 0.2517 0.2069  -0.0691 -0.0425 11   ASP A OD1 
82  O  OD2 . ASP A 11 ? 0.4505 0.4501 0.3231 0.1114  -0.1156 -0.0997 11   ASP A OD2 
83  N  N   . GLY A 12 ? 0.3518 0.3769 0.2018 0.1727  -0.0012 -0.0144 12   GLY A N   
84  C  CA  . GLY A 12 ? 0.3344 0.3387 0.2082 0.1363  0.0080  -0.0010 12   GLY A CA  
85  C  C   . GLY A 12 ? 0.2974 0.3226 0.2148 0.1201  -0.0034 -0.0185 12   GLY A C   
86  O  O   . GLY A 12 ? 0.3347 0.3480 0.2118 0.1206  -0.0411 -0.0562 12   GLY A O   
87  N  N   . TYR A 13 ? 0.2936 0.2914 0.2334 0.1066  -0.0131 -0.0171 13   TYR A N   
88  C  CA  . TYR A 13 ? 0.2891 0.2743 0.2514 0.0974  -0.0242 -0.0266 13   TYR A CA  
89  C  C   . TYR A 13 ? 0.3152 0.2952 0.2501 0.1105  -0.0344 -0.0387 13   TYR A C   
90  O  O   . TYR A 13 ? 0.3146 0.2935 0.2546 0.1031  -0.0567 -0.0519 13   TYR A O   
91  C  CB  . TYR A 13 ? 0.2746 0.2591 0.2429 0.0873  -0.0096 -0.0164 13   TYR A CB  
92  C  CG  . TYR A 13 ? 0.2628 0.2397 0.2391 0.0734  -0.0257 -0.0329 13   TYR A CG  
93  C  CD1 . TYR A 13 ? 0.2391 0.2162 0.2388 0.0601  -0.0298 -0.0378 13   TYR A CD1 
94  C  CD2 . TYR A 13 ? 0.2808 0.2572 0.2562 0.0891  -0.0065 -0.0248 13   TYR A CD2 
95  C  CE1 . TYR A 13 ? 0.2345 0.2208 0.2333 0.0661  -0.0426 -0.0447 13   TYR A CE1 
96  C  CE2 . TYR A 13 ? 0.2787 0.2448 0.2624 0.0916  -0.0052 -0.0376 13   TYR A CE2 
97  C  CZ  . TYR A 13 ? 0.2326 0.2183 0.2596 0.0617  -0.0242 -0.0407 13   TYR A CZ  
98  O  OH  . TYR A 13 ? 0.2500 0.2301 0.2824 0.0746  -0.0240 -0.0316 13   TYR A OH  
99  N  N   . SER A 14 ? 0.3525 0.3456 0.2685 0.1200  -0.0104 -0.0342 14   SER A N   
100 C  CA  . SER A 14 ? 0.4163 0.3952 0.2744 0.1288  -0.0001 -0.0587 14   SER A CA  
101 C  C   . SER A 14 ? 0.4293 0.3959 0.2406 0.1321  -0.0098 -0.0782 14   SER A C   
102 O  O   . SER A 14 ? 0.4461 0.3954 0.2922 0.1301  -0.0309 -0.0853 14   SER A O   
103 C  CB  . SER A 14 ? 0.4499 0.4481 0.3230 0.1448  0.0508  -0.0373 14   SER A CB  
104 O  OG  . SER A 14 ? 0.4421 0.5446 0.4762 0.1312  0.0470  -0.0050 14   SER A OG  
105 N  N   . GLU A 15 ? 0.4225 0.4040 0.2441 0.1335  -0.0052 -0.0769 15   GLU A N   
106 C  CA  . GLU A 15 ? 0.4408 0.4338 0.2480 0.1360  -0.0326 -0.0910 15   GLU A CA  
107 C  C   . GLU A 15 ? 0.3874 0.3887 0.2388 0.1319  -0.0648 -0.1011 15   GLU A C   
108 O  O   . GLU A 15 ? 0.4404 0.3987 0.2681 0.1137  -0.0891 -0.1151 15   GLU A O   
109 C  CB  . GLU A 15 ? 0.4760 0.4611 0.2390 0.1401  -0.0591 -0.0682 15   GLU A CB  
110 C  CG  . GLU A 15 ? 0.5573 0.5190 0.2707 0.1570  -0.0092 -0.0437 15   GLU A CG  
111 C  CD  . GLU A 15 ? 0.5603 0.5652 0.3151 0.1225  0.0132  -0.0160 15   GLU A CD  
112 O  OE1 . GLU A 15 ? 0.5727 0.5466 0.3368 0.1064  0.0164  -0.0661 15   GLU A OE1 
113 O  OE2 . GLU A 15 ? 0.6632 0.6893 0.3845 0.0996  0.0910  0.0126  15   GLU A OE2 
114 N  N   . ILE A 16 ? 0.3403 0.3389 0.2282 0.1231  -0.0730 -0.0715 16   ILE A N   
115 C  CA  . ILE A 16 ? 0.3310 0.3086 0.2390 0.0919  -0.0736 -0.0921 16   ILE A CA  
116 C  C   . ILE A 16 ? 0.3432 0.3001 0.2433 0.0899  -0.0690 -0.1086 16   ILE A C   
117 O  O   . ILE A 16 ? 0.3342 0.2966 0.2740 0.0982  -0.0583 -0.1206 16   ILE A O   
118 C  CB  . ILE A 16 ? 0.3004 0.2637 0.2319 0.0779  -0.0638 -0.0726 16   ILE A CB  
119 C  CG1 . ILE A 16 ? 0.2971 0.2859 0.2139 0.0967  -0.0592 -0.0577 16   ILE A CG1 
120 C  CG2 . ILE A 16 ? 0.3234 0.2838 0.2454 0.0730  -0.0521 -0.0629 16   ILE A CG2 
121 C  CD1 . ILE A 16 ? 0.3093 0.2595 0.2287 0.1176  -0.0502 -0.0679 16   ILE A CD1 
122 N  N   . VAL A 17 ? 0.3395 0.3028 0.2757 0.0967  -0.0418 -0.1027 17   VAL A N   
123 C  CA  . VAL A 17 ? 0.3622 0.3007 0.3115 0.0907  -0.0676 -0.0940 17   VAL A CA  
124 C  C   . VAL A 17 ? 0.3906 0.3122 0.3350 0.1160  -0.0571 -0.1210 17   VAL A C   
125 O  O   . VAL A 17 ? 0.3876 0.3192 0.3731 0.0932  -0.0973 -0.1129 17   VAL A O   
126 C  CB  . VAL A 17 ? 0.3406 0.2939 0.3402 0.0920  -0.0482 -0.0920 17   VAL A CB  
127 C  CG1 . VAL A 17 ? 0.3562 0.3279 0.3101 0.0765  -0.0729 -0.0804 17   VAL A CG1 
128 C  CG2 . VAL A 17 ? 0.3711 0.3223 0.3712 0.0878  -0.0205 -0.0831 17   VAL A CG2 
129 N  N   . GLN A 18 ? 0.4534 0.3397 0.3274 0.1181  -0.0491 -0.1290 18   GLN A N   
130 C  CA  . GLN A 18 ? 0.5101 0.3939 0.3461 0.1173  -0.0457 -0.1659 18   GLN A CA  
131 C  C   . GLN A 18 ? 0.5196 0.3909 0.3533 0.1112  -0.0749 -0.1830 18   GLN A C   
132 O  O   . GLN A 18 ? 0.5451 0.4346 0.3464 0.1107  -0.0831 -0.2259 18   GLN A O   
133 C  CB  . GLN A 18 ? 0.5731 0.4620 0.3523 0.1264  -0.0341 -0.1373 18   GLN A CB  
134 C  CG  . GLN A 18 ? 0.6552 0.5668 0.3606 0.1468  -0.0434 -0.1741 18   GLN A CG  
135 C  CD  . GLN A 18 ? 0.7748 0.6523 0.3611 0.1727  -0.0260 -0.1381 18   GLN A CD  
136 O  OE1 . GLN A 18 ? 0.8054 0.6330 0.4816 0.1672  -0.0217 -0.0940 18   GLN A OE1 
137 N  NE2 . GLN A 18 ? 0.8781 0.8325 0.3697 0.2102  -0.0117 -0.1708 18   GLN A NE2 
138 N  N   . ASN A 19 ? 0.4971 0.4103 0.3265 0.0989  -0.0725 -0.1803 19   ASN A N   
139 C  CA  . ASN A 19 ? 0.5089 0.4125 0.3651 0.0749  -0.0870 -0.1677 19   ASN A CA  
140 C  C   . ASN A 19 ? 0.4547 0.3764 0.3859 0.0681  -0.1241 -0.1561 19   ASN A C   
141 O  O   . ASN A 19 ? 0.4508 0.3413 0.3755 0.0441  -0.1496 -0.1529 19   ASN A O   
142 C  CB  . ASN A 19 ? 0.4999 0.4529 0.3900 0.1037  -0.1194 -0.1129 19   ASN A CB  
143 C  CG  . ASN A 19 ? 0.5154 0.5671 0.4276 0.0743  -0.1412 -0.1542 19   ASN A CG  
144 O  OD1 . ASN A 19 ? 0.5039 0.5576 0.4952 0.0738  -0.1342 -0.1732 19   ASN A OD1 
145 N  ND2 . ASN A 19 ? 0.6248 0.5742 0.4709 0.0698  -0.1743 -0.1830 19   ASN A ND2 
146 N  N   . GLY A 20 ? 0.4318 0.3155 0.3876 0.0926  -0.0908 -0.1661 20   GLY A N   
147 C  CA  . GLY A 20 ? 0.4108 0.2830 0.4166 0.0775  -0.0989 -0.1562 20   GLY A CA  
148 C  C   . GLY A 20 ? 0.3733 0.2884 0.3922 0.0584  -0.0874 -0.1275 20   GLY A C   
149 O  O   . GLY A 20 ? 0.4182 0.3024 0.4087 0.0378  -0.0968 -0.1058 20   GLY A O   
150 N  N   . ARG A 21 ? 0.3890 0.2869 0.3092 0.0618  -0.0929 -0.1310 21   ARG A N   
151 C  CA  . ARG A 21 ? 0.3292 0.2711 0.3094 0.0546  -0.0785 -0.1082 21   ARG A CA  
152 C  C   . ARG A 21 ? 0.3239 0.2335 0.2947 0.0534  -0.0722 -0.0938 21   ARG A C   
153 O  O   . ARG A 21 ? 0.3323 0.2728 0.2473 0.0542  -0.0694 -0.1006 21   ARG A O   
154 C  CB  . ARG A 21 ? 0.3369 0.2855 0.3038 0.0654  -0.0738 -0.0937 21   ARG A CB  
155 C  CG  . ARG A 21 ? 0.3449 0.3114 0.3605 0.0613  -0.0962 -0.1058 21   ARG A CG  
156 C  CD  . ARG A 21 ? 0.3683 0.3504 0.3482 0.0812  -0.0978 -0.0782 21   ARG A CD  
157 N  NE  . ARG A 21 ? 0.4529 0.3809 0.3329 0.0910  -0.0710 -0.0953 21   ARG A NE  
158 C  CZ  . ARG A 21 ? 0.4219 0.4037 0.3063 0.1092  -0.0879 -0.0697 21   ARG A CZ  
159 N  NH1 . ARG A 21 ? 0.4583 0.3902 0.2984 0.0949  -0.0679 -0.0760 21   ARG A NH1 
160 N  NH2 . ARG A 21 ? 0.4510 0.4354 0.3005 0.1425  -0.0778 -0.0664 21   ARG A NH2 
161 N  N   . LEU A 22 ? 0.3808 0.2658 0.2994 0.0851  -0.0878 -0.1130 22   LEU A N   
162 C  CA  . LEU A 22 ? 0.3467 0.2369 0.2828 0.0717  -0.0629 -0.1030 22   LEU A CA  
163 C  C   . LEU A 22 ? 0.2959 0.2343 0.2776 0.0612  -0.0677 -0.0654 22   LEU A C   
164 O  O   . LEU A 22 ? 0.2938 0.2257 0.2575 0.0476  -0.0894 -0.0684 22   LEU A O   
165 C  CB  . LEU A 22 ? 0.3631 0.2142 0.2959 0.0528  -0.0708 -0.0909 22   LEU A CB  
166 C  CG  . LEU A 22 ? 0.4247 0.2150 0.3616 0.0558  -0.0960 -0.0794 22   LEU A CG  
167 C  CD1 . LEU A 22 ? 0.4541 0.1960 0.3773 0.0176  -0.0908 -0.0773 22   LEU A CD1 
168 C  CD2 . LEU A 22 ? 0.4642 0.2769 0.4550 0.1196  -0.0771 -0.0571 22   LEU A CD2 
169 N  N   . ILE A 23 ? 0.2670 0.2253 0.2189 0.0782  -0.0368 -0.0673 23   ILE A N   
170 C  CA  . ILE A 23 ? 0.2484 0.2179 0.1957 0.0666  -0.0363 -0.0526 23   ILE A CA  
171 C  C   . ILE A 23 ? 0.2398 0.1569 0.2032 0.0387  -0.0354 -0.0355 23   ILE A C   
172 O  O   . ILE A 23 ? 0.2402 0.1695 0.2223 0.0465  -0.0618 -0.0373 23   ILE A O   
173 C  CB  . ILE A 23 ? 0.2412 0.2384 0.2022 0.0697  -0.0136 -0.0526 23   ILE A CB  
174 C  CG1 . ILE A 23 ? 0.2529 0.2937 0.1980 0.0668  -0.0209 -0.0626 23   ILE A CG1 
175 C  CG2 . ILE A 23 ? 0.2227 0.2238 0.2064 0.0523  -0.0028 -0.0285 23   ILE A CG2 
176 C  CD1 . ILE A 23 ? 0.2946 0.3150 0.2012 0.0653  -0.0147 -0.0335 23   ILE A CD1 
177 N  N   . VAL A 24 ? 0.2357 0.1776 0.1780 0.0458  -0.0326 -0.0304 24   VAL A N   
178 C  CA  . VAL A 24 ? 0.2335 0.1424 0.1858 0.0215  -0.0246 -0.0118 24   VAL A CA  
179 C  C   . VAL A 24 ? 0.1862 0.1359 0.1640 0.0311  -0.0257 -0.0009 24   VAL A C   
180 O  O   . VAL A 24 ? 0.2324 0.1422 0.1741 0.0453  -0.0122 0.0080  24   VAL A O   
181 C  CB  . VAL A 24 ? 0.2328 0.1484 0.2066 0.0201  -0.0405 -0.0313 24   VAL A CB  
182 C  CG1 . VAL A 24 ? 0.2719 0.1439 0.2984 0.0059  -0.0273 -0.0450 24   VAL A CG1 
183 C  CG2 . VAL A 24 ? 0.2295 0.1764 0.2390 0.0374  -0.0231 -0.0059 24   VAL A CG2 
184 N  N   . SER A 25 ? 0.2134 0.1357 0.1609 0.0193  0.0081  -0.0022 25   SER A N   
185 C  CA  . SER A 25 ? 0.1820 0.1353 0.1800 0.0124  0.0077  -0.0100 25   SER A CA  
186 C  C   . SER A 25 ? 0.1841 0.1459 0.1705 0.0030  0.0059  -0.0134 25   SER A C   
187 O  O   . SER A 25 ? 0.2037 0.1494 0.1970 -0.0041 0.0047  -0.0040 25   SER A O   
188 C  CB  . SER A 25 ? 0.1740 0.1562 0.1645 0.0274  0.0147  -0.0108 25   SER A CB  
189 O  OG  . SER A 25 ? 0.1869 0.1664 0.2206 0.0123  0.0110  -0.0360 25   SER A OG  
190 N  N   . THR A 26 ? 0.1719 0.1537 0.1779 0.0049  0.0081  -0.0102 26   THR A N   
191 C  CA  . THR A 26 ? 0.1892 0.1589 0.1875 0.0018  0.0212  -0.0153 26   THR A CA  
192 C  C   . THR A 26 ? 0.2113 0.1862 0.1822 0.0210  0.0158  -0.0146 26   THR A C   
193 O  O   . THR A 26 ? 0.2091 0.1734 0.1774 0.0210  0.0079  -0.0196 26   THR A O   
194 C  CB  . THR A 26 ? 0.1721 0.1630 0.1873 -0.0014 0.0216  -0.0208 26   THR A CB  
195 O  OG1 . THR A 26 ? 0.1744 0.1590 0.2226 -0.0033 -0.0040 -0.0339 26   THR A OG1 
196 C  CG2 . THR A 26 ? 0.1717 0.1707 0.2282 -0.0102 -0.0056 -0.0292 26   THR A CG2 
197 N  N   . GLU A 27 ? 0.2437 0.2173 0.1881 0.0042  0.0246  0.0024  27   GLU A N   
198 C  CA  . GLU A 27 ? 0.2858 0.2645 0.1842 0.0221  0.0201  -0.0274 27   GLU A CA  
199 C  C   . GLU A 27 ? 0.2640 0.2693 0.1771 0.0233  0.0070  -0.0354 27   GLU A C   
200 O  O   . GLU A 27 ? 0.2534 0.2715 0.2010 0.0319  -0.0020 -0.0318 27   GLU A O   
201 C  CB  . GLU A 27 ? 0.3323 0.3396 0.2024 -0.0056 0.0267  0.0052  27   GLU A CB  
202 C  CG  . GLU A 27 ? 0.3951 0.3403 0.2386 -0.0030 0.0190  0.0366  27   GLU A CG  
203 C  CD  . GLU A 27 ? 0.4647 0.4095 0.2334 -0.0079 0.0267  0.0655  27   GLU A CD  
204 O  OE1 . GLU A 27 ? 0.4960 0.4894 0.2850 0.0096  0.0742  0.0376  27   GLU A OE1 
205 O  OE2 . GLU A 27 ? 0.4845 0.4118 0.2883 -0.0383 0.0157  0.0881  27   GLU A OE2 
206 N  N   . CYS A 28 ? 0.2147 0.2548 0.2088 0.0115  0.0095  -0.0367 28   CYS A N   
207 C  CA  . CYS A 28 ? 0.2169 0.2471 0.2002 0.0237  -0.0040 -0.0691 28   CYS A CA  
208 C  C   . CYS A 28 ? 0.1981 0.1943 0.2095 0.0337  -0.0192 -0.0429 28   CYS A C   
209 O  O   . CYS A 28 ? 0.2269 0.1902 0.2447 0.0231  -0.0264 -0.0535 28   CYS A O   
210 C  CB  . CYS A 28 ? 0.2255 0.2478 0.2276 0.0366  0.0052  -0.0847 28   CYS A CB  
211 S  SG  . CYS A 28 ? 0.1922 0.2199 0.2635 0.0294  0.0031  -0.0685 28   CYS A SG  
212 N  N   . GLY A 29 ? 0.2065 0.1812 0.1902 0.0097  -0.0003 -0.0434 29   GLY A N   
213 C  CA  . GLY A 29 ? 0.1764 0.1707 0.1959 0.0125  -0.0216 -0.0211 29   GLY A CA  
214 C  C   . GLY A 29 ? 0.1733 0.1243 0.1982 0.0081  -0.0141 -0.0166 29   GLY A C   
215 O  O   . GLY A 29 ? 0.1723 0.1543 0.1987 0.0042  -0.0106 -0.0192 29   GLY A O   
216 N  N   . HIS A 30 ? 0.1679 0.1500 0.1812 0.0127  -0.0047 -0.0161 30   HIS A N   
217 C  CA  . HIS A 30 ? 0.1614 0.1391 0.1839 0.0072  -0.0081 -0.0185 30   HIS A CA  
218 C  C   . HIS A 30 ? 0.1779 0.1367 0.1844 0.0070  -0.0007 -0.0160 30   HIS A C   
219 O  O   . HIS A 30 ? 0.1756 0.1393 0.1992 0.0056  -0.0020 -0.0130 30   HIS A O   
220 C  CB  . HIS A 30 ? 0.1690 0.1462 0.2072 0.0136  -0.0124 -0.0164 30   HIS A CB  
221 C  CG  . HIS A 30 ? 0.1930 0.1420 0.2379 0.0371  -0.0354 -0.0257 30   HIS A CG  
222 N  ND1 . HIS A 30 ? 0.2292 0.1645 0.2508 0.0330  -0.0284 -0.0515 30   HIS A ND1 
223 C  CD2 . HIS A 30 ? 0.1962 0.1480 0.2857 0.0319  -0.0319 -0.0391 30   HIS A CD2 
224 C  CE1 . HIS A 30 ? 0.2446 0.1741 0.2953 0.0218  -0.0175 -0.0702 30   HIS A CE1 
225 N  NE2 . HIS A 30 ? 0.2032 0.1638 0.3537 0.0435  -0.0159 -0.0777 30   HIS A NE2 
226 N  N   . VAL A 31 ? 0.1862 0.1474 0.1742 0.0125  -0.0068 -0.0112 31   VAL A N   
227 C  CA  . VAL A 31 ? 0.1722 0.1464 0.1717 0.0118  -0.0044 -0.0088 31   VAL A CA  
228 C  C   . VAL A 31 ? 0.1816 0.1479 0.1728 0.0348  -0.0067 -0.0086 31   VAL A C   
229 O  O   . VAL A 31 ? 0.2197 0.1651 0.1638 0.0351  -0.0090 0.0007  31   VAL A O   
230 C  CB  . VAL A 31 ? 0.1730 0.1694 0.1824 0.0159  -0.0076 -0.0048 31   VAL A CB  
231 C  CG1 . VAL A 31 ? 0.1920 0.2482 0.2040 0.0375  0.0170  -0.0388 31   VAL A CG1 
232 C  CG2 . VAL A 31 ? 0.1813 0.2156 0.1895 0.0202  -0.0187 0.0018  31   VAL A CG2 
233 N  N   . PHE A 32 ? 0.1881 0.1573 0.1689 0.0237  -0.0175 -0.0104 32   PHE A N   
234 C  CA  . PHE A 32 ? 0.2063 0.1726 0.1597 0.0414  -0.0224 -0.0129 32   PHE A CA  
235 C  C   . PHE A 32 ? 0.2223 0.1806 0.1813 0.0417  -0.0261 -0.0289 32   PHE A C   
236 O  O   . PHE A 32 ? 0.2412 0.1678 0.1973 0.0405  -0.0280 -0.0207 32   PHE A O   
237 C  CB  . PHE A 32 ? 0.1999 0.1805 0.1778 0.0307  -0.0332 -0.0255 32   PHE A CB  
238 C  CG  . PHE A 32 ? 0.1705 0.1734 0.1925 0.0271  -0.0288 -0.0229 32   PHE A CG  
239 C  CD1 . PHE A 32 ? 0.2067 0.1885 0.2001 0.0434  -0.0372 -0.0166 32   PHE A CD1 
240 C  CD2 . PHE A 32 ? 0.1747 0.1638 0.1920 0.0270  -0.0134 -0.0143 32   PHE A CD2 
241 C  CE1 . PHE A 32 ? 0.2374 0.1975 0.2184 0.0702  -0.0110 -0.0091 32   PHE A CE1 
242 C  CE2 . PHE A 32 ? 0.1446 0.1770 0.2016 0.0301  0.0022  -0.0172 32   PHE A CE2 
243 C  CZ  . PHE A 32 ? 0.1748 0.1669 0.2202 0.0299  -0.0048 -0.0198 32   PHE A CZ  
244 N  N   . CYS A 33 ? 0.2499 0.2135 0.1827 0.0482  -0.0344 -0.0343 33   CYS A N   
245 C  CA  . CYS A 33 ? 0.2712 0.2223 0.2084 0.0566  -0.0545 -0.0563 33   CYS A CA  
246 C  C   . CYS A 33 ? 0.2762 0.2092 0.2487 0.0428  -0.0439 -0.0709 33   CYS A C   
247 O  O   . CYS A 33 ? 0.2709 0.2236 0.2482 0.0438  -0.0577 -0.0888 33   CYS A O   
248 C  CB  . CYS A 33 ? 0.3077 0.2764 0.2119 0.0695  -0.0619 -0.0759 33   CYS A CB  
249 S  SG  . CYS A 33 ? 0.3266 0.2988 0.2360 0.0860  -0.0883 -0.1046 33   CYS A SG  
250 N  N   . SER A 34 ? 0.3025 0.2071 0.2548 0.0427  -0.0584 -0.0740 34   SER A N   
251 C  CA  . SER A 34 ? 0.2958 0.2058 0.2866 0.0275  -0.0651 -0.0781 34   SER A CA  
252 C  C   . SER A 34 ? 0.3005 0.2393 0.3458 0.0274  -0.0824 -0.0767 34   SER A C   
253 O  O   . SER A 34 ? 0.3037 0.2392 0.3712 0.0280  -0.0730 -0.0692 34   SER A O   
254 C  CB  . SER A 34 ? 0.3263 0.1949 0.3070 0.0157  -0.0882 -0.0843 34   SER A CB  
255 O  OG  . SER A 34 ? 0.3653 0.2273 0.3208 0.0732  -0.1029 -0.1015 34   SER A OG  
256 N  N   . GLN A 35 ? 0.3266 0.2608 0.2824 0.0366  -0.0147 -0.0727 35   GLN A N   
257 C  CA  . GLN A 35 ? 0.3418 0.2775 0.3180 0.0045  -0.0392 -0.0758 35   GLN A CA  
258 C  C   . GLN A 35 ? 0.3092 0.2918 0.2935 0.0145  -0.0535 -0.0587 35   GLN A C   
259 O  O   . GLN A 35 ? 0.3044 0.3238 0.3175 -0.0030 -0.0573 -0.0893 35   GLN A O   
260 C  CB  . GLN A 35 ? 0.4176 0.3396 0.3195 0.0134  -0.0343 -0.0907 35   GLN A CB  
261 C  CG  . GLN A 35 ? 0.4794 0.4270 0.3613 -0.0179 -0.0893 -0.1093 35   GLN A CG  
262 C  CD  . GLN A 35 ? 0.5399 0.5387 0.3722 -0.0183 -0.0795 -0.1486 35   GLN A CD  
263 O  OE1 . GLN A 35 ? 0.6324 0.6067 0.4282 -0.0029 -0.0340 -0.0758 35   GLN A OE1 
264 N  NE2 . GLN A 35 ? 0.7626 0.5781 0.4885 -0.0757 -0.0686 -0.2196 35   GLN A NE2 
265 N  N   . CYS A 36 ? 0.2809 0.2794 0.2587 0.0360  -0.0480 -0.0508 36   CYS A N   
266 C  CA  . CYS A 36 ? 0.2781 0.2960 0.2694 0.0484  -0.0510 -0.0633 36   CYS A CA  
267 C  C   . CYS A 36 ? 0.2708 0.2618 0.2640 0.0356  -0.0533 -0.0432 36   CYS A C   
268 O  O   . CYS A 36 ? 0.2517 0.3006 0.2634 0.0290  -0.0492 -0.0498 36   CYS A O   
269 C  CB  . CYS A 36 ? 0.3017 0.2738 0.2511 0.0639  -0.0395 -0.0451 36   CYS A CB  
270 S  SG  . CYS A 36 ? 0.3471 0.3362 0.2429 0.1053  -0.0629 -0.0434 36   CYS A SG  
271 N  N   . LEU A 37 ? 0.2429 0.2575 0.2577 0.0410  -0.0338 -0.0457 37   LEU A N   
272 C  CA  . LEU A 37 ? 0.2434 0.2421 0.2567 0.0251  -0.0285 -0.0435 37   LEU A CA  
273 C  C   . LEU A 37 ? 0.2618 0.2668 0.2780 -0.0018 -0.0355 -0.0511 37   LEU A C   
274 O  O   . LEU A 37 ? 0.2435 0.2762 0.2986 0.0062  -0.0429 -0.0441 37   LEU A O   
275 C  CB  . LEU A 37 ? 0.2497 0.2317 0.2409 0.0065  -0.0240 -0.0264 37   LEU A CB  
276 C  CG  . LEU A 37 ? 0.2440 0.2144 0.2464 -0.0136 -0.0173 -0.0367 37   LEU A CG  
277 C  CD1 . LEU A 37 ? 0.2419 0.2302 0.2778 0.0114  -0.0075 -0.0529 37   LEU A CD1 
278 C  CD2 . LEU A 37 ? 0.2197 0.2774 0.2332 0.0214  0.0048  -0.0526 37   LEU A CD2 
279 N  N   . ARG A 38 ? 0.2829 0.2670 0.3246 -0.0048 -0.0237 -0.0582 38   ARG A N   
280 C  CA  . ARG A 38 ? 0.3172 0.2991 0.3528 -0.0402 -0.0206 -0.0570 38   ARG A CA  
281 C  C   . ARG A 38 ? 0.3083 0.3499 0.3637 -0.0481 -0.0346 -0.0726 38   ARG A C   
282 O  O   . ARG A 38 ? 0.3077 0.3767 0.4009 -0.0598 -0.0242 -0.0877 38   ARG A O   
283 C  CB  . ARG A 38 ? 0.3902 0.2875 0.4033 -0.0482 -0.0116 -0.0549 38   ARG A CB  
284 C  CG  . ARG A 38 ? 0.4194 0.3036 0.4254 -0.0145 0.0027  -0.0202 38   ARG A CG  
285 C  CD  . ARG A 38 ? 0.4419 0.3202 0.4351 -0.0383 0.0082  -0.0071 38   ARG A CD  
286 N  NE  . ARG A 38 ? 0.4513 0.3307 0.5055 -0.0512 0.0126  -0.0054 38   ARG A NE  
287 C  CZ  . ARG A 38 ? 0.5506 0.4070 0.5266 -0.1104 0.0433  0.0080  38   ARG A CZ  
288 N  NH1 . ARG A 38 ? 0.5332 0.5123 0.5218 -0.1222 0.0516  -0.0255 38   ARG A NH1 
289 N  NH2 . ARG A 38 ? 0.5752 0.4473 0.6158 -0.1463 0.0509  -0.0026 38   ARG A NH2 
290 N  N   . ASP A 39 ? 0.3154 0.3412 0.3645 -0.0476 -0.0567 -0.0706 39   ASP A N   
291 C  CA  . ASP A 39 ? 0.3161 0.4186 0.3850 -0.0303 -0.0690 -0.0688 39   ASP A CA  
292 C  C   . ASP A 39 ? 0.2647 0.4493 0.3594 -0.0148 -0.0696 -0.0647 39   ASP A C   
293 O  O   . ASP A 39 ? 0.2582 0.5240 0.4276 -0.0287 -0.0708 -0.0704 39   ASP A O   
294 C  CB  . ASP A 39 ? 0.3155 0.5023 0.3690 -0.0033 -0.0675 -0.0739 39   ASP A CB  
295 C  CG  . ASP A 39 ? 0.4206 0.5341 0.3939 -0.0500 -0.0795 -0.1091 39   ASP A CG  
296 O  OD1 . ASP A 39 ? 0.5330 0.5411 0.4728 -0.0904 -0.0490 -0.1200 39   ASP A OD1 
297 O  OD2 . ASP A 39 ? 0.4844 0.6199 0.3662 -0.0400 -0.1049 -0.1142 39   ASP A OD2 
298 N  N   . SER A 40 ? 0.2454 0.4120 0.3444 0.0082  -0.0474 -0.0675 40   SER A N   
299 C  CA  . SER A 40 ? 0.2149 0.3867 0.3592 0.0292  -0.0310 -0.0359 40   SER A CA  
300 C  C   . SER A 40 ? 0.2103 0.4099 0.3599 0.0048  -0.0326 -0.0450 40   SER A C   
301 O  O   . SER A 40 ? 0.2308 0.4627 0.3901 0.0307  -0.0154 -0.0526 40   SER A O   
302 C  CB  . SER A 40 ? 0.2243 0.3274 0.3483 0.0375  -0.0120 -0.0327 40   SER A CB  
303 O  OG  . SER A 40 ? 0.2948 0.3527 0.3841 0.0460  0.0181  -0.0509 40   SER A OG  
304 N  N   . LEU A 41 ? 0.2443 0.3669 0.3614 -0.0188 -0.0144 -0.0535 41   LEU A N   
305 C  CA  . LEU A 41 ? 0.2647 0.3891 0.3792 -0.0519 -0.0054 -0.0489 41   LEU A CA  
306 C  C   . LEU A 41 ? 0.2710 0.4528 0.4226 -0.0741 -0.0034 -0.0498 41   LEU A C   
307 O  O   . LEU A 41 ? 0.2920 0.5143 0.4501 -0.0935 0.0193  -0.0508 41   LEU A O   
308 C  CB  . LEU A 41 ? 0.3074 0.3747 0.3709 -0.0503 -0.0054 -0.0356 41   LEU A CB  
309 C  CG  . LEU A 41 ? 0.3133 0.3403 0.3443 -0.0285 -0.0112 -0.0370 41   LEU A CG  
310 C  CD1 . LEU A 41 ? 0.3212 0.3670 0.3692 -0.0160 -0.0133 -0.0224 41   LEU A CD1 
311 C  CD2 . LEU A 41 ? 0.3238 0.4242 0.3630 -0.0350 0.0140  -0.0604 41   LEU A CD2 
312 N  N   . LYS A 42 ? 0.2521 0.6826 0.5291 -0.0798 -0.0369 -0.0917 42   LYS A N   
313 C  CA  . LYS A 42 ? 0.2596 0.7392 0.5809 -0.0941 -0.0573 -0.0847 42   LYS A CA  
314 C  C   . LYS A 42 ? 0.2595 0.7765 0.5684 -0.0682 -0.0605 -0.0604 42   LYS A C   
315 O  O   . LYS A 42 ? 0.2683 0.8011 0.6211 -0.0759 -0.0397 -0.0793 42   LYS A O   
316 C  CB  . LYS A 42 ? 0.2964 0.7997 0.6061 -0.1132 -0.0770 -0.1278 42   LYS A CB  
317 C  CG  . LYS A 42 ? 0.3282 0.7772 0.6724 -0.1358 -0.0771 -0.1781 42   LYS A CG  
318 C  CD  . LYS A 42 ? 0.3944 0.8774 0.6950 -0.1446 -0.0880 -0.2261 42   LYS A CD  
319 C  CE  . LYS A 42 ? 0.4321 0.8637 0.7650 -0.1614 -0.0808 -0.2919 42   LYS A CE  
320 N  NZ  . LYS A 42 ? 0.5421 0.9884 0.8126 -0.1803 -0.1064 -0.3674 42   LYS A NZ  
321 N  N   . ASN A 43 ? 0.2636 0.7610 0.5098 -0.0449 -0.0543 -0.0640 43   ASN A N   
322 C  CA  . ASN A 43 ? 0.2694 0.7933 0.5168 -0.0185 -0.0637 -0.0445 43   ASN A CA  
323 C  C   . ASN A 43 ? 0.2390 0.7621 0.5028 0.0161  -0.0494 -0.0323 43   ASN A C   
324 O  O   . ASN A 43 ? 0.2023 0.7925 0.5120 0.0022  -0.0185 -0.0066 43   ASN A O   
325 C  CB  . ASN A 43 ? 0.3110 0.8261 0.5070 -0.0172 -0.0968 -0.0320 43   ASN A CB  
326 C  CG  . ASN A 43 ? 0.3920 0.8781 0.5280 -0.0566 -0.1087 -0.0530 43   ASN A CG  
327 O  OD1 . ASN A 43 ? 0.3619 0.9104 0.6129 -0.0642 -0.1116 -0.0865 43   ASN A OD1 
328 N  ND2 . ASN A 43 ? 0.5694 0.9367 0.5207 -0.0768 -0.0593 -0.0674 43   ASN A ND2 
329 N  N   . ALA A 44 ? 0.2276 0.7069 0.4239 0.0191  -0.0177 -0.0174 44   ALA A N   
330 C  CA  . ALA A 44 ? 0.2226 0.6855 0.4096 0.0334  0.0037  -0.0144 44   ALA A CA  
331 C  C   . ALA A 44 ? 0.1888 0.6449 0.3916 0.0076  0.0150  -0.0237 44   ALA A C   
332 O  O   . ALA A 44 ? 0.2407 0.6247 0.3794 0.0265  0.0119  -0.0392 44   ALA A O   
333 C  CB  . ALA A 44 ? 0.2203 0.6837 0.4018 0.0362  -0.0229 -0.0049 44   ALA A CB  
334 N  N   . ASN A 45 ? 0.2042 0.6453 0.3917 0.0191  0.0379  -0.0102 45   ASN A N   
335 C  CA  . ASN A 45 ? 0.2220 0.6427 0.3800 0.0152  0.0416  0.0056  45   ASN A CA  
336 C  C   . ASN A 45 ? 0.2316 0.6056 0.3345 0.0330  0.0304  -0.0015 45   ASN A C   
337 O  O   . ASN A 45 ? 0.2282 0.6227 0.3059 0.0510  0.0508  -0.0108 45   ASN A O   
338 C  CB  . ASN A 45 ? 0.2247 0.7391 0.4093 0.0181  0.0650  0.0257  45   ASN A CB  
339 C  CG  . ASN A 45 ? 0.2658 0.7531 0.4859 -0.0120 0.0809  0.0351  45   ASN A CG  
340 O  OD1 . ASN A 45 ? 0.3015 0.7576 0.5071 -0.0006 0.0393  0.0111  45   ASN A OD1 
341 N  ND2 . ASN A 45 ? 0.2412 0.8083 0.4864 -0.0156 0.0699  0.0635  45   ASN A ND2 
342 N  N   . THR A 46 ? 0.2393 0.6142 0.3175 0.0166  0.0279  -0.0049 46   THR A N   
343 C  CA  . THR A 46 ? 0.2207 0.5699 0.2860 0.0565  0.0145  -0.0179 46   THR A CA  
344 C  C   . THR A 46 ? 0.2149 0.4908 0.2541 0.0413  -0.0041 -0.0249 46   THR A C   
345 O  O   . THR A 46 ? 0.2482 0.5002 0.2609 -0.0277 -0.0019 -0.0275 46   THR A O   
346 C  CB  . THR A 46 ? 0.2263 0.6042 0.3193 0.0951  0.0185  -0.0390 46   THR A CB  
347 O  OG1 . THR A 46 ? 0.3061 0.6043 0.3430 0.1040  -0.0151 -0.0073 46   THR A OG1 
348 C  CG2 . THR A 46 ? 0.3129 0.6749 0.3674 0.0636  0.0857  -0.0691 46   THR A CG2 
349 N  N   . CYS A 47 ? 0.2062 0.4117 0.2285 0.0609  0.0091  -0.0369 47   CYS A N   
350 C  CA  . CYS A 47 ? 0.2234 0.3712 0.1961 0.0418  0.0052  -0.0428 47   CYS A CA  
351 C  C   . CYS A 47 ? 0.1910 0.3726 0.2055 0.0618  -0.0137 -0.0484 47   CYS A C   
352 O  O   . CYS A 47 ? 0.2140 0.3773 0.2520 0.0709  0.0074  -0.0493 47   CYS A O   
353 C  CB  . CYS A 47 ? 0.2107 0.3415 0.2038 0.0804  -0.0188 -0.0346 47   CYS A CB  
354 S  SG  . CYS A 47 ? 0.2173 0.2152 0.2241 0.0485  -0.0126 -0.0355 47   CYS A SG  
355 N  N   . PRO A 48 ? 0.1788 0.3657 0.1986 0.0402  -0.0083 -0.0396 48   PRO A N   
356 C  CA  . PRO A 48 ? 0.1835 0.4045 0.2047 0.0389  -0.0192 -0.0225 48   PRO A CA  
357 C  C   . PRO A 48 ? 0.1961 0.3858 0.2055 0.0537  -0.0106 -0.0126 48   PRO A C   
358 O  O   . PRO A 48 ? 0.2451 0.3910 0.2623 0.0625  -0.0606 -0.0131 48   PRO A O   
359 C  CB  . PRO A 48 ? 0.2147 0.4345 0.1980 0.0080  -0.0122 -0.0423 48   PRO A CB  
360 C  CG  . PRO A 48 ? 0.2053 0.4192 0.2094 0.0065  -0.0034 -0.0638 48   PRO A CG  
361 C  CD  . PRO A 48 ? 0.1740 0.3660 0.2041 0.0195  0.0143  -0.0558 48   PRO A CD  
362 N  N   . THR A 49 ? 0.2104 0.3170 0.2196 0.0657  -0.0239 -0.0304 49   THR A N   
363 C  CA  . THR A 49 ? 0.2377 0.3100 0.2248 0.0618  -0.0509 -0.0066 49   THR A CA  
364 C  C   . THR A 49 ? 0.2761 0.3051 0.2449 0.0851  -0.0745 -0.0212 49   THR A C   
365 O  O   . THR A 49 ? 0.3294 0.3021 0.2718 0.0792  -0.0772 -0.0182 49   THR A O   
366 C  CB  . THR A 49 ? 0.2230 0.3223 0.2407 0.0314  -0.0396 -0.0025 49   THR A CB  
367 O  OG1 . THR A 49 ? 0.2779 0.2810 0.3003 0.0382  0.0085  -0.0191 49   THR A OG1 
368 C  CG2 . THR A 49 ? 0.2466 0.2943 0.3239 0.0436  -0.0306 -0.0201 49   THR A CG2 
369 N  N   . CYS A 50 ? 0.2840 0.2907 0.2473 0.0974  -0.0253 -0.0359 50   CYS A N   
370 C  CA  . CYS A 50 ? 0.3156 0.3211 0.2580 0.1239  -0.0465 -0.0569 50   CYS A CA  
371 C  C   . CYS A 50 ? 0.2909 0.3637 0.2885 0.1536  -0.0460 -0.0575 50   CYS A C   
372 O  O   . CYS A 50 ? 0.3287 0.3850 0.3090 0.1405  -0.0383 -0.0848 50   CYS A O   
373 C  CB  . CYS A 50 ? 0.2961 0.2719 0.2760 0.1162  -0.0453 -0.0527 50   CYS A CB  
374 S  SG  . CYS A 50 ? 0.2453 0.2439 0.2667 0.0711  -0.0483 -0.0780 50   CYS A SG  
375 N  N   . ARG A 51 ? 0.2899 0.7030 0.2731 0.0971  -0.0285 -0.0298 51   ARG A N   
376 C  CA  . ARG A 51 ? 0.2746 0.7752 0.3367 0.0964  -0.0257 -0.0157 51   ARG A CA  
377 C  C   . ARG A 51 ? 0.2425 0.8039 0.3236 0.1144  -0.0025 -0.0293 51   ARG A C   
378 O  O   . ARG A 51 ? 0.2763 0.8515 0.4136 0.1448  0.0486  -0.0115 51   ARG A O   
379 C  CB  . ARG A 51 ? 0.2773 0.8083 0.4019 0.1119  -0.0491 -0.0043 51   ARG A CB  
380 C  CG  . ARG A 51 ? 0.3394 0.8348 0.4200 0.0770  -0.0909 0.0241  51   ARG A CG  
381 C  CD  . ARG A 51 ? 0.3441 0.8660 0.5223 0.0826  -0.1241 0.0561  51   ARG A CD  
382 N  NE  . ARG A 51 ? 0.4334 0.9039 0.5577 0.0348  -0.1941 0.0899  51   ARG A NE  
383 C  CZ  . ARG A 51 ? 0.4595 0.9402 0.6434 0.0108  -0.2407 0.1109  51   ARG A CZ  
384 N  NH1 . ARG A 51 ? 0.4043 0.9507 0.7052 0.0347  -0.2105 0.1056  51   ARG A NH1 
385 N  NH2 . ARG A 51 ? 0.5470 0.9610 0.6720 -0.0408 -0.3075 0.1272  51   ARG A NH2 
386 N  N   . LYS A 52 ? 0.2550 0.7603 0.3039 0.1420  0.0126  -0.0314 52   LYS A N   
387 C  CA  . LYS A 52 ? 0.2646 0.7956 0.2943 0.1490  0.0316  -0.0300 52   LYS A CA  
388 C  C   . LYS A 52 ? 0.2189 0.7791 0.2841 0.1742  0.0089  -0.0102 52   LYS A C   
389 O  O   . LYS A 52 ? 0.2536 0.7624 0.2923 0.1471  0.0327  -0.0179 52   LYS A O   
390 C  CB  . LYS A 52 ? 0.2957 0.8001 0.2807 0.1133  -0.0073 -0.0249 52   LYS A CB  
391 C  CG  . LYS A 52 ? 0.3773 0.8068 0.3074 0.1202  -0.0183 -0.0041 52   LYS A CG  
392 C  CD  . LYS A 52 ? 0.4231 0.8063 0.3457 0.1184  -0.0751 0.0040  52   LYS A CD  
393 C  CE  . LYS A 52 ? 0.5281 0.8323 0.3582 0.0949  -0.0971 0.0249  52   LYS A CE  
394 N  NZ  . LYS A 52 ? 0.6004 0.8317 0.3963 0.0767  -0.1709 0.0542  52   LYS A NZ  
395 N  N   . LYS A 53 ? 0.3039 0.7897 0.2727 0.1625  0.0204  -0.0020 53   LYS A N   
396 C  CA  . LYS A 53 ? 0.3434 0.8044 0.3052 0.1367  0.0513  -0.0168 53   LYS A CA  
397 C  C   . LYS A 53 ? 0.3303 0.7696 0.3306 0.1181  0.0252  -0.0101 53   LYS A C   
398 O  O   . LYS A 53 ? 0.3874 0.7938 0.3351 0.1342  -0.0116 -0.0254 53   LYS A O   
399 C  CB  . LYS A 53 ? 0.4024 0.8509 0.3488 0.1166  0.0897  0.0075  53   LYS A CB  
400 C  CG  . LYS A 53 ? 0.3941 0.8863 0.4547 0.1243  0.1158  -0.0125 53   LYS A CG  
401 C  CD  . LYS A 53 ? 0.4571 0.9425 0.5354 0.0975  0.1761  -0.0058 53   LYS A CD  
402 C  CE  . LYS A 53 ? 0.4974 0.9784 0.6446 0.1169  0.2349  -0.0173 53   LYS A CE  
403 N  NZ  . LYS A 53 ? 0.6227 1.0112 0.7568 0.0836  0.3531  -0.0380 53   LYS A NZ  
404 N  N   . ILE A 54 ? 0.2593 0.7710 0.3215 0.1006  0.0540  -0.0077 54   ILE A N   
405 C  CA  . ILE A 54 ? 0.2693 0.7614 0.3459 0.1015  0.0524  -0.0118 54   ILE A CA  
406 C  C   . ILE A 54 ? 0.2632 0.7734 0.3673 0.0874  0.0678  -0.0052 54   ILE A C   
407 O  O   . ILE A 54 ? 0.2480 0.7400 0.3916 0.0564  0.0855  -0.0007 54   ILE A O   
408 C  CB  . ILE A 54 ? 0.2627 0.7401 0.3652 0.0850  0.0698  -0.0297 54   ILE A CB  
409 C  CG1 . ILE A 54 ? 0.2618 0.7494 0.3394 0.0624  0.0853  -0.0235 54   ILE A CG1 
410 C  CG2 . ILE A 54 ? 0.2530 0.7120 0.3742 0.1132  0.0650  -0.0536 54   ILE A CG2 
411 C  CD1 . ILE A 54 ? 0.2817 0.6994 0.3583 0.0404  0.1076  -0.0337 54   ILE A CD1 
412 N  N   . ASN A 55 ? 0.2704 0.8037 0.3923 0.0885  0.0869  0.0023  55   ASN A N   
413 C  CA  . ASN A 55 ? 0.2850 0.8116 0.4152 0.0739  0.0821  -0.0019 55   ASN A CA  
414 C  C   . ASN A 55 ? 0.3136 0.8262 0.4125 0.0745  0.0978  0.0165  55   ASN A C   
415 O  O   . ASN A 55 ? 0.3435 0.8147 0.3884 0.0776  0.0878  0.0307  55   ASN A O   
416 C  CB  . ASN A 55 ? 0.2832 0.8364 0.4370 0.0624  0.0891  0.0038  55   ASN A CB  
417 C  CG  . ASN A 55 ? 0.2912 0.8527 0.4478 0.0643  0.1138  0.0084  55   ASN A CG  
418 O  OD1 . ASN A 55 ? 0.3386 0.8484 0.4403 0.0721  0.1078  0.0032  55   ASN A OD1 
419 N  ND2 . ASN A 55 ? 0.3087 0.8652 0.5412 0.0808  0.1326  0.0347  55   ASN A ND2 
420 N  N   . HIS A 56 ? 0.3139 0.5975 0.5649 -0.0012 0.1181  0.1020  56   HIS A N   
421 C  CA  . HIS A 56 ? 0.3537 0.6276 0.5716 -0.0025 0.1394  0.1417  56   HIS A CA  
422 C  C   . HIS A 56 ? 0.3468 0.5706 0.5100 0.0085  0.1072  0.1245  56   HIS A C   
423 O  O   . HIS A 56 ? 0.3716 0.5754 0.4689 -0.0015 0.1224  0.1955  56   HIS A O   
424 C  CB  . HIS A 56 ? 0.3982 0.7107 0.5648 0.0349  0.1738  0.1569  56   HIS A CB  
425 C  CG  . HIS A 56 ? 0.4058 0.7801 0.6267 0.0411  0.1939  0.1672  56   HIS A CG  
426 N  ND1 . HIS A 56 ? 0.4021 0.8396 0.7595 0.0207  0.2134  0.2041  56   HIS A ND1 
427 C  CD2 . HIS A 56 ? 0.4091 0.8073 0.6125 0.0654  0.1893  0.1413  56   HIS A CD2 
428 C  CE1 . HIS A 56 ? 0.4172 0.8833 0.7988 0.0341  0.2343  0.1813  56   HIS A CE1 
429 N  NE2 . HIS A 56 ? 0.4120 0.8753 0.7182 0.0549  0.2037  0.1621  56   HIS A NE2 
430 N  N   . LYS A 57 ? 0.2932 0.4518 0.4989 -0.0223 0.0818  0.1258  57   LYS A N   
431 C  CA  . LYS A 57 ? 0.2922 0.4262 0.4655 -0.0227 0.0641  0.0957  57   LYS A CA  
432 C  C   . LYS A 57 ? 0.2730 0.4198 0.3828 0.0031  0.0706  0.0882  57   LYS A C   
433 O  O   . LYS A 57 ? 0.3102 0.3967 0.3939 0.0065  0.0389  0.1138  57   LYS A O   
434 C  CB  . LYS A 57 ? 0.3253 0.4295 0.5436 -0.0232 0.0874  0.1316  57   LYS A CB  
435 C  CG  . LYS A 57 ? 0.3467 0.4347 0.6344 -0.0404 0.0826  0.1118  57   LYS A CG  
436 C  CD  . LYS A 57 ? 0.3515 0.4188 0.6227 -0.0358 0.0549  0.0726  57   LYS A CD  
437 C  CE  . LYS A 57 ? 0.3844 0.4400 0.7388 -0.0492 0.0391  0.0300  57   LYS A CE  
438 N  NZ  . LYS A 57 ? 0.3821 0.5294 0.8269 -0.0675 0.0338  0.0480  57   LYS A NZ  
439 N  N   . ARG A 58 ? 0.2419 0.4285 0.3212 0.0107  0.0660  0.0554  58   ARG A N   
440 C  CA  . ARG A 58 ? 0.2458 0.4173 0.2807 0.0285  0.0548  0.0364  58   ARG A CA  
441 C  C   . ARG A 58 ? 0.2184 0.3111 0.2493 0.0317  0.0243  0.0096  58   ARG A C   
442 O  O   . ARG A 58 ? 0.2624 0.2953 0.2292 0.0433  0.0241  -0.0129 58   ARG A O   
443 C  CB  . ARG A 58 ? 0.2840 0.4728 0.2892 0.0514  0.0549  0.0009  58   ARG A CB  
444 C  CG  . ARG A 58 ? 0.3384 0.5676 0.2999 0.0683  0.0723  0.0281  58   ARG A CG  
445 C  CD  . ARG A 58 ? 0.3672 0.6500 0.3293 0.0852  0.0990  -0.0178 58   ARG A CD  
446 N  NE  . ARG A 58 ? 0.3631 0.6804 0.4012 0.0932  0.0940  0.0066  58   ARG A NE  
447 C  CZ  . ARG A 58 ? 0.3809 0.7490 0.4312 0.1015  0.1256  -0.0220 58   ARG A CZ  
448 N  NH1 . ARG A 58 ? 0.4750 0.8260 0.4441 0.1500  0.0811  -0.0745 58   ARG A NH1 
449 N  NH2 . ARG A 58 ? 0.3845 0.7425 0.4813 0.1138  0.1055  0.0080  58   ARG A NH2 
450 N  N   . TYR A 59 ? 0.2240 0.2696 0.2489 0.0050  0.0275  0.0221  59   TYR A N   
451 C  CA  . TYR A 59 ? 0.2040 0.2162 0.2285 0.0049  0.0085  0.0082  59   TYR A CA  
452 C  C   . TYR A 59 ? 0.2059 0.2012 0.2214 -0.0080 0.0049  0.0203  59   TYR A C   
453 O  O   . TYR A 59 ? 0.2215 0.2169 0.2727 -0.0181 0.0132  0.0401  59   TYR A O   
454 C  CB  . TYR A 59 ? 0.1939 0.2012 0.2294 0.0112  0.0104  -0.0060 59   TYR A CB  
455 C  CG  . TYR A 59 ? 0.1967 0.2078 0.2746 0.0066  -0.0027 0.0142  59   TYR A CG  
456 C  CD1 . TYR A 59 ? 0.2010 0.2492 0.3131 -0.0175 -0.0065 -0.0290 59   TYR A CD1 
457 C  CD2 . TYR A 59 ? 0.2028 0.2541 0.2619 0.0026  0.0084  0.0299  59   TYR A CD2 
458 C  CE1 . TYR A 59 ? 0.2063 0.2198 0.4130 -0.0138 -0.0148 -0.0132 59   TYR A CE1 
459 C  CE2 . TYR A 59 ? 0.2092 0.2918 0.3849 -0.0185 0.0265  0.0050  59   TYR A CE2 
460 C  CZ  . TYR A 59 ? 0.2060 0.3018 0.3973 -0.0342 -0.0031 -0.0089 59   TYR A CZ  
461 O  OH  . TYR A 59 ? 0.2117 0.2942 0.5506 -0.0367 -0.0153 -0.0084 59   TYR A OH  
462 N  N   . HIS A 60 ? 0.1873 0.1730 0.2205 0.0000  -0.0104 0.0182  60   HIS A N   
463 C  CA  . HIS A 60 ? 0.1984 0.1669 0.2285 -0.0032 -0.0193 0.0077  60   HIS A CA  
464 C  C   . HIS A 60 ? 0.2114 0.1485 0.2066 0.0034  -0.0250 -0.0045 60   HIS A C   
465 O  O   . HIS A 60 ? 0.2063 0.1396 0.1981 0.0149  -0.0104 -0.0093 60   HIS A O   
466 C  CB  . HIS A 60 ? 0.2088 0.1766 0.2202 0.0019  -0.0106 0.0236  60   HIS A CB  
467 C  CG  . HIS A 60 ? 0.2185 0.1971 0.1664 -0.0091 -0.0030 0.0115  60   HIS A CG  
468 N  ND1 . HIS A 60 ? 0.1932 0.1778 0.1957 0.0111  -0.0175 -0.0077 60   HIS A ND1 
469 C  CD2 . HIS A 60 ? 0.1862 0.2208 0.1913 0.0049  -0.0062 -0.0090 60   HIS A CD2 
470 C  CE1 . HIS A 60 ? 0.2039 0.1929 0.1881 -0.0030 0.0095  -0.0222 60   HIS A CE1 
471 N  NE2 . HIS A 60 ? 0.1682 0.2133 0.1854 0.0181  -0.0165 -0.0224 60   HIS A NE2 
472 N  N   . PRO A 61 ? 0.2356 0.1413 0.2291 0.0114  -0.0231 -0.0009 61   PRO A N   
473 C  CA  . PRO A 61 ? 0.2411 0.1527 0.2236 0.0242  -0.0215 -0.0109 61   PRO A CA  
474 C  C   . PRO A 61 ? 0.2404 0.1516 0.2043 0.0314  -0.0254 -0.0243 61   PRO A C   
475 O  O   . PRO A 61 ? 0.2320 0.2051 0.1994 0.0565  -0.0146 -0.0259 61   PRO A O   
476 C  CB  . PRO A 61 ? 0.2489 0.1612 0.2802 0.0245  -0.0317 -0.0364 61   PRO A CB  
477 C  CG  . PRO A 61 ? 0.2664 0.1549 0.3182 0.0049  -0.0367 -0.0359 61   PRO A CG  
478 C  CD  . PRO A 61 ? 0.2588 0.1473 0.2808 -0.0091 -0.0340 -0.0012 61   PRO A CD  
479 N  N   . ILE A 62 ? 0.2203 0.1716 0.2120 0.0454  -0.0240 -0.0133 62   ILE A N   
480 C  CA  . ILE A 62 ? 0.2175 0.1875 0.1911 0.0496  -0.0225 -0.0251 62   ILE A CA  
481 C  C   . ILE A 62 ? 0.2251 0.1958 0.1898 0.0544  -0.0220 -0.0237 62   ILE A C   
482 O  O   . ILE A 62 ? 0.2675 0.2421 0.1906 0.0955  -0.0238 -0.0386 62   ILE A O   
483 C  CB  . ILE A 62 ? 0.2123 0.1933 0.1957 0.0385  -0.0055 -0.0271 62   ILE A CB  
484 C  CG1 . ILE A 62 ? 0.1966 0.1826 0.2144 0.0569  0.0028  -0.0166 62   ILE A CG1 
485 C  CG2 . ILE A 62 ? 0.2563 0.2011 0.2093 0.0679  -0.0079 -0.0447 62   ILE A CG2 
486 C  CD1 . ILE A 62 ? 0.2484 0.1988 0.2545 0.0172  -0.0203 -0.0111 62   ILE A CD1 
487 N  N   . TYR A 63 ? 0.1871 0.1795 0.1805 0.0256  -0.0084 -0.0141 63   TYR A N   
488 C  CA  . TYR A 63 ? 0.1951 0.1936 0.1751 0.0388  -0.0122 -0.0124 63   TYR A CA  
489 C  C   . TYR A 63 ? 0.1943 0.1887 0.1776 0.0441  -0.0059 -0.0172 63   TYR A C   
490 O  O   . TYR A 63 ? 0.1882 0.2535 0.2072 0.0303  -0.0095 0.0050  63   TYR A O   
491 C  CB  . TYR A 63 ? 0.1971 0.1815 0.1958 0.0413  -0.0148 -0.0183 63   TYR A CB  
492 C  CG  . TYR A 63 ? 0.2016 0.1745 0.2041 0.0391  -0.0213 -0.0150 63   TYR A CG  
493 C  CD1 . TYR A 63 ? 0.2250 0.1988 0.2313 0.0216  -0.0205 -0.0429 63   TYR A CD1 
494 C  CD2 . TYR A 63 ? 0.2302 0.1308 0.2123 0.0232  -0.0062 -0.0158 63   TYR A CD2 
495 C  CE1 . TYR A 63 ? 0.2629 0.1621 0.2674 0.0002  -0.0209 -0.0415 63   TYR A CE1 
496 C  CE2 . TYR A 63 ? 0.2192 0.2212 0.2431 -0.0017 -0.0172 -0.0019 63   TYR A CE2 
497 C  CZ  . TYR A 63 ? 0.2397 0.1723 0.2716 0.0018  -0.0295 -0.0069 63   TYR A CZ  
498 O  OH  . TYR A 63 ? 0.2625 0.2155 0.2889 -0.0324 -0.0429 0.0067  63   TYR A OH  
499 N  N   . ILE A 64 ? 0.2077 0.2148 0.1971 0.0360  -0.0086 0.0075  64   ILE A N   
500 C  CA  . ILE A 64 ? 0.2076 0.2281 0.2098 0.0422  0.0099  0.0092  64   ILE A CA  
501 C  C   . ILE A 64 ? 0.2377 0.2662 0.2100 0.0549  0.0120  0.0045  64   ILE A C   
502 O  O   . ILE A 64 ? 0.2492 0.2793 0.2210 0.0650  0.0291  0.0186  64   ILE A O   
503 C  CB  . ILE A 64 ? 0.2161 0.2226 0.2147 0.0387  0.0243  0.0248  64   ILE A CB  
504 C  CG1 . ILE A 64 ? 0.2332 0.2019 0.2255 0.0366  0.0053  0.0205  64   ILE A CG1 
505 C  CG2 . ILE A 64 ? 0.2834 0.2115 0.2238 -0.0042 0.0084  0.0033  64   ILE A CG2 
506 C  CD1 . ILE A 64 ? 0.2921 0.2096 0.2809 0.0617  0.0388  0.0496  64   ILE A CD1 
507 O  OXT . ILE A 64 ? 0.2622 0.2635 0.2201 0.0638  -0.0024 -0.0131 64   ILE A OXT 
508 C  C1  . GLC B .  ? 0.2748 0.3334 0.3673 -0.0136 -0.0222 -0.0932 1    GLC B C1  
509 C  C2  . GLC B .  ? 0.2891 0.3187 0.4125 0.0333  -0.0516 -0.0887 1    GLC B C2  
510 C  C3  . GLC B .  ? 0.3078 0.2946 0.3846 -0.0130 -0.0515 -0.0629 1    GLC B C3  
511 C  C4  . GLC B .  ? 0.2999 0.3191 0.2902 -0.0106 -0.0248 -0.0649 1    GLC B C4  
512 C  C5  . GLC B .  ? 0.2790 0.2970 0.3019 -0.0486 -0.0366 -0.0693 1    GLC B C5  
513 C  C6  . GLC B .  ? 0.2577 0.2565 0.3140 -0.0177 -0.0182 -0.0632 1    GLC B C6  
514 O  O2  . GLC B .  ? 0.2951 0.2868 0.5561 0.0568  -0.0825 -0.1287 1    GLC B O2  
515 O  O3  . GLC B .  ? 0.3700 0.3182 0.4095 -0.0492 -0.1241 -0.0458 1    GLC B O3  
516 O  O4  . GLC B .  ? 0.3262 0.3519 0.3025 -0.0182 -0.0025 -0.0840 1    GLC B O4  
517 O  O5  . GLC B .  ? 0.2786 0.3021 0.3251 -0.0268 -0.0237 -0.0722 1    GLC B O5  
518 O  O6  . GLC B .  ? 0.2463 0.2541 0.2548 -0.0240 -0.0354 -0.0390 1    GLC B O6  
519 C  C1  . FRU B .  ? 0.3636 0.4016 0.3728 0.0104  0.0857  -0.1029 2    FRU B C1  
520 C  C2  . FRU B .  ? 0.3024 0.3213 0.3455 0.0174  0.0137  -0.0940 2    FRU B C2  
521 C  C3  . FRU B .  ? 0.2537 0.3228 0.3006 0.0038  0.0195  -0.0726 2    FRU B C3  
522 C  C4  . FRU B .  ? 0.2423 0.3000 0.2865 -0.0091 -0.0096 -0.0554 2    FRU B C4  
523 C  C5  . FRU B .  ? 0.3016 0.3662 0.2594 0.0234  0.0113  -0.0501 2    FRU B C5  
524 C  C6  . FRU B .  ? 0.3182 0.2882 0.3104 -0.0404 -0.0506 -0.0946 2    FRU B C6  
525 O  O1  . FRU B .  ? 0.4051 0.4929 0.4125 -0.0394 0.0719  -0.1055 2    FRU B O1  
526 O  O2  . FRU B .  ? 0.2457 0.3145 0.3446 0.0200  0.0061  -0.0980 2    FRU B O2  
527 O  O3  . FRU B .  ? 0.2421 0.3719 0.3185 0.0020  -0.0056 -0.0825 2    FRU B O3  
528 O  O4  . FRU B .  ? 0.2856 0.2980 0.3508 0.0015  -0.0529 -0.0388 2    FRU B O4  
529 O  O5  . FRU B .  ? 0.3799 0.3369 0.3143 0.0039  -0.0192 -0.0911 2    FRU B O5  
530 O  O6  . FRU B .  ? 0.3400 0.3887 0.2781 0.0184  -0.0363 -0.0700 2    FRU B O6  
531 ZN ZN  . ZN  C .  ? 0.3358 0.3237 0.2263 0.1229  -0.0740 -0.0830 1065 ZN  A ZN  
532 ZN ZN  . ZN  D .  ? 0.2237 0.1969 0.2427 0.0432  -0.0142 -0.0535 1066 ZN  A ZN  
533 S  S   . SO4 E .  ? 0.5475 0.5923 0.5916 0.0004  0.0124  -0.0533 1068 SO4 A S   
534 O  O1  . SO4 E .  ? 0.6073 0.5602 0.6488 -0.0442 0.0300  -0.0481 1068 SO4 A O1  
535 O  O2  . SO4 E .  ? 0.5112 0.5420 0.5374 -0.0631 -0.0178 -0.0034 1068 SO4 A O2  
536 O  O3  . SO4 E .  ? 0.5466 0.6220 0.5490 0.0059  -0.0144 -0.0399 1068 SO4 A O3  
537 O  O4  . SO4 E .  ? 0.5037 0.4444 0.4636 0.0138  0.0104  -0.0057 1068 SO4 A O4  
538 S  S   . SO4 F .  ? 0.5890 0.6174 0.7296 -0.0278 -0.0116 0.0540  1069 SO4 A S   
539 O  O1  . SO4 F .  ? 0.2968 0.5653 0.6195 -0.0179 -0.0546 0.1038  1069 SO4 A O1  
540 O  O2  . SO4 F .  ? 0.6097 0.6471 0.6549 -0.0666 -0.0020 0.0210  1069 SO4 A O2  
541 O  O3  . SO4 F .  ? 0.6566 0.6492 0.8769 0.0412  0.0021  0.0228  1069 SO4 A O3  
542 O  O4  . SO4 F .  ? 0.6908 0.4998 0.7404 -0.0312 0.0132  0.0435  1069 SO4 A O4  
543 O  O   . HOH G .  ? 0.3912 0.4757 0.4105 0.0471  0.0045  -0.0449 2001 HOH A O   
544 O  O   . HOH G .  ? 0.5268 0.4948 0.5082 0.0130  0.0259  0.0057  2002 HOH A O   
545 O  O   . HOH G .  ? 0.3561 0.4090 0.4594 0.0024  -0.0088 0.0264  2003 HOH A O   
546 O  O   . HOH G .  ? 0.3452 0.4374 0.3579 0.0681  -0.0150 0.0120  2004 HOH A O   
547 O  O   . HOH G .  ? 0.4257 0.4332 0.3915 0.0345  0.0162  0.0427  2005 HOH A O   
548 O  O   . HOH G .  ? 0.4606 0.4977 0.4477 0.0389  -0.0213 -0.0317 2006 HOH A O   
549 O  O   . HOH G .  ? 0.3893 0.3299 0.3114 0.0140  0.0070  0.0049  2007 HOH A O   
550 O  O   . HOH G .  ? 0.3726 0.3765 0.3443 0.0308  0.0084  -0.0119 2008 HOH A O   
551 O  O   . HOH G .  ? 0.4677 0.5062 0.4366 0.0240  0.0116  -0.0500 2009 HOH A O   
552 O  O   . HOH G .  ? 0.4126 0.4278 0.3901 0.0140  -0.0296 -0.0281 2010 HOH A O   
553 O  O   . HOH G .  ? 0.3777 0.4130 0.3961 -0.0050 -0.0067 0.0259  2011 HOH A O   
554 O  O   . HOH G .  ? 0.3549 0.3858 0.3867 -0.0046 0.0193  0.0005  2012 HOH A O   
555 O  O   . HOH G .  ? 0.4466 0.4131 0.4075 -0.0203 0.0374  0.0123  2013 HOH A O   
556 O  O   . HOH G .  ? 0.3228 0.3079 0.3530 0.0246  -0.0213 0.0090  2014 HOH A O   
557 O  O   . HOH G .  ? 0.4037 0.4505 0.3487 0.0027  -0.0078 -0.0248 2015 HOH A O   
558 O  O   . HOH G .  ? 0.3057 0.3258 0.3152 0.0059  0.0261  0.0291  2016 HOH A O   
559 O  O   . HOH G .  ? 0.5315 0.4957 0.4609 -0.0046 0.0169  -0.0144 2017 HOH A O   
560 O  O   . HOH G .  ? 0.3063 0.2937 0.3422 0.0417  -0.0213 -0.0803 2018 HOH A O   
561 O  O   . HOH G .  ? 0.4086 0.3284 0.4090 0.0223  -0.0035 -0.0774 2019 HOH A O   
562 O  O   . HOH G .  ? 0.3240 0.2582 0.2524 -0.0038 -0.0038 0.0201  2020 HOH A O   
563 O  O   . HOH G .  ? 0.3749 0.2999 0.4142 -0.0003 -0.0566 -0.0546 2021 HOH A O   
564 O  O   . HOH G .  ? 0.4246 0.4497 0.4114 -0.0088 -0.0398 -0.0203 2022 HOH A O   
565 O  O   . HOH G .  ? 0.3029 0.3459 0.3410 0.0531  -0.0225 0.0175  2023 HOH A O   
566 O  O   . HOH G .  ? 0.4421 0.4549 0.4866 -0.0270 0.0095  0.0089  2024 HOH A O   
567 O  O   . HOH G .  ? 0.4899 0.4807 0.4709 -0.0335 0.0017  -0.0058 2025 HOH A O   
568 O  O   . HOH G .  ? 0.2623 0.3430 0.3272 0.0093  0.0112  -0.0371 2026 HOH A O   
569 O  O   . HOH G .  ? 0.4558 0.4914 0.5024 -0.0136 -0.0163 0.0231  2027 HOH A O   
570 O  O   . HOH G .  ? 0.4737 0.5256 0.5249 0.0002  -0.0100 0.0125  2028 HOH A O   
571 O  O   . HOH G .  ? 0.4172 0.4337 0.4436 0.0411  0.0200  0.0105  2029 HOH A O   
572 O  O   . HOH G .  ? 0.3923 0.3599 0.3589 0.0118  0.0072  0.0246  2030 HOH A O   
573 O  O   . HOH G .  ? 0.4504 0.4230 0.4230 -0.0304 0.0085  -0.0347 2031 HOH A O   
574 O  O   . HOH G .  ? 0.3616 0.2852 0.3687 0.0055  0.0428  0.0393  2032 HOH A O   
575 O  O   . HOH G .  ? 0.3129 0.3924 0.3148 0.0321  -0.0035 0.0542  2033 HOH A O   
576 O  O   . HOH G .  ? 0.3423 0.2872 0.3426 0.0226  -0.0459 -0.0976 2034 HOH A O   
577 O  O   . HOH G .  ? 0.3430 0.3454 0.3741 0.0244  0.0036  -0.0466 2035 HOH A O   
578 O  O   . HOH G .  ? 0.2667 0.1286 0.2215 0.0114  -0.0023 -0.0295 2036 HOH A O   
579 O  O   . HOH G .  ? 0.4283 0.4348 0.3746 -0.0134 0.0400  -0.0120 2037 HOH A O   
580 O  O   . HOH G .  ? 0.4423 0.4292 0.3972 0.0354  0.0108  0.0020  2038 HOH A O   
581 O  O   . HOH G .  ? 0.4140 0.3887 0.3682 -0.0014 0.0346  -0.0201 2039 HOH A O   
582 O  O   . HOH G .  ? 0.4765 0.4380 0.4904 -0.0204 -0.0175 0.0423  2040 HOH A O   
583 O  O   . HOH G .  ? 0.4548 0.4995 0.5150 0.0027  -0.0186 0.0269  2041 HOH A O   
584 O  O   . HOH G .  ? 0.4914 0.5402 0.4835 0.0337  0.0084  -0.0128 2042 HOH A O   
585 O  O   . HOH G .  ? 0.4512 0.3738 0.3778 -0.0241 0.0653  0.0237  2043 HOH A O   
586 O  O   . HOH G .  ? 0.2114 0.2067 0.2259 -0.0056 0.0078  -0.0110 2044 HOH A O   
587 O  O   . HOH G .  ? 0.3703 0.3967 0.3688 0.0348  -0.0345 0.0718  2045 HOH A O   
588 O  O   . HOH G .  ? 0.3664 0.3684 0.4719 0.0091  0.0312  -0.0385 2046 HOH A O   
589 O  O   . HOH G .  ? 0.3049 0.2919 0.3274 0.0235  -0.0121 -0.0019 2047 HOH A O   
590 O  O   . HOH G .  ? 0.2696 0.3233 0.3051 -0.0116 -0.0329 -0.0242 2048 HOH A O   
591 O  O   . HOH G .  ? 0.2511 0.2734 0.2545 0.0556  -0.0088 -0.0298 2049 HOH A O   
592 O  O   . HOH G .  ? 0.3157 0.3062 0.4102 0.0258  -0.0298 -0.0545 2050 HOH A O   
593 O  O   . HOH G .  ? 0.5122 0.4649 0.4166 0.0050  -0.0056 -0.0422 2051 HOH A O   
594 O  O   . HOH G .  ? 0.3741 0.3736 0.3770 0.0277  -0.0191 -0.0109 2052 HOH A O   
595 O  O   . HOH G .  ? 0.4504 0.4083 0.4180 0.0093  0.0589  -0.0431 2053 HOH A O   
596 O  O   . HOH G .  ? 0.6640 0.6667 0.6530 0.0207  -0.0145 -0.0227 2054 HOH A O   
# 
